data_4Q3P
#
_entry.id   4Q3P
#
_cell.length_a   178.384
_cell.length_b   178.384
_cell.length_c   178.384
_cell.angle_alpha   90.00
_cell.angle_beta   90.00
_cell.angle_gamma   90.00
#
_symmetry.space_group_name_H-M   'P 21 3'
#
loop_
_entity.id
_entity.type
_entity.pdbx_description
1 polymer Arginase
2 non-polymer 'MANGANESE (II) ION'
3 non-polymer GLYCEROL
4 water water
#
_entity_poly.entity_id   1
_entity_poly.type   'polypeptide(L)'
_entity_poly.pdbx_seq_one_letter_code
;MGSSHHHHHHSSGLVPRGSHMMLKSVATPYYPIQDEKPKLLYTSANFLGIPTNRGQPKIGTYQGPELIRKSNFFQLVAED
GIQLTDCGDIIPVELNEAEDPQRFGMKWSRSFSLTTLRIAERVEELMKQSNKHTVELSGSKSTPLVIVGGDHSMATGTIL
GHAEAKPDLCVLWIDAHGDINTPLNSASGNMHGMPLSFLVKELQDQIPWLDDFEGIKPCLNASNIAYIGLRDLDAHETHD
IRKHGIAYFTMLDVDRMGIEAVIKEALLAVNPRLEKAIHLSFDIDALDPLVAPSTGTAVPGGLTLREGLRICEEVSATGK
LSVVELAELNPLLGSQEDVLKTQSSAVHILRACLGHCRSGHLPFKVRNLTDQGIMSRAAHMQTKQ
;
_entity_poly.pdbx_strand_id   A,B,C,D
#
loop_
_chem_comp.id
_chem_comp.type
_chem_comp.name
_chem_comp.formula
GOL non-polymer GLYCEROL 'C3 H8 O3'
MN non-polymer 'MANGANESE (II) ION' 'Mn 2'
#
# COMPACT_ATOMS: atom_id res chain seq x y z
N LYS A 39 28.81 2.14 -17.50
CA LYS A 39 28.93 0.92 -18.28
C LYS A 39 29.76 -0.14 -17.53
N LEU A 40 29.84 0.02 -16.22
CA LEU A 40 30.45 -0.99 -15.35
C LEU A 40 29.54 -1.24 -14.15
N LEU A 41 29.24 -2.51 -13.88
CA LEU A 41 28.40 -2.85 -12.74
C LEU A 41 29.17 -2.61 -11.45
N TYR A 42 30.47 -2.81 -11.50
CA TYR A 42 31.32 -2.51 -10.36
C TYR A 42 32.50 -1.66 -10.82
N THR A 43 32.72 -0.53 -10.14
CA THR A 43 33.79 0.42 -10.46
C THR A 43 34.89 0.36 -9.40
N SER A 44 34.50 -0.06 -8.20
CA SER A 44 35.45 -0.32 -7.13
C SER A 44 35.43 -1.78 -6.68
N ALA A 45 36.54 -2.22 -6.08
CA ALA A 45 36.63 -3.57 -5.51
C ALA A 45 37.75 -3.66 -4.48
N ASN A 46 37.57 -4.52 -3.49
CA ASN A 46 38.60 -4.80 -2.50
C ASN A 46 39.27 -6.15 -2.72
N PHE A 47 40.57 -6.20 -2.44
CA PHE A 47 41.34 -7.43 -2.57
C PHE A 47 41.85 -7.83 -1.19
N LEU A 48 41.76 -9.13 -0.89
CA LEU A 48 42.11 -9.63 0.43
C LEU A 48 42.77 -11.00 0.31
N GLY A 49 43.92 -11.15 0.97
CA GLY A 49 44.59 -12.43 1.02
C GLY A 49 44.32 -13.16 2.33
N ILE A 50 44.09 -14.47 2.24
CA ILE A 50 43.95 -15.30 3.43
C ILE A 50 44.77 -16.57 3.24
N PRO A 51 46.03 -16.56 3.70
CA PRO A 51 46.96 -17.67 3.46
C PRO A 51 46.77 -18.85 4.40
N THR A 52 45.54 -19.35 4.51
CA THR A 52 45.26 -20.53 5.33
C THR A 52 45.99 -21.76 4.79
N ASN A 53 46.62 -22.50 5.69
CA ASN A 53 47.34 -23.72 5.31
C ASN A 53 47.20 -24.81 6.38
N ARG A 54 46.32 -24.57 7.35
CA ARG A 54 46.10 -25.53 8.42
C ARG A 54 44.82 -26.32 8.24
N GLY A 55 44.19 -26.16 7.08
CA GLY A 55 42.97 -26.88 6.78
C GLY A 55 43.26 -28.14 5.99
N GLN A 56 44.51 -28.32 5.59
CA GLN A 56 44.95 -29.49 4.83
C GLN A 56 46.46 -29.65 4.95
N PRO A 57 46.96 -30.90 4.82
CA PRO A 57 48.35 -31.20 5.17
C PRO A 57 49.44 -30.74 4.18
N LYS A 58 49.08 -30.43 2.94
CA LYS A 58 50.10 -30.05 1.96
C LYS A 58 50.49 -28.57 2.08
N ILE A 59 51.78 -28.33 2.34
CA ILE A 59 52.28 -26.96 2.48
C ILE A 59 52.27 -26.22 1.14
N GLY A 60 51.89 -24.94 1.17
CA GLY A 60 51.95 -24.13 -0.03
C GLY A 60 50.73 -23.27 -0.34
N THR A 61 49.57 -23.64 0.19
CA THR A 61 48.37 -22.83 -0.03
C THR A 61 48.52 -21.43 0.57
N TYR A 62 49.44 -21.28 1.51
CA TYR A 62 49.73 -19.98 2.12
C TYR A 62 50.39 -19.03 1.12
N GLN A 63 50.91 -19.58 0.02
CA GLN A 63 51.55 -18.78 -1.01
C GLN A 63 50.56 -18.38 -2.11
N GLY A 64 49.32 -18.85 -1.99
CA GLY A 64 48.26 -18.51 -2.93
C GLY A 64 48.07 -17.03 -3.22
N PRO A 65 47.90 -16.20 -2.18
CA PRO A 65 47.73 -14.76 -2.39
C PRO A 65 48.91 -14.12 -3.13
N GLU A 66 50.12 -14.52 -2.78
CA GLU A 66 51.30 -13.98 -3.44
C GLU A 66 51.34 -14.38 -4.91
N LEU A 67 50.85 -15.58 -5.21
CA LEU A 67 50.79 -16.07 -6.59
C LEU A 67 49.98 -15.13 -7.47
N ILE A 68 48.92 -14.57 -6.91
CA ILE A 68 48.04 -13.67 -7.64
C ILE A 68 48.60 -12.24 -7.64
N ARG A 69 49.16 -11.82 -6.52
CA ARG A 69 49.74 -10.49 -6.41
C ARG A 69 50.92 -10.29 -7.35
N LYS A 70 51.65 -11.36 -7.64
CA LYS A 70 52.79 -11.24 -8.54
C LYS A 70 52.43 -11.56 -9.99
N SER A 71 51.13 -11.72 -10.25
CA SER A 71 50.65 -11.85 -11.61
C SER A 71 50.30 -10.46 -12.12
N ASN A 72 49.75 -10.38 -13.32
CA ASN A 72 49.34 -9.09 -13.88
C ASN A 72 47.88 -8.77 -13.56
N PHE A 73 47.33 -9.46 -12.57
CA PHE A 73 45.92 -9.32 -12.20
C PHE A 73 45.51 -7.88 -11.92
N PHE A 74 46.23 -7.20 -11.03
CA PHE A 74 45.92 -5.82 -10.66
C PHE A 74 45.98 -4.87 -11.86
N GLN A 75 46.99 -5.05 -12.70
CA GLN A 75 47.14 -4.23 -13.90
C GLN A 75 45.97 -4.40 -14.85
N LEU A 76 45.60 -5.66 -15.11
CA LEU A 76 44.51 -5.97 -16.01
C LEU A 76 43.18 -5.39 -15.53
N VAL A 77 42.95 -5.46 -14.21
CA VAL A 77 41.75 -4.91 -13.61
C VAL A 77 41.70 -3.39 -13.79
N ALA A 78 42.83 -2.74 -13.55
CA ALA A 78 42.91 -1.29 -13.72
C ALA A 78 42.60 -0.88 -15.16
N GLU A 79 43.13 -1.65 -16.10
CA GLU A 79 42.90 -1.37 -17.52
C GLU A 79 41.44 -1.55 -17.91
N ASP A 80 40.67 -2.23 -17.07
CA ASP A 80 39.23 -2.39 -17.31
C ASP A 80 38.44 -1.24 -16.70
N GLY A 81 39.13 -0.32 -16.04
CA GLY A 81 38.49 0.85 -15.46
C GLY A 81 38.03 0.64 -14.03
N ILE A 82 38.44 -0.47 -13.43
CA ILE A 82 38.05 -0.80 -12.06
C ILE A 82 39.16 -0.43 -11.09
N GLN A 83 38.78 0.25 -10.00
CA GLN A 83 39.72 0.59 -8.95
C GLN A 83 39.79 -0.51 -7.91
N LEU A 84 40.94 -1.19 -7.84
CA LEU A 84 41.13 -2.30 -6.93
C LEU A 84 42.00 -1.87 -5.75
N THR A 85 41.46 -1.94 -4.54
CA THR A 85 42.23 -1.64 -3.35
C THR A 85 42.72 -2.91 -2.65
N ASP A 86 44.03 -3.09 -2.56
CA ASP A 86 44.61 -4.20 -1.83
C ASP A 86 44.49 -3.94 -0.33
N CYS A 87 43.72 -4.77 0.36
CA CYS A 87 43.49 -4.56 1.78
C CYS A 87 44.40 -5.43 2.64
N GLY A 88 45.41 -6.02 1.99
CA GLY A 88 46.40 -6.81 2.71
C GLY A 88 46.00 -8.26 2.94
N ASP A 89 46.61 -8.88 3.94
CA ASP A 89 46.36 -10.27 4.27
C ASP A 89 45.79 -10.41 5.67
N ILE A 90 44.94 -11.40 5.88
CA ILE A 90 44.55 -11.80 7.21
C ILE A 90 45.57 -12.81 7.72
N ILE A 91 46.15 -12.55 8.88
CA ILE A 91 47.09 -13.48 9.50
C ILE A 91 46.33 -14.61 10.18
N PRO A 92 46.50 -15.84 9.68
CA PRO A 92 45.78 -16.96 10.29
C PRO A 92 46.36 -17.27 11.67
N VAL A 93 45.56 -17.82 12.56
CA VAL A 93 46.08 -18.30 13.84
C VAL A 93 46.61 -19.71 13.66
N GLU A 94 47.89 -19.90 13.92
CA GLU A 94 48.51 -21.21 13.79
C GLU A 94 49.14 -21.65 15.11
N LEU A 95 48.41 -22.46 15.87
CA LEU A 95 48.89 -22.95 17.15
C LEU A 95 49.85 -24.12 16.93
N ASN A 96 50.58 -24.50 17.97
CA ASN A 96 51.45 -25.67 17.90
C ASN A 96 50.71 -26.95 18.27
N GLU A 97 51.39 -28.08 18.12
CA GLU A 97 50.80 -29.39 18.39
C GLU A 97 50.20 -29.50 19.79
N ALA A 98 50.93 -28.99 20.78
CA ALA A 98 50.50 -29.09 22.17
C ALA A 98 49.21 -28.34 22.42
N GLU A 99 49.09 -27.16 21.84
CA GLU A 99 47.93 -26.29 22.06
C GLU A 99 46.72 -26.77 21.29
N ASP A 100 46.95 -27.54 20.22
CA ASP A 100 45.88 -27.89 19.30
C ASP A 100 45.90 -29.38 18.94
N PRO A 101 45.57 -30.25 19.91
CA PRO A 101 45.56 -31.68 19.63
C PRO A 101 44.30 -32.07 18.88
N GLN A 102 44.23 -33.31 18.39
CA GLN A 102 43.03 -33.79 17.74
C GLN A 102 41.84 -33.71 18.68
N ARG A 103 40.70 -33.32 18.12
CA ARG A 103 39.45 -33.36 18.85
C ARG A 103 38.38 -33.83 17.88
N PHE A 104 37.74 -34.95 18.21
CA PHE A 104 36.77 -35.59 17.32
C PHE A 104 37.37 -35.87 15.94
N GLY A 105 38.65 -36.24 15.92
CA GLY A 105 39.32 -36.59 14.68
C GLY A 105 39.80 -35.40 13.87
N MET A 106 39.40 -34.20 14.28
CA MET A 106 39.75 -32.99 13.54
C MET A 106 41.21 -32.58 13.76
N LYS A 107 41.87 -32.18 12.69
CA LYS A 107 43.24 -31.68 12.78
C LYS A 107 43.26 -30.16 12.77
N TRP A 108 43.93 -29.58 13.77
CA TRP A 108 44.05 -28.13 13.93
C TRP A 108 42.70 -27.43 14.11
N SER A 109 41.80 -28.06 14.87
CA SER A 109 40.45 -27.52 15.04
C SER A 109 40.40 -26.21 15.84
N ARG A 110 41.35 -26.00 16.75
CA ARG A 110 41.35 -24.75 17.51
C ARG A 110 41.99 -23.62 16.70
N SER A 111 42.99 -23.96 15.91
CA SER A 111 43.55 -23.00 14.95
C SER A 111 42.44 -22.57 14.00
N PHE A 112 41.62 -23.52 13.60
CA PHE A 112 40.50 -23.26 12.71
C PHE A 112 39.49 -22.31 13.32
N SER A 113 39.06 -22.59 14.55
CA SER A 113 38.04 -21.78 15.21
C SER A 113 38.52 -20.36 15.47
N LEU A 114 39.78 -20.23 15.90
CA LEU A 114 40.35 -18.92 16.15
C LEU A 114 40.51 -18.14 14.85
N THR A 115 40.94 -18.84 13.80
CA THR A 115 41.12 -18.21 12.50
C THR A 115 39.79 -17.84 11.87
N THR A 116 38.79 -18.71 12.03
CA THR A 116 37.45 -18.47 11.54
C THR A 116 36.89 -17.14 12.08
N LEU A 117 37.07 -16.94 13.38
CA LEU A 117 36.58 -15.73 14.03
C LEU A 117 37.36 -14.49 13.61
N ARG A 118 38.67 -14.62 13.44
CA ARG A 118 39.49 -13.50 12.99
C ARG A 118 39.11 -13.09 11.56
N ILE A 119 38.99 -14.07 10.67
CA ILE A 119 38.55 -13.83 9.30
C ILE A 119 37.19 -13.14 9.26
N ALA A 120 36.25 -13.69 10.02
CA ALA A 120 34.88 -13.16 10.07
C ALA A 120 34.87 -11.70 10.49
N GLU A 121 35.73 -11.35 11.44
CA GLU A 121 35.78 -10.00 11.96
C GLU A 121 36.25 -9.02 10.88
N ARG A 122 37.26 -9.44 10.12
CA ARG A 122 37.83 -8.60 9.07
C ARG A 122 36.88 -8.44 7.89
N VAL A 123 36.31 -9.56 7.44
CA VAL A 123 35.37 -9.55 6.32
C VAL A 123 34.13 -8.71 6.63
N GLU A 124 33.57 -8.89 7.82
CA GLU A 124 32.44 -8.08 8.26
C GLU A 124 32.77 -6.60 8.25
N GLU A 125 33.97 -6.26 8.70
CA GLU A 125 34.43 -4.88 8.75
C GLU A 125 34.52 -4.28 7.34
N LEU A 126 35.07 -5.06 6.42
CA LEU A 126 35.23 -4.60 5.04
C LEU A 126 33.90 -4.47 4.33
N MET A 127 33.00 -5.42 4.57
CA MET A 127 31.69 -5.41 3.93
C MET A 127 30.82 -4.27 4.42
N LYS A 128 31.02 -3.86 5.67
CA LYS A 128 30.21 -2.79 6.25
C LYS A 128 30.73 -1.40 5.89
N GLN A 129 32.03 -1.31 5.60
CA GLN A 129 32.61 -0.06 5.13
C GLN A 129 32.12 0.26 3.73
N SER A 130 31.69 -0.79 3.01
CA SER A 130 31.20 -0.63 1.66
C SER A 130 29.67 -0.60 1.62
N ASN A 131 29.05 -0.74 2.79
CA ASN A 131 27.60 -0.66 2.91
C ASN A 131 27.13 0.78 2.93
N LYS A 141 26.92 1.88 -6.90
CA LYS A 141 27.33 0.51 -7.20
C LYS A 141 27.97 -0.15 -5.97
N SER A 142 27.78 -1.46 -5.84
CA SER A 142 28.34 -2.19 -4.72
C SER A 142 29.83 -2.47 -4.94
N THR A 143 30.56 -2.67 -3.85
CA THR A 143 31.99 -2.91 -3.91
C THR A 143 32.33 -4.35 -3.56
N PRO A 144 32.53 -5.19 -4.59
CA PRO A 144 32.82 -6.61 -4.39
C PRO A 144 34.11 -6.82 -3.60
N LEU A 145 34.13 -7.84 -2.76
CA LEU A 145 35.34 -8.22 -2.06
C LEU A 145 35.92 -9.44 -2.76
N VAL A 146 37.16 -9.32 -3.20
CA VAL A 146 37.86 -10.45 -3.80
C VAL A 146 38.84 -11.04 -2.80
N ILE A 147 38.65 -12.32 -2.49
CA ILE A 147 39.47 -13.02 -1.52
C ILE A 147 40.27 -14.13 -2.19
N VAL A 148 41.58 -14.14 -1.94
CA VAL A 148 42.44 -15.20 -2.45
C VAL A 148 43.03 -16.02 -1.31
N GLY A 149 42.77 -17.33 -1.33
CA GLY A 149 43.34 -18.25 -0.36
C GLY A 149 44.70 -18.78 -0.80
N GLY A 150 45.24 -19.73 -0.04
CA GLY A 150 44.60 -20.24 1.15
C GLY A 150 43.70 -21.43 0.87
N ASP A 151 43.75 -22.44 1.74
CA ASP A 151 42.88 -23.59 1.59
C ASP A 151 41.44 -23.22 1.93
N HIS A 152 40.51 -24.09 1.57
CA HIS A 152 39.09 -23.75 1.60
C HIS A 152 38.45 -23.64 3.00
N SER A 153 39.23 -23.93 4.04
CA SER A 153 38.70 -23.83 5.40
C SER A 153 38.38 -22.38 5.79
N MET A 154 38.93 -21.44 5.02
CA MET A 154 38.69 -20.02 5.26
C MET A 154 37.24 -19.64 5.05
N ALA A 155 36.51 -20.44 4.26
CA ALA A 155 35.13 -20.14 3.89
C ALA A 155 34.19 -20.04 5.09
N THR A 156 34.48 -20.80 6.15
CA THR A 156 33.65 -20.75 7.34
C THR A 156 33.65 -19.36 7.95
N GLY A 157 34.84 -18.79 8.13
CA GLY A 157 34.96 -17.45 8.67
C GLY A 157 34.56 -16.41 7.64
N THR A 158 34.86 -16.70 6.39
CA THR A 158 34.59 -15.79 5.29
C THR A 158 33.08 -15.60 5.06
N ILE A 159 32.31 -16.67 5.15
CA ILE A 159 30.85 -16.59 4.97
C ILE A 159 30.20 -16.05 6.24
N LEU A 160 30.76 -16.42 7.38
CA LEU A 160 30.28 -15.94 8.68
C LEU A 160 30.32 -14.42 8.76
N GLY A 161 31.45 -13.84 8.35
CA GLY A 161 31.60 -12.40 8.35
C GLY A 161 30.72 -11.73 7.32
N HIS A 162 30.67 -12.32 6.13
CA HIS A 162 29.85 -11.82 5.03
C HIS A 162 28.37 -11.78 5.44
N ALA A 163 27.90 -12.87 6.06
CA ALA A 163 26.52 -12.97 6.48
C ALA A 163 26.18 -11.96 7.57
N GLU A 164 27.16 -11.59 8.38
CA GLU A 164 26.94 -10.60 9.43
C GLU A 164 26.55 -9.26 8.80
N ALA A 165 27.21 -8.93 7.69
CA ALA A 165 26.93 -7.68 6.98
C ALA A 165 25.74 -7.81 6.02
N LYS A 166 25.52 -9.02 5.52
CA LYS A 166 24.42 -9.28 4.58
C LYS A 166 23.78 -10.63 4.88
N PRO A 167 22.87 -10.67 5.87
CA PRO A 167 22.30 -11.91 6.41
C PRO A 167 21.48 -12.75 5.43
N ASP A 168 20.91 -12.14 4.40
CA ASP A 168 20.07 -12.87 3.47
C ASP A 168 20.81 -13.36 2.22
N LEU A 169 22.13 -13.49 2.31
CA LEU A 169 22.92 -13.88 1.15
C LEU A 169 22.65 -15.31 0.69
N CYS A 170 23.11 -15.62 -0.52
CA CYS A 170 23.13 -17.00 -1.00
C CYS A 170 24.57 -17.37 -1.33
N VAL A 171 24.86 -18.66 -1.34
CA VAL A 171 26.20 -19.14 -1.60
C VAL A 171 26.23 -19.98 -2.87
N LEU A 172 27.11 -19.63 -3.80
CA LEU A 172 27.38 -20.48 -4.95
C LEU A 172 28.71 -21.18 -4.77
N TRP A 173 28.66 -22.49 -4.52
CA TRP A 173 29.85 -23.27 -4.20
C TRP A 173 30.36 -23.99 -5.45
N ILE A 174 31.46 -23.51 -5.99
CA ILE A 174 32.04 -24.07 -7.20
C ILE A 174 33.23 -24.92 -6.82
N ASP A 175 33.07 -26.23 -6.91
CA ASP A 175 34.04 -27.15 -6.33
C ASP A 175 33.83 -28.55 -6.89
N ALA A 176 34.90 -29.33 -6.92
CA ALA A 176 34.80 -30.76 -7.24
C ALA A 176 34.29 -31.52 -6.03
N HIS A 177 34.35 -30.87 -4.86
CA HIS A 177 34.01 -31.52 -3.60
C HIS A 177 32.90 -30.78 -2.86
N GLY A 178 32.20 -31.50 -1.98
CA GLY A 178 31.10 -30.92 -1.23
C GLY A 178 31.56 -30.04 -0.09
N ASP A 179 32.74 -30.34 0.46
CA ASP A 179 33.29 -29.59 1.58
C ASP A 179 32.29 -29.46 2.72
N ILE A 180 31.51 -30.51 2.93
CA ILE A 180 30.42 -30.48 3.89
C ILE A 180 30.44 -31.74 4.77
N ASN A 181 31.62 -32.37 4.85
CA ASN A 181 31.86 -33.45 5.79
C ASN A 181 31.64 -32.99 7.23
N THR A 182 30.84 -33.74 7.98
CA THR A 182 30.74 -33.51 9.42
C THR A 182 31.91 -34.22 10.09
N PRO A 183 32.45 -33.64 11.18
CA PRO A 183 33.68 -34.09 11.85
C PRO A 183 33.84 -35.61 12.06
N LEU A 184 32.79 -36.30 12.48
CA LEU A 184 32.90 -37.74 12.72
C LEU A 184 32.84 -38.56 11.43
N ASN A 185 32.45 -37.91 10.33
CA ASN A 185 32.38 -38.58 9.04
C ASN A 185 33.65 -38.39 8.22
N SER A 186 34.40 -37.33 8.52
CA SER A 186 35.64 -37.04 7.81
C SER A 186 36.66 -38.16 7.95
N ALA A 187 37.15 -38.64 6.82
CA ALA A 187 38.16 -39.70 6.80
C ALA A 187 39.52 -39.16 7.24
N SER A 188 39.79 -37.90 6.91
CA SER A 188 41.11 -37.32 7.14
C SER A 188 41.16 -36.41 8.37
N GLY A 189 40.04 -35.74 8.67
CA GLY A 189 40.02 -34.77 9.74
C GLY A 189 40.53 -33.40 9.29
N ASN A 190 40.76 -33.27 7.98
CA ASN A 190 41.19 -32.01 7.39
C ASN A 190 40.05 -30.99 7.38
N MET A 191 40.28 -29.82 7.94
CA MET A 191 39.23 -28.82 8.09
C MET A 191 38.73 -28.28 6.75
N HIS A 192 39.57 -28.31 5.72
CA HIS A 192 39.19 -27.75 4.43
C HIS A 192 38.12 -28.61 3.73
N GLY A 193 37.85 -29.78 4.31
CA GLY A 193 36.79 -30.64 3.81
C GLY A 193 35.50 -30.50 4.61
N MET A 194 35.51 -29.61 5.59
CA MET A 194 34.32 -29.38 6.42
C MET A 194 33.77 -27.94 6.53
N PRO A 195 34.20 -26.99 5.68
CA PRO A 195 33.85 -25.62 6.03
C PRO A 195 32.35 -25.30 6.06
N LEU A 196 31.55 -26.00 5.25
CA LEU A 196 30.12 -25.71 5.16
C LEU A 196 29.30 -26.35 6.29
N SER A 197 29.81 -27.44 6.87
CA SER A 197 29.07 -28.19 7.88
C SER A 197 28.83 -27.36 9.14
N PHE A 198 29.72 -26.41 9.41
CA PHE A 198 29.57 -25.54 10.58
C PHE A 198 28.63 -24.37 10.30
N LEU A 199 28.33 -24.14 9.02
CA LEU A 199 27.52 -22.99 8.62
C LEU A 199 26.07 -23.36 8.35
N VAL A 200 25.82 -24.63 8.06
CA VAL A 200 24.47 -25.07 7.71
C VAL A 200 23.66 -25.46 8.93
N LYS A 201 22.53 -24.77 9.13
CA LYS A 201 21.69 -24.96 10.31
C LYS A 201 21.14 -26.39 10.43
N GLU A 202 20.73 -26.97 9.31
CA GLU A 202 20.12 -28.29 9.32
C GLU A 202 21.08 -29.40 9.72
N LEU A 203 22.37 -29.10 9.76
CA LEU A 203 23.39 -30.13 10.04
C LEU A 203 23.83 -30.14 11.50
N GLN A 204 23.37 -29.17 12.28
CA GLN A 204 23.90 -28.95 13.63
C GLN A 204 23.70 -30.10 14.62
N ASP A 205 22.82 -31.05 14.30
CA ASP A 205 22.67 -32.23 15.14
C ASP A 205 23.75 -33.26 14.81
N GLN A 206 24.58 -32.97 13.82
CA GLN A 206 25.67 -33.86 13.44
C GLN A 206 27.03 -33.24 13.75
N ILE A 207 27.04 -32.02 14.24
CA ILE A 207 28.28 -31.37 14.64
C ILE A 207 28.49 -31.49 16.14
N PRO A 208 29.59 -32.13 16.54
CA PRO A 208 29.92 -32.26 17.97
C PRO A 208 30.21 -30.89 18.59
N TRP A 209 29.63 -30.62 19.75
CA TRP A 209 29.80 -29.33 20.41
C TRP A 209 31.23 -29.09 20.91
N LEU A 210 31.71 -27.86 20.70
CA LEU A 210 33.00 -27.42 21.22
C LEU A 210 32.88 -25.97 21.68
N ASP A 211 33.40 -25.68 22.86
CA ASP A 211 33.30 -24.34 23.45
C ASP A 211 33.88 -23.26 22.54
N ASP A 212 35.03 -23.53 21.96
CA ASP A 212 35.72 -22.54 21.12
C ASP A 212 35.00 -22.32 19.79
N PHE A 213 33.98 -23.14 19.51
CA PHE A 213 33.21 -23.06 18.28
C PHE A 213 31.89 -22.32 18.46
N GLU A 214 31.64 -21.83 19.67
CA GLU A 214 30.36 -21.22 19.99
C GLU A 214 30.10 -19.96 19.17
N GLY A 215 31.13 -19.15 18.99
CA GLY A 215 31.03 -17.93 18.21
C GLY A 215 30.79 -18.20 16.73
N ILE A 216 31.10 -19.42 16.29
CA ILE A 216 30.81 -19.83 14.93
C ILE A 216 29.34 -20.23 14.82
N LYS A 217 28.48 -19.24 14.66
CA LYS A 217 27.05 -19.48 14.56
C LYS A 217 26.65 -19.84 13.13
N PRO A 218 25.94 -20.97 12.99
CA PRO A 218 25.44 -21.44 11.70
C PRO A 218 24.50 -20.41 11.10
N CYS A 219 24.92 -19.81 9.99
CA CYS A 219 24.19 -18.69 9.42
C CYS A 219 23.58 -19.00 8.05
N LEU A 220 23.67 -20.25 7.63
CA LEU A 220 23.16 -20.66 6.33
C LEU A 220 22.04 -21.68 6.45
N ASN A 221 20.99 -21.49 5.65
CA ASN A 221 19.99 -22.52 5.47
C ASN A 221 20.36 -23.34 4.24
N ALA A 222 20.01 -24.63 4.26
CA ALA A 222 20.30 -25.53 3.16
C ALA A 222 19.78 -24.96 1.84
N SER A 223 18.68 -24.23 1.91
CA SER A 223 18.05 -23.66 0.71
C SER A 223 18.81 -22.47 0.12
N ASN A 224 19.85 -22.02 0.82
CA ASN A 224 20.63 -20.87 0.36
C ASN A 224 21.91 -21.23 -0.39
N ILE A 225 22.20 -22.52 -0.50
CA ILE A 225 23.43 -22.98 -1.13
C ILE A 225 23.17 -23.73 -2.43
N ALA A 226 24.00 -23.47 -3.44
CA ALA A 226 23.98 -24.25 -4.68
C ALA A 226 25.40 -24.69 -5.04
N TYR A 227 25.53 -25.94 -5.43
CA TYR A 227 26.81 -26.48 -5.87
C TYR A 227 26.90 -26.51 -7.39
N ILE A 228 28.08 -26.21 -7.91
CA ILE A 228 28.38 -26.46 -9.32
C ILE A 228 29.77 -27.10 -9.46
N GLY A 229 29.83 -28.23 -10.16
CA GLY A 229 31.10 -28.84 -10.51
C GLY A 229 31.47 -30.12 -9.78
N LEU A 230 30.59 -30.55 -8.86
CA LEU A 230 30.85 -31.73 -8.04
C LEU A 230 31.18 -32.96 -8.85
N ARG A 231 32.15 -33.74 -8.38
CA ARG A 231 32.49 -35.01 -9.01
C ARG A 231 33.18 -36.00 -8.07
N ASP A 232 33.33 -35.62 -6.81
CA ASP A 232 33.95 -36.50 -5.83
C ASP A 232 33.33 -36.35 -4.44
N LEU A 233 32.07 -36.73 -4.31
CA LEU A 233 31.36 -36.66 -3.05
C LEU A 233 31.64 -37.88 -2.18
N ASP A 234 31.86 -37.64 -0.89
CA ASP A 234 31.85 -38.73 0.08
C ASP A 234 30.40 -39.15 0.24
N ALA A 235 30.17 -40.42 0.53
CA ALA A 235 28.82 -40.96 0.63
C ALA A 235 27.94 -40.21 1.63
N HIS A 236 28.52 -39.82 2.77
CA HIS A 236 27.78 -39.11 3.80
C HIS A 236 27.40 -37.69 3.36
N GLU A 237 28.28 -37.05 2.59
CA GLU A 237 27.98 -35.76 1.99
C GLU A 237 26.78 -35.88 1.06
N THR A 238 26.77 -36.93 0.25
CA THR A 238 25.68 -37.20 -0.67
C THR A 238 24.37 -37.37 0.10
N HIS A 239 24.46 -38.08 1.22
CA HIS A 239 23.31 -38.29 2.08
C HIS A 239 22.76 -36.95 2.60
N ASP A 240 23.63 -36.11 3.13
CA ASP A 240 23.22 -34.83 3.71
C ASP A 240 22.67 -33.87 2.66
N ILE A 241 23.34 -33.80 1.52
CA ILE A 241 22.92 -32.91 0.44
C ILE A 241 21.52 -33.27 -0.08
N ARG A 242 21.27 -34.56 -0.28
CA ARG A 242 19.96 -35.00 -0.75
C ARG A 242 18.90 -34.89 0.33
N LYS A 243 19.27 -35.18 1.57
CA LYS A 243 18.33 -35.17 2.68
C LYS A 243 17.79 -33.78 2.96
N HIS A 244 18.67 -32.79 2.99
CA HIS A 244 18.29 -31.43 3.35
C HIS A 244 17.99 -30.56 2.14
N GLY A 245 17.97 -31.17 0.96
CA GLY A 245 17.53 -30.51 -0.25
C GLY A 245 18.44 -29.42 -0.78
N ILE A 246 19.74 -29.56 -0.54
CA ILE A 246 20.70 -28.59 -1.06
C ILE A 246 20.79 -28.72 -2.57
N ALA A 247 20.61 -27.61 -3.28
CA ALA A 247 20.71 -27.61 -4.73
C ALA A 247 22.13 -27.94 -5.18
N TYR A 248 22.27 -28.92 -6.06
CA TYR A 248 23.60 -29.28 -6.55
C TYR A 248 23.59 -29.72 -8.01
N PHE A 249 24.63 -29.33 -8.72
CA PHE A 249 24.78 -29.69 -10.12
C PHE A 249 26.19 -30.25 -10.33
N THR A 250 26.26 -31.55 -10.52
CA THR A 250 27.52 -32.26 -10.67
C THR A 250 28.03 -32.13 -12.10
N MET A 251 29.20 -32.72 -12.37
CA MET A 251 29.73 -32.72 -13.73
C MET A 251 28.84 -33.55 -14.66
N LEU A 252 28.13 -34.51 -14.08
CA LEU A 252 27.12 -35.26 -14.83
C LEU A 252 26.07 -34.29 -15.37
N ASP A 253 25.57 -33.44 -14.47
CA ASP A 253 24.57 -32.45 -14.86
C ASP A 253 25.11 -31.49 -15.90
N VAL A 254 26.33 -31.03 -15.70
CA VAL A 254 27.01 -30.14 -16.66
C VAL A 254 27.09 -30.80 -18.03
N ASP A 255 27.37 -32.10 -18.05
CA ASP A 255 27.43 -32.86 -19.30
C ASP A 255 26.07 -32.95 -19.98
N ARG A 256 25.03 -33.26 -19.22
CA ARG A 256 23.70 -33.48 -19.78
C ARG A 256 22.95 -32.18 -20.08
N MET A 257 23.09 -31.19 -19.21
CA MET A 257 22.33 -29.95 -19.31
C MET A 257 23.07 -28.85 -20.07
N GLY A 258 24.39 -28.90 -20.02
CA GLY A 258 25.21 -27.82 -20.52
C GLY A 258 25.38 -26.75 -19.46
N ILE A 259 26.53 -26.08 -19.46
CA ILE A 259 26.85 -25.13 -18.40
C ILE A 259 25.88 -23.95 -18.34
N GLU A 260 25.32 -23.57 -19.48
CA GLU A 260 24.40 -22.43 -19.53
C GLU A 260 23.16 -22.71 -18.69
N ALA A 261 22.57 -23.89 -18.87
CA ALA A 261 21.37 -24.28 -18.14
C ALA A 261 21.67 -24.51 -16.66
N VAL A 262 22.85 -25.06 -16.37
CA VAL A 262 23.25 -25.31 -14.98
C VAL A 262 23.37 -24.01 -14.18
N ILE A 263 24.03 -23.02 -14.77
CA ILE A 263 24.18 -21.71 -14.14
C ILE A 263 22.81 -21.08 -13.88
N LYS A 264 21.97 -21.10 -14.90
CA LYS A 264 20.62 -20.56 -14.80
C LYS A 264 19.81 -21.27 -13.71
N GLU A 265 19.88 -22.60 -13.67
CA GLU A 265 19.16 -23.39 -12.67
C GLU A 265 19.68 -23.14 -11.26
N ALA A 266 21.00 -23.01 -11.12
CA ALA A 266 21.61 -22.75 -9.82
C ALA A 266 21.16 -21.41 -9.26
N LEU A 267 21.25 -20.37 -10.09
CA LEU A 267 20.81 -19.03 -9.69
C LEU A 267 19.33 -19.02 -9.37
N LEU A 268 18.55 -19.78 -10.14
CA LEU A 268 17.12 -19.88 -9.92
C LEU A 268 16.83 -20.50 -8.56
N ALA A 269 17.61 -21.50 -8.19
CA ALA A 269 17.38 -22.27 -6.97
C ALA A 269 17.62 -21.48 -5.68
N VAL A 270 18.63 -20.61 -5.69
CA VAL A 270 19.02 -19.91 -4.47
C VAL A 270 18.90 -18.39 -4.57
N ASN A 271 18.65 -17.88 -5.76
CA ASN A 271 18.50 -16.44 -5.96
C ASN A 271 17.57 -16.10 -7.13
N PRO A 272 16.30 -16.55 -7.06
CA PRO A 272 15.38 -16.53 -8.19
C PRO A 272 15.12 -15.15 -8.83
N ARG A 273 15.15 -14.09 -8.04
CA ARG A 273 14.85 -12.77 -8.58
C ARG A 273 16.00 -11.78 -8.39
N LEU A 274 17.20 -12.32 -8.17
CA LEU A 274 18.40 -11.52 -7.97
C LEU A 274 18.25 -10.53 -6.82
N GLU A 275 17.50 -10.94 -5.79
CA GLU A 275 17.27 -10.09 -4.62
C GLU A 275 18.44 -10.20 -3.63
N LYS A 276 19.03 -11.38 -3.55
CA LYS A 276 20.04 -11.67 -2.55
C LYS A 276 21.46 -11.38 -3.00
N ALA A 277 22.30 -10.94 -2.07
CA ALA A 277 23.73 -10.83 -2.33
C ALA A 277 24.30 -12.22 -2.59
N ILE A 278 25.32 -12.30 -3.44
CA ILE A 278 25.92 -13.58 -3.79
C ILE A 278 27.30 -13.77 -3.17
N HIS A 279 27.49 -14.90 -2.51
CA HIS A 279 28.79 -15.31 -2.05
C HIS A 279 29.32 -16.41 -2.96
N LEU A 280 30.27 -16.06 -3.84
CA LEU A 280 30.82 -17.01 -4.78
C LEU A 280 32.09 -17.64 -4.22
N SER A 281 31.98 -18.90 -3.79
CA SER A 281 33.12 -19.61 -3.23
C SER A 281 33.69 -20.56 -4.27
N PHE A 282 34.79 -20.14 -4.89
CA PHE A 282 35.36 -20.85 -6.02
C PHE A 282 36.61 -21.64 -5.63
N ASP A 283 36.47 -22.96 -5.57
CA ASP A 283 37.62 -23.84 -5.36
C ASP A 283 38.27 -24.07 -6.72
N ILE A 284 39.56 -23.77 -6.82
CA ILE A 284 40.29 -23.89 -8.08
C ILE A 284 40.26 -25.33 -8.62
N ASP A 285 40.07 -26.31 -7.74
CA ASP A 285 40.03 -27.71 -8.17
C ASP A 285 38.74 -28.07 -8.90
N ALA A 286 37.80 -27.12 -8.96
CA ALA A 286 36.59 -27.30 -9.76
C ALA A 286 37.00 -27.39 -11.22
N LEU A 287 37.97 -26.56 -11.62
CA LEU A 287 38.51 -26.60 -12.96
C LEU A 287 39.27 -27.90 -13.19
N ASP A 288 39.40 -28.29 -14.45
CA ASP A 288 40.09 -29.51 -14.81
C ASP A 288 41.59 -29.38 -14.52
N PRO A 289 42.21 -30.45 -14.01
CA PRO A 289 43.66 -30.48 -13.74
C PRO A 289 44.52 -30.04 -14.93
N LEU A 290 43.99 -30.18 -16.14
CA LEU A 290 44.70 -29.73 -17.34
C LEU A 290 44.89 -28.21 -17.37
N VAL A 291 44.03 -27.48 -16.67
CA VAL A 291 44.12 -26.01 -16.65
C VAL A 291 44.44 -25.46 -15.27
N ALA A 292 44.29 -26.30 -14.24
CA ALA A 292 44.67 -25.94 -12.88
C ALA A 292 45.27 -27.12 -12.13
N PRO A 293 46.49 -27.55 -12.52
CA PRO A 293 47.13 -28.70 -11.88
C PRO A 293 47.68 -28.40 -10.49
N SER A 294 48.07 -27.16 -10.23
CA SER A 294 48.70 -26.81 -8.95
C SER A 294 47.67 -26.60 -7.85
N THR A 295 47.08 -27.69 -7.39
CA THR A 295 46.14 -27.68 -6.29
C THR A 295 46.19 -29.03 -5.57
N GLY A 296 45.77 -29.05 -4.31
CA GLY A 296 45.98 -30.19 -3.44
C GLY A 296 45.22 -31.47 -3.75
N THR A 297 43.97 -31.35 -4.18
CA THR A 297 43.15 -32.51 -4.46
C THR A 297 42.53 -32.42 -5.85
N ALA A 298 43.36 -32.58 -6.87
CA ALA A 298 42.90 -32.50 -8.25
C ALA A 298 42.05 -33.72 -8.62
N VAL A 299 40.98 -33.48 -9.36
CA VAL A 299 40.11 -34.56 -9.82
C VAL A 299 39.83 -34.40 -11.31
N PRO A 300 40.20 -35.42 -12.11
CA PRO A 300 40.04 -35.37 -13.57
C PRO A 300 38.59 -35.16 -13.99
N GLY A 301 38.39 -34.66 -15.21
CA GLY A 301 37.05 -34.46 -15.74
C GLY A 301 36.33 -33.26 -15.15
N GLY A 302 37.06 -32.15 -15.00
CA GLY A 302 36.50 -30.96 -14.39
C GLY A 302 35.95 -29.95 -15.38
N LEU A 303 35.54 -28.80 -14.85
CA LEU A 303 35.07 -27.70 -15.68
C LEU A 303 36.23 -27.23 -16.56
N THR A 304 35.92 -26.92 -17.81
CA THR A 304 36.91 -26.26 -18.66
C THR A 304 37.04 -24.83 -18.17
N LEU A 305 38.13 -24.16 -18.54
CA LEU A 305 38.32 -22.77 -18.14
C LEU A 305 37.15 -21.92 -18.63
N ARG A 306 36.72 -22.19 -19.86
CA ARG A 306 35.58 -21.50 -20.46
C ARG A 306 34.31 -21.67 -19.62
N GLU A 307 34.04 -22.90 -19.19
CA GLU A 307 32.88 -23.16 -18.33
C GLU A 307 32.98 -22.40 -17.01
N GLY A 308 34.18 -22.38 -16.44
CA GLY A 308 34.43 -21.59 -15.25
C GLY A 308 34.22 -20.11 -15.52
N LEU A 309 34.71 -19.63 -16.66
CA LEU A 309 34.51 -18.24 -17.05
C LEU A 309 33.02 -17.91 -17.18
N ARG A 310 32.25 -18.84 -17.73
CA ARG A 310 30.82 -18.63 -17.89
C ARG A 310 30.09 -18.47 -16.56
N ILE A 311 30.43 -19.30 -15.59
CA ILE A 311 29.84 -19.21 -14.26
C ILE A 311 30.10 -17.83 -13.66
N CYS A 312 31.35 -17.40 -13.72
CA CYS A 312 31.76 -16.13 -13.15
C CYS A 312 31.17 -14.94 -13.90
N GLU A 313 31.11 -15.05 -15.23
CA GLU A 313 30.54 -13.98 -16.06
C GLU A 313 29.07 -13.77 -15.72
N GLU A 314 28.34 -14.86 -15.57
CA GLU A 314 26.92 -14.79 -15.27
C GLU A 314 26.67 -14.24 -13.87
N VAL A 315 27.44 -14.73 -12.91
CA VAL A 315 27.34 -14.27 -11.52
C VAL A 315 27.66 -12.78 -11.42
N SER A 316 28.71 -12.36 -12.13
CA SER A 316 29.10 -10.96 -12.15
C SER A 316 27.98 -10.10 -12.73
N ALA A 317 27.38 -10.58 -13.82
CA ALA A 317 26.38 -9.80 -14.54
C ALA A 317 25.05 -9.64 -13.79
N THR A 318 24.87 -10.37 -12.69
CA THR A 318 23.66 -10.24 -11.90
C THR A 318 23.66 -8.92 -11.13
N GLY A 319 24.86 -8.35 -10.95
CA GLY A 319 25.02 -7.14 -10.16
C GLY A 319 24.95 -7.43 -8.67
N LYS A 320 24.92 -8.70 -8.30
CA LYS A 320 24.78 -9.09 -6.90
C LYS A 320 26.02 -9.77 -6.35
N LEU A 321 27.12 -9.78 -7.11
CA LEU A 321 28.36 -10.34 -6.60
C LEU A 321 28.86 -9.48 -5.45
N SER A 322 28.84 -10.07 -4.25
CA SER A 322 29.21 -9.35 -3.05
C SER A 322 30.59 -9.79 -2.58
N VAL A 323 30.81 -11.09 -2.55
CA VAL A 323 32.13 -11.64 -2.24
C VAL A 323 32.45 -12.78 -3.20
N VAL A 324 33.64 -12.72 -3.80
CA VAL A 324 34.18 -13.87 -4.49
C VAL A 324 35.48 -14.30 -3.82
N GLU A 325 35.60 -15.58 -3.53
CA GLU A 325 36.82 -16.11 -2.96
C GLU A 325 37.35 -17.25 -3.81
N LEU A 326 38.67 -17.26 -4.01
CA LEU A 326 39.31 -18.31 -4.78
C LEU A 326 40.24 -19.12 -3.88
N ALA A 327 39.91 -20.41 -3.73
CA ALA A 327 40.59 -21.25 -2.76
C ALA A 327 41.46 -22.34 -3.39
N GLU A 328 42.42 -22.83 -2.61
CA GLU A 328 43.21 -24.04 -2.89
C GLU A 328 44.31 -23.91 -3.95
N LEU A 329 44.72 -22.69 -4.25
CA LEU A 329 45.92 -22.49 -5.06
C LEU A 329 47.11 -22.97 -4.24
N ASN A 330 47.94 -23.82 -4.83
CA ASN A 330 49.17 -24.24 -4.18
C ASN A 330 50.34 -24.22 -5.15
N PRO A 331 51.08 -23.12 -5.19
CA PRO A 331 52.21 -22.95 -6.10
C PRO A 331 53.42 -23.81 -5.74
N LEU A 332 53.33 -24.58 -4.66
CA LEU A 332 54.38 -25.51 -4.30
C LEU A 332 54.12 -26.89 -4.91
N LEU A 333 53.00 -27.01 -5.61
CA LEU A 333 52.63 -28.27 -6.26
C LEU A 333 52.79 -28.20 -7.77
N GLY A 334 53.30 -29.27 -8.36
CA GLY A 334 53.46 -29.34 -9.80
C GLY A 334 54.72 -28.66 -10.30
N SER A 335 54.92 -28.68 -11.61
CA SER A 335 56.09 -28.05 -12.21
C SER A 335 55.93 -26.55 -12.29
N GLN A 336 56.95 -25.87 -12.78
CA GLN A 336 56.90 -24.42 -12.94
C GLN A 336 55.81 -24.01 -13.93
N GLU A 337 55.69 -24.78 -15.01
CA GLU A 337 54.65 -24.52 -16.01
C GLU A 337 53.26 -24.80 -15.45
N ASP A 338 53.16 -25.82 -14.60
CA ASP A 338 51.92 -26.14 -13.90
C ASP A 338 51.43 -24.94 -13.10
N VAL A 339 52.35 -24.34 -12.34
CA VAL A 339 52.03 -23.18 -11.51
C VAL A 339 51.56 -22.00 -12.37
N LEU A 340 52.23 -21.80 -13.51
CA LEU A 340 51.88 -20.71 -14.41
C LEU A 340 50.48 -20.89 -15.01
N LYS A 341 50.16 -22.14 -15.34
CA LYS A 341 48.83 -22.46 -15.88
C LYS A 341 47.77 -22.18 -14.83
N THR A 342 48.01 -22.65 -13.61
CA THR A 342 47.08 -22.46 -12.51
C THR A 342 46.90 -20.99 -12.17
N GLN A 343 48.00 -20.26 -12.13
CA GLN A 343 47.99 -18.82 -11.90
C GLN A 343 47.19 -18.11 -12.99
N SER A 344 47.45 -18.49 -14.23
CA SER A 344 46.75 -17.93 -15.38
C SER A 344 45.24 -18.13 -15.29
N SER A 345 44.81 -19.35 -15.00
CA SER A 345 43.39 -19.66 -14.88
C SER A 345 42.75 -18.83 -13.79
N ALA A 346 43.43 -18.77 -12.64
CA ALA A 346 42.98 -17.98 -11.49
C ALA A 346 42.75 -16.52 -11.88
N VAL A 347 43.67 -15.96 -12.67
CA VAL A 347 43.58 -14.56 -13.08
C VAL A 347 42.40 -14.32 -14.01
N HIS A 348 42.22 -15.19 -15.01
CA HIS A 348 41.09 -15.07 -15.92
C HIS A 348 39.77 -15.25 -15.18
N ILE A 349 39.73 -16.19 -14.25
CA ILE A 349 38.54 -16.43 -13.44
C ILE A 349 38.17 -15.18 -12.63
N LEU A 350 39.16 -14.61 -11.94
CA LEU A 350 38.92 -13.45 -11.08
C LEU A 350 38.55 -12.20 -11.87
N ARG A 351 39.18 -12.02 -13.03
CA ARG A 351 38.84 -10.90 -13.90
C ARG A 351 37.39 -10.98 -14.36
N ALA A 352 36.94 -12.20 -14.64
CA ALA A 352 35.56 -12.42 -15.08
C ALA A 352 34.58 -12.02 -13.99
N CYS A 353 34.92 -12.34 -12.74
CA CYS A 353 34.09 -12.02 -11.59
C CYS A 353 33.89 -10.51 -11.45
N LEU A 354 34.94 -9.74 -11.75
CA LEU A 354 34.89 -8.29 -11.63
C LEU A 354 34.23 -7.62 -12.83
N GLY A 355 33.89 -8.41 -13.84
CA GLY A 355 33.11 -7.91 -14.96
C GLY A 355 33.85 -7.85 -16.28
N HIS A 356 35.06 -8.41 -16.33
CA HIS A 356 35.79 -8.43 -17.60
C HIS A 356 35.01 -9.23 -18.62
N CYS A 357 34.93 -8.69 -19.83
CA CYS A 357 34.12 -9.28 -20.90
CA CYS A 357 34.14 -9.33 -20.87
C CYS A 357 34.99 -9.75 -22.07
N ARG A 358 34.88 -11.02 -22.43
CA ARG A 358 35.64 -11.57 -23.56
C ARG A 358 35.17 -10.97 -24.89
N SER A 359 33.97 -10.41 -24.90
CA SER A 359 33.47 -9.75 -26.12
C SER A 359 34.01 -8.32 -26.27
N GLY A 360 34.81 -7.89 -25.30
CA GLY A 360 35.51 -6.62 -25.41
C GLY A 360 34.93 -5.47 -24.61
N HIS A 361 35.73 -4.42 -24.43
CA HIS A 361 35.30 -3.23 -23.71
C HIS A 361 35.49 -2.00 -24.59
N LEU A 362 34.59 -1.02 -24.46
CA LEU A 362 34.76 0.25 -25.16
C LEU A 362 35.83 1.07 -24.46
N PRO A 363 36.62 1.82 -25.24
CA PRO A 363 37.66 2.68 -24.65
C PRO A 363 37.01 3.87 -23.94
N PHE A 364 37.70 4.41 -22.95
CA PHE A 364 37.15 5.52 -22.18
C PHE A 364 37.26 6.85 -22.93
N LYS A 365 38.28 6.95 -23.78
CA LYS A 365 38.40 8.09 -24.68
C LYS A 365 38.86 7.64 -26.06
N VAL A 366 37.99 7.82 -27.06
CA VAL A 366 38.32 7.50 -28.43
C VAL A 366 39.29 8.54 -28.98
N ARG A 367 40.36 8.08 -29.60
CA ARG A 367 41.37 8.99 -30.14
C ARG A 367 41.31 9.06 -31.66
N ASN A 368 41.68 10.23 -32.20
CA ASN A 368 41.65 10.46 -33.64
C ASN A 368 42.85 11.25 -34.13
N LEU A 369 43.22 11.03 -35.39
CA LEU A 369 44.46 11.57 -35.96
C LEU A 369 44.54 13.09 -36.01
N THR A 370 43.43 13.75 -36.29
CA THR A 370 43.43 15.19 -36.50
C THR A 370 43.89 15.99 -35.28
N ASP A 371 43.67 15.45 -34.08
CA ASP A 371 44.02 16.16 -32.85
C ASP A 371 45.53 16.32 -32.68
N GLN A 372 46.28 15.41 -33.27
CA GLN A 372 47.74 15.42 -33.13
C GLN A 372 48.39 16.15 -34.29
N GLY A 373 47.58 16.60 -35.23
CA GLY A 373 48.08 17.28 -36.42
C GLY A 373 48.72 16.28 -37.37
N ILE A 374 48.07 15.13 -37.53
CA ILE A 374 48.57 14.06 -38.38
C ILE A 374 47.68 13.83 -39.61
N MET A 375 48.31 13.68 -40.77
CA MET A 375 47.60 13.43 -42.02
C MET A 375 47.20 11.96 -42.13
N SER A 376 45.91 11.70 -42.29
CA SER A 376 45.43 10.34 -42.50
C SER A 376 45.47 9.99 -43.98
N ARG A 377 45.36 8.70 -44.30
CA ARG A 377 45.36 8.27 -45.69
C ARG A 377 44.11 8.79 -46.39
N ALA A 378 42.99 8.75 -45.70
CA ALA A 378 41.74 9.28 -46.23
C ALA A 378 41.85 10.78 -46.49
N ALA A 379 42.59 11.47 -45.62
CA ALA A 379 42.79 12.91 -45.73
C ALA A 379 43.85 13.25 -46.78
N HIS A 380 44.67 12.27 -47.14
CA HIS A 380 45.68 12.49 -48.16
C HIS A 380 45.07 12.32 -49.54
N MET A 381 44.17 11.34 -49.66
CA MET A 381 43.53 11.04 -50.94
C MET A 381 42.52 12.11 -51.35
N GLN A 382 41.97 12.83 -50.38
CA GLN A 382 40.98 13.87 -50.68
C GLN A 382 41.62 15.07 -51.37
N THR A 383 42.90 15.29 -51.12
CA THR A 383 43.60 16.44 -51.71
C THR A 383 43.91 16.21 -53.18
N LYS B 39 4.70 -17.97 -0.39
CA LYS B 39 4.19 -18.97 -1.32
C LYS B 39 3.53 -18.31 -2.53
N LEU B 40 3.48 -16.97 -2.50
CA LEU B 40 2.88 -16.20 -3.59
C LEU B 40 3.65 -14.91 -3.81
N LEU B 41 4.10 -14.69 -5.04
CA LEU B 41 4.79 -13.45 -5.39
C LEU B 41 3.86 -12.25 -5.21
N TYR B 42 2.62 -12.39 -5.68
CA TYR B 42 1.63 -11.33 -5.50
C TYR B 42 0.43 -11.90 -4.75
N THR B 43 0.06 -11.25 -3.66
CA THR B 43 -1.09 -11.69 -2.86
C THR B 43 -2.32 -10.84 -3.14
N SER B 44 -2.11 -9.64 -3.69
CA SER B 44 -3.20 -8.76 -4.07
C SER B 44 -3.03 -8.28 -5.50
N ALA B 45 -4.15 -7.92 -6.13
CA ALA B 45 -4.11 -7.33 -7.47
C ALA B 45 -5.31 -6.42 -7.67
N ASN B 46 -5.17 -5.47 -8.60
CA ASN B 46 -6.26 -4.58 -8.95
C ASN B 46 -6.77 -4.87 -10.37
N PHE B 47 -8.08 -4.74 -10.56
CA PHE B 47 -8.69 -4.95 -11.87
C PHE B 47 -9.34 -3.67 -12.37
N LEU B 48 -9.02 -3.31 -13.61
CA LEU B 48 -9.48 -2.05 -14.19
C LEU B 48 -9.92 -2.27 -15.63
N GLY B 49 -11.12 -1.82 -15.95
CA GLY B 49 -11.63 -1.93 -17.30
C GLY B 49 -11.50 -0.62 -18.06
N ILE B 50 -11.07 -0.70 -19.32
CA ILE B 50 -10.99 0.47 -20.19
C ILE B 50 -11.61 0.15 -21.55
N PRO B 51 -12.91 0.42 -21.71
CA PRO B 51 -13.64 0.04 -22.91
C PRO B 51 -13.41 0.97 -24.10
N THR B 52 -12.15 1.24 -24.42
CA THR B 52 -11.82 2.08 -25.58
C THR B 52 -12.28 1.45 -26.88
N ASN B 53 -12.91 2.26 -27.74
CA ASN B 53 -13.40 1.78 -29.01
C ASN B 53 -13.23 2.82 -30.12
N ARG B 54 -12.55 3.91 -29.78
CA ARG B 54 -12.32 5.00 -30.75
C ARG B 54 -10.94 4.93 -31.37
N GLY B 55 -10.22 3.86 -31.10
CA GLY B 55 -8.88 3.66 -31.65
C GLY B 55 -8.92 2.85 -32.93
N GLN B 56 -10.09 2.30 -33.24
CA GLN B 56 -10.27 1.46 -34.42
C GLN B 56 -11.76 1.36 -34.77
N PRO B 57 -12.08 1.17 -36.06
CA PRO B 57 -13.46 1.31 -36.53
C PRO B 57 -14.42 0.17 -36.18
N LYS B 58 -13.91 -1.01 -35.86
CA LYS B 58 -14.79 -2.14 -35.59
C LYS B 58 -15.40 -2.07 -34.19
N ILE B 59 -16.72 -1.97 -34.14
CA ILE B 59 -17.43 -1.83 -32.87
C ILE B 59 -17.40 -3.15 -32.09
N GLY B 60 -17.16 -3.05 -30.78
CA GLY B 60 -17.17 -4.23 -29.93
C GLY B 60 -16.06 -4.34 -28.90
N THR B 61 -14.96 -3.62 -29.10
CA THR B 61 -13.87 -3.67 -28.13
C THR B 61 -14.27 -3.06 -26.79
N TYR B 62 -15.35 -2.30 -26.78
CA TYR B 62 -15.85 -1.71 -25.55
C TYR B 62 -16.43 -2.81 -24.65
N GLN B 63 -16.74 -3.95 -25.23
CA GLN B 63 -17.29 -5.08 -24.47
C GLN B 63 -16.20 -5.97 -23.91
N GLY B 64 -14.95 -5.60 -24.17
CA GLY B 64 -13.80 -6.32 -23.65
C GLY B 64 -13.82 -6.58 -22.15
N PRO B 65 -13.92 -5.51 -21.34
CA PRO B 65 -13.93 -5.67 -19.88
C PRO B 65 -15.05 -6.59 -19.38
N GLU B 66 -16.23 -6.45 -19.96
CA GLU B 66 -17.37 -7.28 -19.55
C GLU B 66 -17.15 -8.75 -19.90
N LEU B 67 -16.49 -9.01 -21.02
CA LEU B 67 -16.19 -10.38 -21.43
C LEU B 67 -15.35 -11.11 -20.38
N ILE B 68 -14.44 -10.40 -19.75
CA ILE B 68 -13.62 -11.00 -18.71
C ILE B 68 -14.37 -11.03 -17.37
N ARG B 69 -15.09 -9.96 -17.06
CA ARG B 69 -15.88 -9.93 -15.84
C ARG B 69 -16.91 -11.04 -15.78
N LYS B 70 -17.50 -11.37 -16.93
CA LYS B 70 -18.53 -12.39 -16.98
C LYS B 70 -17.94 -13.80 -17.06
N SER B 71 -16.62 -13.89 -17.16
CA SER B 71 -15.95 -15.19 -17.16
C SER B 71 -15.70 -15.63 -15.73
N ASN B 72 -15.03 -16.77 -15.57
CA ASN B 72 -14.69 -17.27 -14.24
C ASN B 72 -13.34 -16.77 -13.75
N PHE B 73 -12.81 -15.75 -14.40
CA PHE B 73 -11.51 -15.18 -14.06
C PHE B 73 -11.36 -14.86 -12.58
N PHE B 74 -12.28 -14.05 -12.05
CA PHE B 74 -12.24 -13.65 -10.65
C PHE B 74 -12.26 -14.83 -9.67
N GLN B 75 -13.13 -15.80 -9.95
CA GLN B 75 -13.23 -16.99 -9.11
C GLN B 75 -11.91 -17.78 -9.09
N LEU B 76 -11.35 -17.98 -10.28
CA LEU B 76 -10.11 -18.74 -10.43
C LEU B 76 -8.93 -18.07 -9.72
N VAL B 77 -8.87 -16.75 -9.81
CA VAL B 77 -7.80 -15.99 -9.16
C VAL B 77 -7.95 -16.08 -7.64
N ALA B 78 -9.18 -16.01 -7.17
CA ALA B 78 -9.47 -16.15 -5.75
C ALA B 78 -9.05 -17.52 -5.25
N GLU B 79 -9.30 -18.55 -6.05
CA GLU B 79 -8.98 -19.93 -5.69
C GLU B 79 -7.47 -20.16 -5.60
N ASP B 80 -6.69 -19.31 -6.27
CA ASP B 80 -5.24 -19.40 -6.17
C ASP B 80 -4.72 -18.63 -4.95
N GLY B 81 -5.62 -17.98 -4.22
CA GLY B 81 -5.24 -17.30 -3.00
C GLY B 81 -4.95 -15.82 -3.16
N ILE B 82 -5.27 -15.29 -4.33
CA ILE B 82 -5.02 -13.89 -4.63
C ILE B 82 -6.27 -13.05 -4.42
N GLN B 83 -6.11 -11.90 -3.78
CA GLN B 83 -7.23 -10.98 -3.57
C GLN B 83 -7.33 -9.97 -4.72
N LEU B 84 -8.38 -10.09 -5.53
CA LEU B 84 -8.59 -9.20 -6.67
C LEU B 84 -9.62 -8.12 -6.36
N THR B 85 -9.19 -6.87 -6.36
CA THR B 85 -10.09 -5.74 -6.15
C THR B 85 -10.53 -5.13 -7.48
N ASP B 86 -11.83 -5.12 -7.72
CA ASP B 86 -12.39 -4.53 -8.93
C ASP B 86 -12.46 -3.01 -8.77
N CYS B 87 -11.64 -2.31 -9.55
CA CYS B 87 -11.58 -0.85 -9.46
C CYS B 87 -12.44 -0.18 -10.53
N GLY B 88 -13.47 -0.89 -10.99
CA GLY B 88 -14.41 -0.34 -11.94
C GLY B 88 -13.85 -0.14 -13.34
N ASP B 89 -14.50 0.74 -14.10
CA ASP B 89 -14.10 1.03 -15.47
C ASP B 89 -13.79 2.51 -15.66
N ILE B 90 -12.80 2.81 -16.49
CA ILE B 90 -12.58 4.17 -16.94
C ILE B 90 -13.55 4.49 -18.07
N ILE B 91 -14.32 5.56 -17.93
CA ILE B 91 -15.23 6.00 -18.97
C ILE B 91 -14.45 6.75 -20.04
N PRO B 92 -14.34 6.18 -21.25
CA PRO B 92 -13.57 6.87 -22.29
C PRO B 92 -14.28 8.13 -22.76
N VAL B 93 -13.52 9.10 -23.23
CA VAL B 93 -14.10 10.31 -23.81
C VAL B 93 -14.41 10.06 -25.28
N GLU B 94 -15.69 10.07 -25.63
CA GLU B 94 -16.10 9.81 -27.01
C GLU B 94 -16.86 10.99 -27.58
N LEU B 95 -16.12 11.92 -28.18
CA LEU B 95 -16.69 13.12 -28.76
C LEU B 95 -17.65 12.81 -29.91
N ASN B 96 -18.56 13.73 -30.18
CA ASN B 96 -19.40 13.65 -31.37
C ASN B 96 -18.53 13.89 -32.59
N GLU B 97 -18.89 13.29 -33.71
CA GLU B 97 -18.07 13.35 -34.92
C GLU B 97 -17.78 14.79 -35.36
N ALA B 98 -18.71 15.69 -35.08
CA ALA B 98 -18.56 17.09 -35.47
C ALA B 98 -17.57 17.81 -34.57
N GLU B 99 -17.33 17.25 -33.39
CA GLU B 99 -16.40 17.84 -32.43
C GLU B 99 -14.98 17.32 -32.65
N ASP B 100 -14.86 16.27 -33.46
CA ASP B 100 -13.59 15.56 -33.60
C ASP B 100 -13.33 15.18 -35.05
N PRO B 101 -13.06 16.18 -35.91
CA PRO B 101 -12.79 15.88 -37.32
C PRO B 101 -11.38 15.34 -37.49
N GLN B 102 -11.07 14.77 -38.65
CA GLN B 102 -9.74 14.25 -38.93
C GLN B 102 -8.71 15.36 -38.91
N ARG B 103 -7.61 15.11 -38.20
CA ARG B 103 -6.46 16.01 -38.20
C ARG B 103 -5.21 15.19 -38.47
N PHE B 104 -4.49 15.56 -39.52
CA PHE B 104 -3.31 14.82 -39.96
C PHE B 104 -3.61 13.36 -40.23
N GLY B 105 -4.78 13.10 -40.81
CA GLY B 105 -5.19 11.75 -41.17
C GLY B 105 -5.77 10.97 -40.00
N MET B 106 -5.44 11.39 -38.78
CA MET B 106 -5.87 10.68 -37.58
C MET B 106 -7.37 10.71 -37.38
N LYS B 107 -7.94 9.56 -37.05
CA LYS B 107 -9.36 9.46 -36.75
C LYS B 107 -9.58 9.51 -35.24
N TRP B 108 -10.50 10.37 -34.82
CA TRP B 108 -10.85 10.53 -33.41
C TRP B 108 -9.69 10.95 -32.52
N SER B 109 -8.85 11.85 -33.02
CA SER B 109 -7.64 12.25 -32.29
C SER B 109 -7.91 13.01 -30.99
N ARG B 110 -8.93 13.86 -30.98
CA ARG B 110 -9.23 14.63 -29.77
C ARG B 110 -9.88 13.75 -28.71
N SER B 111 -10.70 12.80 -29.15
CA SER B 111 -11.21 11.77 -28.24
C SER B 111 -10.04 11.01 -27.64
N PHE B 112 -9.04 10.72 -28.47
CA PHE B 112 -7.85 10.02 -28.05
C PHE B 112 -7.05 10.81 -27.01
N SER B 113 -6.82 12.09 -27.28
CA SER B 113 -6.01 12.92 -26.39
C SER B 113 -6.70 13.10 -25.04
N LEU B 114 -7.98 13.42 -25.07
CA LEU B 114 -8.77 13.56 -23.85
C LEU B 114 -8.84 12.25 -23.07
N THR B 115 -9.01 11.14 -23.77
CA THR B 115 -9.08 9.84 -23.12
C THR B 115 -7.74 9.44 -22.51
N THR B 116 -6.66 9.71 -23.25
CA THR B 116 -5.31 9.42 -22.79
C THR B 116 -5.04 10.06 -21.42
N LEU B 117 -5.32 11.35 -21.32
CA LEU B 117 -5.10 12.10 -20.08
C LEU B 117 -5.95 11.58 -18.93
N ARG B 118 -7.20 11.22 -19.23
CA ARG B 118 -8.10 10.68 -18.22
C ARG B 118 -7.63 9.31 -17.73
N ILE B 119 -7.17 8.48 -18.65
CA ILE B 119 -6.63 7.17 -18.31
C ILE B 119 -5.36 7.32 -17.48
N ALA B 120 -4.47 8.19 -17.94
CA ALA B 120 -3.20 8.44 -17.26
C ALA B 120 -3.41 8.85 -15.81
N GLU B 121 -4.40 9.71 -15.59
CA GLU B 121 -4.71 10.20 -14.26
C GLU B 121 -5.16 9.08 -13.32
N ARG B 122 -6.06 8.23 -13.81
CA ARG B 122 -6.60 7.14 -13.02
C ARG B 122 -5.55 6.08 -12.71
N VAL B 123 -4.75 5.71 -13.71
CA VAL B 123 -3.71 4.70 -13.54
C VAL B 123 -2.64 5.19 -12.56
N GLU B 124 -2.24 6.46 -12.71
CA GLU B 124 -1.25 7.04 -11.81
C GLU B 124 -1.70 6.97 -10.36
N GLU B 125 -2.98 7.28 -10.13
CA GLU B 125 -3.55 7.19 -8.79
C GLU B 125 -3.48 5.76 -8.27
N LEU B 126 -3.88 4.81 -9.12
CA LEU B 126 -3.87 3.41 -8.75
C LEU B 126 -2.47 2.90 -8.44
N MET B 127 -1.49 3.36 -9.22
CA MET B 127 -0.12 2.92 -9.05
C MET B 127 0.56 3.56 -7.84
N LYS B 128 0.06 4.71 -7.42
CA LYS B 128 0.64 5.42 -6.29
C LYS B 128 0.05 5.01 -4.95
N GLN B 129 -1.17 4.47 -4.99
CA GLN B 129 -1.81 4.00 -3.76
C GLN B 129 -1.19 2.67 -3.31
N SER B 130 -0.51 2.00 -4.24
CA SER B 130 0.13 0.72 -3.96
C SER B 130 1.63 0.83 -4.18
N LYS B 141 6.58 -8.50 -4.11
CA LYS B 141 5.40 -8.33 -3.26
C LYS B 141 4.79 -6.94 -3.45
N SER B 142 4.48 -6.60 -4.69
CA SER B 142 3.77 -5.37 -5.00
C SER B 142 2.35 -5.75 -5.40
N THR B 143 1.55 -4.76 -5.79
CA THR B 143 0.18 -5.02 -6.21
C THR B 143 -0.01 -4.70 -7.68
N PRO B 144 0.08 -5.73 -8.54
CA PRO B 144 -0.04 -5.50 -9.98
C PRO B 144 -1.44 -5.01 -10.38
N LEU B 145 -1.48 -4.19 -11.42
CA LEU B 145 -2.73 -3.71 -11.97
C LEU B 145 -3.07 -4.51 -13.22
N VAL B 146 -4.22 -5.16 -13.23
CA VAL B 146 -4.67 -5.88 -14.41
C VAL B 146 -5.68 -5.03 -15.17
N ILE B 147 -5.32 -4.67 -16.40
CA ILE B 147 -6.17 -3.82 -17.22
C ILE B 147 -6.72 -4.58 -18.42
N VAL B 148 -8.03 -4.52 -18.60
CA VAL B 148 -8.65 -5.15 -19.75
C VAL B 148 -9.31 -4.11 -20.66
N GLY B 149 -8.83 -4.01 -21.89
CA GLY B 149 -9.43 -3.15 -22.88
C GLY B 149 -10.60 -3.83 -23.56
N GLY B 150 -11.14 -3.22 -24.62
CA GLY B 150 -10.64 -1.96 -25.13
C GLY B 150 -9.58 -2.15 -26.18
N ASP B 151 -9.61 -1.29 -27.21
CA ASP B 151 -8.59 -1.35 -28.24
C ASP B 151 -7.27 -0.79 -27.72
N HIS B 152 -6.19 -1.06 -28.44
CA HIS B 152 -4.84 -0.81 -27.93
C HIS B 152 -4.45 0.66 -27.77
N SER B 153 -5.29 1.57 -28.29
CA SER B 153 -4.97 3.00 -28.19
C SER B 153 -4.90 3.46 -26.73
N MET B 154 -5.54 2.69 -25.85
CA MET B 154 -5.52 2.97 -24.41
C MET B 154 -4.11 2.96 -23.84
N ALA B 155 -3.20 2.27 -24.53
CA ALA B 155 -1.84 2.05 -24.04
C ALA B 155 -1.07 3.34 -23.80
N THR B 156 -1.38 4.38 -24.58
CA THR B 156 -0.70 5.66 -24.45
C THR B 156 -0.96 6.28 -23.08
N GLY B 157 -2.24 6.37 -22.71
CA GLY B 157 -2.61 6.92 -21.43
C GLY B 157 -2.20 6.01 -20.29
N THR B 158 -2.27 4.71 -20.55
CA THR B 158 -2.01 3.71 -19.53
C THR B 158 -0.53 3.65 -19.14
N ILE B 159 0.37 3.87 -20.10
CA ILE B 159 1.79 3.85 -19.83
C ILE B 159 2.22 5.22 -19.29
N LEU B 160 1.53 6.25 -19.75
CA LEU B 160 1.76 7.61 -19.28
C LEU B 160 1.53 7.69 -17.77
N GLY B 161 0.37 7.18 -17.33
CA GLY B 161 0.05 7.14 -15.91
C GLY B 161 1.01 6.26 -15.14
N HIS B 162 1.32 5.10 -15.71
CA HIS B 162 2.24 4.14 -15.09
C HIS B 162 3.63 4.75 -14.92
N ALA B 163 4.13 5.40 -15.97
CA ALA B 163 5.45 6.03 -15.93
C ALA B 163 5.52 7.20 -14.95
N GLU B 164 4.37 7.81 -14.68
CA GLU B 164 4.33 8.94 -13.76
C GLU B 164 4.61 8.44 -12.34
N ALA B 165 4.14 7.24 -12.04
CA ALA B 165 4.35 6.64 -10.72
C ALA B 165 5.67 5.86 -10.69
N LYS B 166 6.08 5.35 -11.85
CA LYS B 166 7.31 4.56 -11.95
C LYS B 166 8.07 4.92 -13.21
N PRO B 167 8.89 5.98 -13.14
CA PRO B 167 9.61 6.56 -14.28
C PRO B 167 10.58 5.61 -14.97
N ASP B 168 11.14 4.67 -14.23
CA ASP B 168 12.16 3.78 -14.79
C ASP B 168 11.61 2.43 -15.26
N LEU B 169 10.31 2.37 -15.57
CA LEU B 169 9.70 1.13 -16.03
C LEU B 169 10.21 0.72 -17.41
N CYS B 170 10.08 -0.57 -17.71
CA CYS B 170 10.32 -1.06 -19.07
C CYS B 170 9.00 -1.58 -19.61
N VAL B 171 8.91 -1.67 -20.93
CA VAL B 171 7.68 -2.13 -21.57
C VAL B 171 7.91 -3.36 -22.43
N LEU B 172 7.12 -4.40 -22.18
CA LEU B 172 7.12 -5.58 -23.04
C LEU B 172 5.86 -5.57 -23.89
N TRP B 173 6.03 -5.33 -25.18
CA TRP B 173 4.91 -5.20 -26.09
C TRP B 173 4.68 -6.52 -26.84
N ILE B 174 3.66 -7.25 -26.41
CA ILE B 174 3.32 -8.54 -27.02
C ILE B 174 2.24 -8.33 -28.07
N ASP B 175 2.63 -8.41 -29.34
CA ASP B 175 1.74 -7.97 -30.41
C ASP B 175 2.14 -8.56 -31.76
N ALA B 176 1.17 -8.70 -32.65
CA ALA B 176 1.45 -9.05 -34.03
C ALA B 176 1.91 -7.82 -34.79
N HIS B 177 1.65 -6.65 -34.22
CA HIS B 177 1.91 -5.37 -34.88
C HIS B 177 2.80 -4.47 -34.03
N GLY B 178 3.43 -3.50 -34.67
CA GLY B 178 4.31 -2.57 -33.99
C GLY B 178 3.57 -1.53 -33.16
N ASP B 179 2.39 -1.14 -33.63
CA ASP B 179 1.57 -0.11 -32.98
C ASP B 179 2.39 1.16 -32.73
N ILE B 180 3.27 1.45 -33.67
CA ILE B 180 4.23 2.54 -33.52
C ILE B 180 4.25 3.37 -34.80
N ASN B 181 3.15 3.32 -35.55
CA ASN B 181 2.96 4.21 -36.68
C ASN B 181 2.93 5.66 -36.19
N THR B 182 3.67 6.53 -36.88
CA THR B 182 3.56 7.96 -36.65
C THR B 182 2.38 8.45 -37.51
N PRO B 183 1.69 9.50 -37.06
CA PRO B 183 0.45 9.98 -37.70
C PRO B 183 0.51 10.10 -39.23
N LEU B 184 1.57 10.66 -39.77
CA LEU B 184 1.64 10.89 -41.22
C LEU B 184 2.02 9.65 -42.03
N ASN B 185 2.39 8.58 -41.35
CA ASN B 185 2.73 7.33 -42.02
C ASN B 185 1.58 6.32 -41.95
N SER B 186 0.65 6.56 -41.03
CA SER B 186 -0.48 5.66 -40.83
C SER B 186 -1.36 5.62 -42.06
N ALA B 187 -1.60 4.41 -42.57
CA ALA B 187 -2.45 4.23 -43.73
C ALA B 187 -3.93 4.42 -43.38
N SER B 188 -4.30 4.05 -42.15
CA SER B 188 -5.70 4.05 -41.74
C SER B 188 -6.07 5.27 -40.90
N GLY B 189 -5.11 5.78 -40.14
CA GLY B 189 -5.40 6.87 -39.22
C GLY B 189 -6.06 6.35 -37.95
N ASN B 190 -6.01 5.03 -37.76
CA ASN B 190 -6.53 4.42 -36.54
C ASN B 190 -5.57 4.58 -35.37
N MET B 191 -6.06 5.16 -34.29
CA MET B 191 -5.20 5.48 -33.15
C MET B 191 -4.63 4.25 -32.45
N HIS B 192 -5.29 3.10 -32.58
CA HIS B 192 -4.78 1.87 -31.94
C HIS B 192 -3.50 1.37 -32.63
N GLY B 193 -3.19 1.95 -33.78
CA GLY B 193 -1.97 1.63 -34.49
C GLY B 193 -0.85 2.62 -34.22
N MET B 194 -1.12 3.62 -33.39
CA MET B 194 -0.10 4.60 -33.03
C MET B 194 0.25 4.79 -31.54
N PRO B 195 -0.20 3.89 -30.62
CA PRO B 195 -0.06 4.30 -29.22
C PRO B 195 1.37 4.50 -28.74
N LEU B 196 2.32 3.76 -29.30
CA LEU B 196 3.72 3.87 -28.87
C LEU B 196 4.43 5.10 -29.40
N SER B 197 4.02 5.59 -30.57
CA SER B 197 4.72 6.69 -31.22
C SER B 197 4.65 8.00 -30.43
N PHE B 198 3.60 8.16 -29.62
CA PHE B 198 3.45 9.35 -28.79
C PHE B 198 4.24 9.24 -27.50
N LEU B 199 4.70 8.04 -27.19
CA LEU B 199 5.40 7.78 -25.93
C LEU B 199 6.91 7.76 -26.08
N VAL B 200 7.39 7.38 -27.26
CA VAL B 200 8.82 7.23 -27.50
C VAL B 200 9.49 8.57 -27.78
N LYS B 201 10.42 8.94 -26.91
CA LYS B 201 11.11 10.22 -27.01
C LYS B 201 11.86 10.42 -28.33
N GLU B 202 12.45 9.34 -28.85
CA GLU B 202 13.26 9.44 -30.07
C GLU B 202 12.43 9.71 -31.32
N LEU B 203 11.11 9.62 -31.20
CA LEU B 203 10.24 9.76 -32.37
C LEU B 203 9.47 11.08 -32.40
N GLN B 204 9.80 12.00 -31.51
CA GLN B 204 9.02 13.22 -31.36
C GLN B 204 9.16 14.23 -32.50
N ASP B 205 10.24 14.12 -33.27
CA ASP B 205 10.38 14.94 -34.47
C ASP B 205 9.52 14.37 -35.60
N GLN B 206 8.78 13.32 -35.30
CA GLN B 206 7.89 12.70 -36.27
C GLN B 206 6.42 12.83 -35.88
N ILE B 207 6.17 13.37 -34.69
CA ILE B 207 4.81 13.62 -34.24
C ILE B 207 4.39 15.07 -34.50
N PRO B 208 3.38 15.27 -35.34
CA PRO B 208 2.86 16.62 -35.61
C PRO B 208 2.33 17.28 -34.35
N TRP B 209 2.66 18.55 -34.15
CA TRP B 209 2.20 19.28 -32.98
C TRP B 209 0.70 19.56 -33.00
N LEU B 210 0.05 19.32 -31.88
CA LEU B 210 -1.35 19.65 -31.68
C LEU B 210 -1.54 20.11 -30.24
N ASP B 211 -2.22 21.23 -30.05
CA ASP B 211 -2.34 21.84 -28.73
C ASP B 211 -2.95 20.92 -27.68
N ASP B 212 -3.94 20.13 -28.08
CA ASP B 212 -4.59 19.22 -27.14
C ASP B 212 -3.71 18.02 -26.79
N PHE B 213 -2.58 17.89 -27.48
CA PHE B 213 -1.64 16.79 -27.24
C PHE B 213 -0.48 17.17 -26.32
N GLU B 214 -0.47 18.39 -25.82
CA GLU B 214 0.65 18.87 -25.01
C GLU B 214 0.85 18.05 -23.73
N GLY B 215 -0.24 17.73 -23.06
CA GLY B 215 -0.19 16.98 -21.81
C GLY B 215 0.32 15.56 -21.98
N ILE B 216 0.28 15.07 -23.21
CA ILE B 216 0.78 13.74 -23.50
C ILE B 216 2.29 13.80 -23.73
N LYS B 217 3.04 13.80 -22.64
CA LYS B 217 4.49 13.88 -22.71
C LYS B 217 5.12 12.50 -22.90
N PRO B 218 6.06 12.40 -23.85
CA PRO B 218 6.81 11.17 -24.12
C PRO B 218 7.58 10.78 -22.86
N CYS B 219 7.44 9.52 -22.44
CA CYS B 219 8.00 9.08 -21.18
C CYS B 219 8.83 7.81 -21.32
N LEU B 220 8.95 7.32 -22.55
CA LEU B 220 9.70 6.10 -22.82
C LEU B 220 10.92 6.36 -23.68
N ASN B 221 12.04 5.75 -23.32
CA ASN B 221 13.18 5.68 -24.21
C ASN B 221 13.08 4.41 -25.04
N ALA B 222 13.58 4.45 -26.27
CA ALA B 222 13.54 3.30 -27.15
C ALA B 222 14.22 2.09 -26.51
N SER B 223 15.22 2.35 -25.68
CA SER B 223 15.96 1.29 -25.01
C SER B 223 15.14 0.60 -23.92
N ASN B 224 13.94 1.11 -23.65
CA ASN B 224 13.10 0.56 -22.60
C ASN B 224 11.99 -0.36 -23.10
N ILE B 225 11.89 -0.50 -24.43
CA ILE B 225 10.82 -1.27 -25.05
C ILE B 225 11.33 -2.53 -25.74
N ALA B 226 10.63 -3.64 -25.54
CA ALA B 226 10.93 -4.89 -26.26
C ALA B 226 9.67 -5.51 -26.83
N TYR B 227 9.71 -5.85 -28.11
CA TYR B 227 8.58 -6.47 -28.80
C TYR B 227 8.70 -7.99 -28.84
N ILE B 228 7.58 -8.68 -28.66
CA ILE B 228 7.52 -10.11 -28.92
C ILE B 228 6.26 -10.49 -29.72
N GLY B 229 6.45 -11.21 -30.83
CA GLY B 229 5.35 -11.77 -31.57
C GLY B 229 5.05 -11.11 -32.90
N LEU B 230 5.87 -10.12 -33.28
CA LEU B 230 5.65 -9.35 -34.49
C LEU B 230 5.62 -10.20 -35.77
N ARG B 231 4.65 -9.94 -36.63
CA ARG B 231 4.57 -10.64 -37.91
C ARG B 231 3.86 -9.80 -38.99
N ASP B 232 3.64 -8.52 -38.71
CA ASP B 232 2.98 -7.66 -39.68
C ASP B 232 3.38 -6.20 -39.52
N LEU B 233 4.68 -5.93 -39.61
CA LEU B 233 5.19 -4.56 -39.48
C LEU B 233 5.02 -3.76 -40.77
N ASP B 234 4.58 -2.52 -40.63
CA ASP B 234 4.60 -1.57 -41.72
C ASP B 234 6.07 -1.20 -41.96
N ALA B 235 6.40 -0.85 -43.20
CA ALA B 235 7.78 -0.56 -43.56
C ALA B 235 8.39 0.58 -42.74
N HIS B 236 7.60 1.61 -42.49
CA HIS B 236 8.06 2.75 -41.71
C HIS B 236 8.25 2.41 -40.23
N GLU B 237 7.44 1.48 -39.73
CA GLU B 237 7.61 0.98 -38.37
C GLU B 237 8.95 0.24 -38.29
N THR B 238 9.20 -0.61 -39.28
CA THR B 238 10.44 -1.35 -39.36
C THR B 238 11.64 -0.41 -39.35
N HIS B 239 11.53 0.68 -40.10
CA HIS B 239 12.58 1.68 -40.17
C HIS B 239 12.85 2.32 -38.80
N ASP B 240 11.79 2.79 -38.15
CA ASP B 240 11.92 3.42 -36.84
C ASP B 240 12.44 2.46 -35.77
N ILE B 241 11.98 1.21 -35.81
CA ILE B 241 12.38 0.21 -34.84
C ILE B 241 13.88 -0.09 -34.95
N ARG B 242 14.37 -0.22 -36.17
CA ARG B 242 15.78 -0.52 -36.38
C ARG B 242 16.67 0.70 -36.14
N LYS B 243 16.21 1.87 -36.59
CA LYS B 243 16.98 3.10 -36.47
C LYS B 243 17.27 3.45 -35.01
N HIS B 244 16.28 3.29 -34.15
CA HIS B 244 16.41 3.68 -32.75
C HIS B 244 16.72 2.50 -31.83
N GLY B 245 17.05 1.37 -32.43
CA GLY B 245 17.51 0.19 -31.69
C GLY B 245 16.51 -0.38 -30.71
N ILE B 246 15.22 -0.35 -31.06
CA ILE B 246 14.21 -0.97 -30.21
C ILE B 246 14.33 -2.48 -30.34
N ALA B 247 14.54 -3.16 -29.21
CA ALA B 247 14.63 -4.61 -29.19
C ALA B 247 13.32 -5.21 -29.68
N TYR B 248 13.40 -6.15 -30.61
CA TYR B 248 12.19 -6.78 -31.13
C TYR B 248 12.41 -8.23 -31.54
N PHE B 249 11.45 -9.07 -31.17
CA PHE B 249 11.52 -10.49 -31.49
C PHE B 249 10.27 -10.91 -32.25
N THR B 250 10.44 -11.14 -33.55
CA THR B 250 9.32 -11.50 -34.42
C THR B 250 9.05 -13.00 -34.33
N MET B 251 7.99 -13.44 -35.02
CA MET B 251 7.67 -14.86 -35.08
C MET B 251 8.79 -15.67 -35.73
N LEU B 252 9.53 -15.02 -36.63
CA LEU B 252 10.72 -15.61 -37.22
C LEU B 252 11.72 -15.94 -36.11
N ASP B 253 11.94 -14.99 -35.22
CA ASP B 253 12.85 -15.18 -34.09
C ASP B 253 12.36 -16.30 -33.18
N VAL B 254 11.05 -16.31 -32.91
CA VAL B 254 10.44 -17.35 -32.09
C VAL B 254 10.63 -18.72 -32.73
N ASP B 255 10.48 -18.79 -34.05
CA ASP B 255 10.70 -20.05 -34.77
C ASP B 255 12.14 -20.53 -34.65
N ARG B 256 13.09 -19.63 -34.88
CA ARG B 256 14.51 -19.99 -34.89
C ARG B 256 15.13 -20.12 -33.49
N MET B 257 14.70 -19.28 -32.55
CA MET B 257 15.30 -19.27 -31.23
C MET B 257 14.52 -20.09 -30.20
N GLY B 258 13.20 -20.20 -30.41
CA GLY B 258 12.34 -20.80 -29.42
C GLY B 258 11.86 -19.74 -28.46
N ILE B 259 10.66 -19.91 -27.91
CA ILE B 259 10.07 -18.88 -27.06
C ILE B 259 10.86 -18.66 -25.75
N GLU B 260 11.50 -19.71 -25.24
CA GLU B 260 12.25 -19.60 -23.98
C GLU B 260 13.40 -18.64 -24.14
N ALA B 261 14.15 -18.80 -25.24
CA ALA B 261 15.29 -17.93 -25.52
C ALA B 261 14.83 -16.50 -25.81
N VAL B 262 13.69 -16.37 -26.50
CA VAL B 262 13.14 -15.06 -26.82
C VAL B 262 12.77 -14.27 -25.57
N ILE B 263 12.05 -14.92 -24.65
CA ILE B 263 11.68 -14.29 -23.40
C ILE B 263 12.91 -13.86 -22.61
N LYS B 264 13.90 -14.73 -22.57
CA LYS B 264 15.14 -14.44 -21.85
C LYS B 264 15.87 -13.24 -22.45
N GLU B 265 15.96 -13.20 -23.78
CA GLU B 265 16.63 -12.11 -24.47
C GLU B 265 15.88 -10.79 -24.35
N ALA B 266 14.56 -10.86 -24.41
CA ALA B 266 13.71 -9.68 -24.26
C ALA B 266 13.89 -9.04 -22.89
N LEU B 267 13.82 -9.86 -21.85
CA LEU B 267 14.04 -9.38 -20.47
C LEU B 267 15.46 -8.88 -20.30
N LEU B 268 16.41 -9.55 -20.94
CA LEU B 268 17.81 -9.12 -20.89
C LEU B 268 17.97 -7.74 -21.50
N ALA B 269 17.28 -7.51 -22.61
CA ALA B 269 17.42 -6.27 -23.37
C ALA B 269 16.88 -5.02 -22.66
N VAL B 270 15.80 -5.18 -21.89
CA VAL B 270 15.15 -4.02 -21.28
C VAL B 270 15.09 -4.06 -19.75
N ASN B 271 15.39 -5.22 -19.17
CA ASN B 271 15.39 -5.35 -17.72
C ASN B 271 16.44 -6.36 -17.22
N PRO B 272 17.73 -6.11 -17.55
CA PRO B 272 18.79 -7.11 -17.41
C PRO B 272 19.00 -7.68 -15.99
N ARG B 273 18.72 -6.88 -14.96
CA ARG B 273 18.92 -7.35 -13.59
C ARG B 273 17.65 -7.33 -12.75
N LEU B 274 16.50 -7.28 -13.44
CA LEU B 274 15.20 -7.25 -12.78
C LEU B 274 15.08 -6.08 -11.79
N GLU B 275 15.62 -4.93 -12.19
CA GLU B 275 15.58 -3.74 -11.36
C GLU B 275 14.35 -2.90 -11.68
N LYS B 276 13.83 -3.07 -12.89
CA LYS B 276 12.77 -2.21 -13.39
C LYS B 276 11.40 -2.84 -13.25
N ALA B 277 10.41 -2.01 -12.89
CA ALA B 277 9.02 -2.41 -12.96
C ALA B 277 8.66 -2.74 -14.41
N ILE B 278 7.79 -3.73 -14.60
CA ILE B 278 7.42 -4.12 -15.95
C ILE B 278 5.99 -3.73 -16.30
N HIS B 279 5.85 -3.06 -17.44
CA HIS B 279 4.54 -2.84 -18.02
C HIS B 279 4.35 -3.85 -19.15
N LEU B 280 3.44 -4.79 -18.93
CA LEU B 280 3.18 -5.82 -19.94
C LEU B 280 1.96 -5.44 -20.78
N SER B 281 2.19 -5.06 -22.03
CA SER B 281 1.11 -4.72 -22.93
C SER B 281 0.84 -5.87 -23.89
N PHE B 282 -0.24 -6.59 -23.63
CA PHE B 282 -0.55 -7.80 -24.39
C PHE B 282 -1.74 -7.60 -25.34
N ASP B 283 -1.44 -7.48 -26.63
CA ASP B 283 -2.49 -7.47 -27.65
C ASP B 283 -2.89 -8.90 -27.90
N ILE B 284 -4.19 -9.19 -27.79
CA ILE B 284 -4.68 -10.55 -27.97
C ILE B 284 -4.40 -11.09 -29.37
N ASP B 285 -4.21 -10.20 -30.35
CA ASP B 285 -3.92 -10.63 -31.71
C ASP B 285 -2.52 -11.20 -31.87
N ALA B 286 -1.73 -11.14 -30.80
CA ALA B 286 -0.40 -11.73 -30.80
C ALA B 286 -0.53 -13.24 -30.87
N LEU B 287 -1.54 -13.76 -30.19
CA LEU B 287 -1.86 -15.19 -30.25
C LEU B 287 -2.41 -15.54 -31.63
N ASP B 288 -2.22 -16.79 -32.03
CA ASP B 288 -2.72 -17.27 -33.31
C ASP B 288 -4.25 -17.18 -33.36
N PRO B 289 -4.80 -16.77 -34.51
CA PRO B 289 -6.24 -16.67 -34.75
C PRO B 289 -7.01 -17.95 -34.43
N LEU B 290 -6.33 -19.10 -34.43
CA LEU B 290 -6.97 -20.36 -34.08
C LEU B 290 -7.40 -20.40 -32.61
N VAL B 291 -6.72 -19.63 -31.76
CA VAL B 291 -7.03 -19.62 -30.33
C VAL B 291 -7.58 -18.28 -29.85
N ALA B 292 -7.41 -17.25 -30.67
CA ALA B 292 -7.99 -15.94 -30.37
C ALA B 292 -8.54 -15.27 -31.63
N PRO B 293 -9.64 -15.83 -32.18
CA PRO B 293 -10.21 -15.32 -33.44
C PRO B 293 -11.00 -14.02 -33.27
N SER B 294 -11.58 -13.79 -32.09
CA SER B 294 -12.44 -12.62 -31.90
C SER B 294 -11.63 -11.36 -31.63
N THR B 295 -11.02 -10.84 -32.68
CA THR B 295 -10.22 -9.62 -32.58
C THR B 295 -10.17 -8.93 -33.93
N GLY B 296 -9.96 -7.62 -33.92
CA GLY B 296 -10.11 -6.80 -35.12
C GLY B 296 -9.13 -7.04 -36.25
N THR B 297 -7.86 -7.26 -35.91
CA THR B 297 -6.82 -7.43 -36.92
C THR B 297 -6.05 -8.74 -36.71
N ALA B 298 -6.68 -9.85 -37.07
CA ALA B 298 -6.07 -11.17 -36.90
C ALA B 298 -5.01 -11.44 -37.96
N VAL B 299 -3.89 -12.01 -37.55
CA VAL B 299 -2.81 -12.36 -38.47
C VAL B 299 -2.35 -13.78 -38.21
N PRO B 300 -2.45 -14.64 -39.24
CA PRO B 300 -2.11 -16.06 -39.12
C PRO B 300 -0.64 -16.28 -38.76
N GLY B 301 -0.32 -17.42 -38.18
CA GLY B 301 1.05 -17.75 -37.80
C GLY B 301 1.50 -17.08 -36.53
N GLY B 302 0.65 -17.09 -35.51
CA GLY B 302 0.94 -16.41 -34.27
C GLY B 302 1.46 -17.30 -33.17
N LEU B 303 1.60 -16.72 -31.98
CA LEU B 303 1.98 -17.47 -30.80
C LEU B 303 0.91 -18.49 -30.49
N THR B 304 1.33 -19.70 -30.09
CA THR B 304 0.40 -20.66 -29.54
C THR B 304 -0.05 -20.11 -28.19
N LEU B 305 -1.14 -20.66 -27.66
CA LEU B 305 -1.56 -20.30 -26.32
C LEU B 305 -0.43 -20.59 -25.34
N ARG B 306 0.22 -21.73 -25.55
CA ARG B 306 1.33 -22.17 -24.68
C ARG B 306 2.50 -21.18 -24.70
N GLU B 307 2.82 -20.67 -25.88
CA GLU B 307 3.90 -19.69 -26.00
C GLU B 307 3.54 -18.37 -25.29
N GLY B 308 2.28 -17.99 -25.38
CA GLY B 308 1.80 -16.80 -24.69
C GLY B 308 1.86 -17.00 -23.18
N LEU B 309 1.43 -18.18 -22.73
CA LEU B 309 1.50 -18.53 -21.32
C LEU B 309 2.91 -18.45 -20.78
N ARG B 310 3.88 -18.96 -21.55
CA ARG B 310 5.28 -18.96 -21.14
C ARG B 310 5.79 -17.53 -20.94
N ILE B 311 5.41 -16.63 -21.84
CA ILE B 311 5.78 -15.23 -21.73
C ILE B 311 5.26 -14.65 -20.42
N CYS B 312 3.98 -14.88 -20.16
CA CYS B 312 3.34 -14.34 -18.97
C CYS B 312 3.88 -14.99 -17.70
N GLU B 313 4.15 -16.28 -17.77
CA GLU B 313 4.67 -17.01 -16.63
C GLU B 313 6.06 -16.51 -16.21
N GLU B 314 6.90 -16.22 -17.20
CA GLU B 314 8.24 -15.72 -16.93
C GLU B 314 8.21 -14.28 -16.42
N VAL B 315 7.43 -13.43 -17.08
CA VAL B 315 7.27 -12.05 -16.65
C VAL B 315 6.71 -11.96 -15.24
N SER B 316 5.72 -12.79 -14.95
CA SER B 316 5.13 -12.84 -13.62
C SER B 316 6.17 -13.22 -12.57
N ALA B 317 6.99 -14.23 -12.91
CA ALA B 317 7.96 -14.79 -11.96
C ALA B 317 9.15 -13.86 -11.66
N THR B 318 9.28 -12.77 -12.39
CA THR B 318 10.34 -11.80 -12.10
C THR B 318 10.03 -11.09 -10.79
N GLY B 319 8.75 -11.07 -10.43
CA GLY B 319 8.31 -10.33 -9.26
C GLY B 319 8.23 -8.86 -9.56
N LYS B 320 8.37 -8.49 -10.84
CA LYS B 320 8.40 -7.09 -11.24
C LYS B 320 7.21 -6.71 -12.10
N LEU B 321 6.24 -7.61 -12.26
CA LEU B 321 5.03 -7.30 -13.00
C LEU B 321 4.25 -6.20 -12.30
N SER B 322 4.25 -5.02 -12.90
CA SER B 322 3.63 -3.86 -12.30
C SER B 322 2.27 -3.60 -12.91
N VAL B 323 2.21 -3.57 -14.24
CA VAL B 323 0.96 -3.45 -14.96
C VAL B 323 0.90 -4.44 -16.11
N VAL B 324 -0.18 -5.22 -16.18
CA VAL B 324 -0.46 -6.00 -17.37
C VAL B 324 -1.78 -5.54 -17.96
N GLU B 325 -1.77 -5.19 -19.24
CA GLU B 325 -2.98 -4.79 -19.92
C GLU B 325 -3.24 -5.72 -21.10
N LEU B 326 -4.50 -6.08 -21.28
CA LEU B 326 -4.90 -6.96 -22.36
C LEU B 326 -5.83 -6.23 -23.32
N ALA B 327 -5.39 -6.08 -24.58
CA ALA B 327 -6.12 -5.27 -25.54
C ALA B 327 -6.72 -6.06 -26.70
N GLU B 328 -7.72 -5.45 -27.33
CA GLU B 328 -8.28 -5.91 -28.62
C GLU B 328 -9.22 -7.12 -28.56
N LEU B 329 -9.71 -7.46 -27.38
CA LEU B 329 -10.80 -8.43 -27.31
C LEU B 329 -12.03 -7.80 -27.93
N ASN B 330 -12.69 -8.52 -28.83
CA ASN B 330 -13.91 -8.02 -29.46
C ASN B 330 -14.93 -9.14 -29.63
N PRO B 331 -15.82 -9.29 -28.64
CA PRO B 331 -16.84 -10.35 -28.62
C PRO B 331 -17.97 -10.16 -29.64
N LEU B 332 -17.89 -9.12 -30.46
CA LEU B 332 -18.86 -8.93 -31.52
C LEU B 332 -18.34 -9.47 -32.84
N LEU B 333 -17.09 -9.94 -32.83
CA LEU B 333 -16.49 -10.57 -33.99
C LEU B 333 -16.51 -12.09 -33.86
N GLY B 334 -16.76 -12.77 -34.97
CA GLY B 334 -16.73 -14.22 -34.99
C GLY B 334 -17.95 -14.89 -34.39
N SER B 335 -18.00 -16.21 -34.47
CA SER B 335 -19.11 -16.99 -33.93
C SER B 335 -19.06 -17.03 -32.40
N GLN B 336 -20.11 -17.61 -31.81
CA GLN B 336 -20.17 -17.79 -30.37
C GLN B 336 -18.98 -18.59 -29.87
N GLU B 337 -18.68 -19.68 -30.56
CA GLU B 337 -17.56 -20.54 -30.18
C GLU B 337 -16.24 -19.78 -30.29
N ASP B 338 -16.13 -18.93 -31.31
CA ASP B 338 -14.95 -18.07 -31.47
C ASP B 338 -14.76 -17.20 -30.24
N VAL B 339 -15.85 -16.55 -29.83
CA VAL B 339 -15.83 -15.66 -28.67
C VAL B 339 -15.46 -16.41 -27.40
N LEU B 340 -15.97 -17.63 -27.25
CA LEU B 340 -15.62 -18.47 -26.10
C LEU B 340 -14.14 -18.84 -26.11
N LYS B 341 -13.62 -19.23 -27.27
CA LYS B 341 -12.21 -19.54 -27.43
C LYS B 341 -11.34 -18.34 -27.06
N THR B 342 -11.73 -17.17 -27.54
CA THR B 342 -10.97 -15.94 -27.29
C THR B 342 -11.01 -15.57 -25.81
N GLN B 343 -12.21 -15.64 -25.23
CA GLN B 343 -12.40 -15.35 -23.82
C GLN B 343 -11.56 -16.29 -22.97
N SER B 344 -11.61 -17.57 -23.31
CA SER B 344 -10.85 -18.60 -22.61
C SER B 344 -9.35 -18.33 -22.66
N SER B 345 -8.84 -18.03 -23.86
CA SER B 345 -7.42 -17.74 -24.01
C SER B 345 -7.01 -16.55 -23.16
N ALA B 346 -7.86 -15.52 -23.16
CA ALA B 346 -7.62 -14.33 -22.36
C ALA B 346 -7.52 -14.66 -20.87
N VAL B 347 -8.46 -15.46 -20.38
CA VAL B 347 -8.49 -15.83 -18.97
C VAL B 347 -7.24 -16.61 -18.55
N HIS B 348 -6.86 -17.61 -19.34
CA HIS B 348 -5.64 -18.36 -19.05
C HIS B 348 -4.41 -17.46 -19.08
N ILE B 349 -4.37 -16.54 -20.03
CA ILE B 349 -3.27 -15.58 -20.14
C ILE B 349 -3.19 -14.69 -18.91
N LEU B 350 -4.32 -14.12 -18.50
CA LEU B 350 -4.35 -13.21 -17.36
C LEU B 350 -4.01 -13.92 -16.05
N ARG B 351 -4.46 -15.17 -15.89
CA ARG B 351 -4.12 -15.96 -14.70
C ARG B 351 -2.62 -16.20 -14.60
N ALA B 352 -2.00 -16.48 -15.74
CA ALA B 352 -0.55 -16.69 -15.80
C ALA B 352 0.21 -15.46 -15.30
N CYS B 353 -0.28 -14.29 -15.66
CA CYS B 353 0.31 -13.02 -15.25
C CYS B 353 0.28 -12.87 -13.74
N LEU B 354 -0.81 -13.29 -13.10
CA LEU B 354 -0.94 -13.13 -11.65
C LEU B 354 -0.20 -14.21 -10.88
N GLY B 355 0.33 -15.21 -11.60
CA GLY B 355 1.20 -16.19 -10.98
C GLY B 355 0.67 -17.61 -10.98
N HIS B 356 -0.41 -17.87 -11.72
CA HIS B 356 -0.93 -19.23 -11.80
C HIS B 356 0.09 -20.15 -12.47
N CYS B 357 0.31 -21.30 -11.85
CA CYS B 357 1.29 -22.27 -12.31
CA CYS B 357 1.28 -22.25 -12.35
C CYS B 357 0.61 -23.54 -12.82
N ARG B 358 0.93 -23.93 -14.05
CA ARG B 358 0.34 -25.12 -14.65
C ARG B 358 0.81 -26.40 -13.97
N SER B 359 1.92 -26.31 -13.24
CA SER B 359 2.45 -27.47 -12.52
C SER B 359 1.83 -27.65 -11.14
N GLY B 360 0.73 -26.93 -10.89
CA GLY B 360 -0.03 -27.12 -9.67
C GLY B 360 0.28 -26.15 -8.54
N HIS B 361 -0.66 -26.05 -7.60
CA HIS B 361 -0.48 -25.23 -6.40
C HIS B 361 -0.75 -26.07 -5.15
N LEU B 362 0.04 -25.85 -4.11
CA LEU B 362 -0.19 -26.51 -2.82
C LEU B 362 -1.41 -25.90 -2.14
N PRO B 363 -2.18 -26.73 -1.43
CA PRO B 363 -3.38 -26.24 -0.75
C PRO B 363 -3.01 -25.43 0.49
N PHE B 364 -3.82 -24.43 0.82
CA PHE B 364 -3.55 -23.57 1.97
C PHE B 364 -3.86 -24.29 3.27
N LYS B 365 -4.66 -25.36 3.18
CA LYS B 365 -4.90 -26.24 4.32
C LYS B 365 -5.06 -27.68 3.86
N VAL B 366 -4.18 -28.54 4.35
CA VAL B 366 -4.19 -29.96 3.99
C VAL B 366 -5.29 -30.70 4.75
N ARG B 367 -6.02 -31.55 4.03
CA ARG B 367 -7.12 -32.30 4.62
C ARG B 367 -6.73 -33.77 4.87
N ASN B 368 -7.08 -34.28 6.04
CA ASN B 368 -6.94 -35.71 6.30
C ASN B 368 -8.27 -36.34 6.72
N LEU B 369 -8.32 -37.68 6.72
CA LEU B 369 -9.54 -38.39 7.11
C LEU B 369 -9.72 -38.46 8.62
N THR B 370 -8.63 -38.76 9.33
CA THR B 370 -8.69 -39.00 10.76
C THR B 370 -9.15 -37.80 11.57
N ASP B 371 -9.02 -36.60 11.03
CA ASP B 371 -9.51 -35.41 11.72
C ASP B 371 -11.02 -35.26 11.55
N GLN B 372 -11.53 -35.79 10.45
CA GLN B 372 -12.97 -35.82 10.21
C GLN B 372 -13.62 -37.01 10.91
N GLY B 373 -12.81 -37.77 11.64
CA GLY B 373 -13.29 -38.93 12.37
C GLY B 373 -13.86 -40.00 11.45
N ILE B 374 -13.27 -40.13 10.26
CA ILE B 374 -13.73 -41.08 9.28
C ILE B 374 -12.72 -42.21 9.11
N MET B 375 -13.21 -43.43 8.97
CA MET B 375 -12.35 -44.61 8.91
C MET B 375 -11.77 -44.86 7.52
N SER B 376 -10.46 -44.69 7.40
CA SER B 376 -9.78 -44.92 6.14
C SER B 376 -9.72 -46.41 5.85
N ARG B 377 -9.50 -46.76 4.59
CA ARG B 377 -9.37 -48.15 4.19
C ARG B 377 -8.12 -48.74 4.83
N ALA B 378 -7.10 -47.91 5.00
CA ALA B 378 -5.85 -48.33 5.62
C ALA B 378 -6.07 -48.65 7.10
N ALA B 379 -6.90 -47.84 7.76
CA ALA B 379 -7.19 -48.06 9.17
C ALA B 379 -8.05 -49.30 9.38
N HIS B 380 -8.91 -49.58 8.41
CA HIS B 380 -9.78 -50.75 8.48
C HIS B 380 -8.97 -52.04 8.46
N MET B 381 -7.97 -52.08 7.59
CA MET B 381 -7.18 -53.29 7.41
C MET B 381 -6.21 -53.53 8.57
N GLN B 382 -5.94 -52.49 9.34
CA GLN B 382 -5.08 -52.63 10.52
C GLN B 382 -5.69 -53.60 11.52
N THR B 383 -7.01 -53.53 11.67
CA THR B 383 -7.73 -54.45 12.54
C THR B 383 -8.34 -55.60 11.74
N PRO C 38 29.23 0.90 28.83
CA PRO C 38 28.41 1.23 27.65
C PRO C 38 27.01 0.60 27.72
N LYS C 39 26.12 1.23 28.48
CA LYS C 39 24.72 0.78 28.55
C LYS C 39 23.76 1.94 28.35
N LEU C 40 22.81 1.75 27.42
CA LEU C 40 21.94 2.85 26.98
C LEU C 40 20.63 2.93 27.78
N LEU C 41 20.11 4.15 27.92
CA LEU C 41 18.81 4.35 28.54
C LEU C 41 17.70 3.93 27.59
N TYR C 42 17.90 4.17 26.31
CA TYR C 42 16.97 3.73 25.27
C TYR C 42 17.72 2.94 24.22
N THR C 43 17.27 1.72 23.93
CA THR C 43 17.91 0.89 22.94
C THR C 43 17.04 0.70 21.70
N SER C 44 15.76 1.04 21.84
CA SER C 44 14.84 1.03 20.71
C SER C 44 14.09 2.35 20.63
N ALA C 45 13.74 2.76 19.43
CA ALA C 45 12.97 3.99 19.25
C ALA C 45 12.10 3.90 18.00
N ASN C 46 10.98 4.60 18.03
CA ASN C 46 10.10 4.69 16.88
C ASN C 46 10.20 6.04 16.18
N PHE C 47 10.04 6.04 14.86
CA PHE C 47 10.09 7.26 14.08
C PHE C 47 8.77 7.47 13.38
N LEU C 48 8.23 8.68 13.48
CA LEU C 48 6.90 8.97 12.96
C LEU C 48 6.89 10.35 12.29
N GLY C 49 6.47 10.38 11.03
CA GLY C 49 6.38 11.63 10.31
C GLY C 49 4.97 12.17 10.27
N ILE C 50 4.81 13.47 10.49
CA ILE C 50 3.51 14.13 10.39
C ILE C 50 3.63 15.41 9.57
N PRO C 51 3.32 15.33 8.27
CA PRO C 51 3.51 16.44 7.33
C PRO C 51 2.39 17.48 7.37
N THR C 52 2.01 17.93 8.56
CA THR C 52 1.00 18.97 8.71
C THR C 52 1.46 20.28 8.08
N ASN C 53 0.61 20.86 7.24
CA ASN C 53 0.92 22.12 6.58
C ASN C 53 -0.26 23.08 6.57
N ARG C 54 -1.34 22.69 7.26
CA ARG C 54 -2.55 23.50 7.32
C ARG C 54 -2.66 24.28 8.62
N GLY C 55 -1.57 24.31 9.39
CA GLY C 55 -1.54 25.06 10.63
C GLY C 55 -0.98 26.46 10.42
N GLN C 56 -0.39 26.66 9.25
CA GLN C 56 0.21 27.95 8.89
C GLN C 56 0.27 28.09 7.37
N PRO C 57 0.26 29.33 6.85
CA PRO C 57 0.09 29.55 5.41
C PRO C 57 1.30 29.22 4.53
N LYS C 58 2.50 29.17 5.10
CA LYS C 58 3.68 28.91 4.29
C LYS C 58 3.80 27.42 3.92
N ILE C 59 3.78 27.14 2.62
CA ILE C 59 3.87 25.77 2.13
C ILE C 59 5.29 25.25 2.30
N GLY C 60 5.42 24.00 2.72
CA GLY C 60 6.74 23.40 2.83
C GLY C 60 6.97 22.54 4.06
N THR C 61 6.26 22.82 5.15
CA THR C 61 6.44 22.07 6.38
C THR C 61 6.05 20.60 6.21
N TYR C 62 5.32 20.30 5.14
CA TYR C 62 4.96 18.92 4.84
C TYR C 62 6.18 18.13 4.37
N GLN C 63 7.21 18.85 3.92
CA GLN C 63 8.46 18.22 3.49
C GLN C 63 9.41 17.99 4.66
N GLY C 64 9.01 18.45 5.84
CA GLY C 64 9.78 18.25 7.06
C GLY C 64 10.24 16.83 7.32
N PRO C 65 9.29 15.88 7.44
CA PRO C 65 9.62 14.47 7.64
C PRO C 65 10.67 13.93 6.66
N GLU C 66 10.53 14.29 5.38
CA GLU C 66 11.45 13.82 4.36
C GLU C 66 12.84 14.44 4.52
N LEU C 67 12.89 15.65 5.06
CA LEU C 67 14.15 16.34 5.28
C LEU C 67 15.02 15.56 6.27
N ILE C 68 14.38 14.90 7.23
CA ILE C 68 15.09 14.10 8.20
C ILE C 68 15.37 12.69 7.67
N ARG C 69 14.41 12.14 6.94
CA ARG C 69 14.57 10.82 6.34
C ARG C 69 15.71 10.78 5.33
N LYS C 70 15.87 11.85 4.56
CA LYS C 70 16.92 11.89 3.54
C LYS C 70 18.26 12.36 4.10
N SER C 71 18.32 12.52 5.43
CA SER C 71 19.57 12.83 6.09
C SER C 71 20.23 11.53 6.56
N ASN C 72 21.33 11.66 7.29
CA ASN C 72 22.01 10.49 7.84
C ASN C 72 21.61 10.22 9.28
N PHE C 73 20.43 10.72 9.67
CA PHE C 73 19.94 10.59 11.03
C PHE C 73 19.76 9.13 11.45
N PHE C 74 19.14 8.33 10.58
CA PHE C 74 18.92 6.93 10.86
C PHE C 74 20.25 6.17 11.05
N GLN C 75 21.21 6.45 10.17
CA GLN C 75 22.51 5.79 10.23
C GLN C 75 23.24 6.13 11.52
N LEU C 76 23.28 7.41 11.86
CA LEU C 76 23.96 7.87 13.07
C LEU C 76 23.33 7.26 14.32
N VAL C 77 22.00 7.13 14.30
CA VAL C 77 21.27 6.50 15.38
C VAL C 77 21.66 5.03 15.49
N ALA C 78 21.75 4.36 14.36
CA ALA C 78 22.13 2.95 14.31
C ALA C 78 23.52 2.74 14.91
N GLU C 79 24.43 3.66 14.61
CA GLU C 79 25.81 3.55 15.07
C GLU C 79 25.94 3.88 16.56
N ASP C 80 24.87 4.42 17.14
CA ASP C 80 24.84 4.66 18.57
C ASP C 80 24.32 3.42 19.27
N GLY C 81 23.85 2.47 18.48
CA GLY C 81 23.35 1.21 19.01
C GLY C 81 21.87 1.23 19.36
N ILE C 82 21.11 2.02 18.62
CA ILE C 82 19.68 2.12 18.83
C ILE C 82 18.94 1.57 17.61
N GLN C 83 17.95 0.71 17.86
CA GLN C 83 17.15 0.15 16.77
C GLN C 83 15.95 1.05 16.48
N LEU C 84 16.04 1.80 15.38
CA LEU C 84 15.03 2.80 15.05
C LEU C 84 14.05 2.30 13.99
N THR C 85 12.80 2.12 14.40
CA THR C 85 11.76 1.61 13.51
C THR C 85 10.97 2.75 12.87
N ASP C 86 11.07 2.87 11.54
CA ASP C 86 10.29 3.85 10.80
C ASP C 86 8.83 3.40 10.77
N CYS C 87 7.97 4.14 11.48
CA CYS C 87 6.55 3.80 11.54
C CYS C 87 5.74 4.57 10.52
N GLY C 88 6.42 5.11 9.50
CA GLY C 88 5.76 5.77 8.40
C GLY C 88 5.28 7.19 8.69
N ASP C 89 4.36 7.66 7.85
CA ASP C 89 3.81 9.00 7.98
C ASP C 89 2.31 8.96 8.23
N ILE C 90 1.83 9.86 9.10
CA ILE C 90 0.40 10.07 9.24
C ILE C 90 -0.08 10.95 8.10
N ILE C 91 -1.22 10.62 7.51
CA ILE C 91 -1.78 11.43 6.44
C ILE C 91 -2.76 12.45 7.01
N PRO C 92 -2.39 13.73 6.99
CA PRO C 92 -3.26 14.79 7.53
C PRO C 92 -4.52 14.93 6.68
N VAL C 93 -5.61 15.31 7.32
CA VAL C 93 -6.85 15.61 6.60
C VAL C 93 -6.75 17.05 6.10
N GLU C 94 -6.90 17.23 4.79
CA GLU C 94 -6.81 18.56 4.19
C GLU C 94 -8.02 18.88 3.33
N LEU C 95 -9.03 19.47 3.95
CA LEU C 95 -10.27 19.80 3.27
C LEU C 95 -10.09 21.01 2.36
N ASN C 96 -11.04 21.23 1.45
CA ASN C 96 -10.99 22.40 0.57
C ASN C 96 -11.67 23.61 1.20
N GLU C 97 -11.56 24.74 0.52
CA GLU C 97 -12.14 26.01 0.97
C GLU C 97 -13.59 25.89 1.41
N ALA C 98 -14.42 25.31 0.54
CA ALA C 98 -15.85 25.21 0.79
C ALA C 98 -16.18 24.33 2.00
N GLU C 99 -15.38 23.30 2.22
CA GLU C 99 -15.64 22.35 3.30
C GLU C 99 -15.13 22.88 4.64
N ASP C 100 -14.13 23.76 4.59
CA ASP C 100 -13.47 24.21 5.80
C ASP C 100 -13.33 25.73 5.86
N PRO C 101 -14.45 26.45 5.95
CA PRO C 101 -14.37 27.91 5.98
C PRO C 101 -13.97 28.41 7.37
N GLN C 102 -13.61 29.69 7.46
CA GLN C 102 -13.25 30.30 8.74
C GLN C 102 -14.36 30.13 9.77
N ARG C 103 -13.98 29.75 10.98
CA ARG C 103 -14.91 29.72 12.11
C ARG C 103 -14.20 30.26 13.32
N PHE C 104 -14.79 31.29 13.93
CA PHE C 104 -14.18 32.00 15.06
C PHE C 104 -12.75 32.45 14.75
N GLY C 105 -12.54 32.94 13.54
CA GLY C 105 -11.23 33.45 13.14
C GLY C 105 -10.26 32.36 12.70
N MET C 106 -10.56 31.12 13.07
CA MET C 106 -9.67 30.00 12.79
C MET C 106 -9.62 29.63 11.32
N LYS C 107 -8.42 29.34 10.82
CA LYS C 107 -8.24 28.90 9.46
C LYS C 107 -7.96 27.41 9.41
N TRP C 108 -8.74 26.71 8.59
CA TRP C 108 -8.65 25.25 8.45
C TRP C 108 -8.93 24.51 9.76
N SER C 109 -9.93 24.99 10.51
CA SER C 109 -10.24 24.42 11.82
C SER C 109 -10.81 23.01 11.76
N ARG C 110 -11.51 22.69 10.67
CA ARG C 110 -12.07 21.34 10.52
C ARG C 110 -10.99 20.38 10.05
N SER C 111 -10.10 20.86 9.19
CA SER C 111 -8.92 20.10 8.82
C SER C 111 -8.10 19.82 10.07
N PHE C 112 -8.07 20.80 10.97
CA PHE C 112 -7.35 20.67 12.23
C PHE C 112 -7.92 19.58 13.12
N SER C 113 -9.21 19.66 13.41
CA SER C 113 -9.85 18.73 14.35
C SER C 113 -9.81 17.30 13.86
N LEU C 114 -10.03 17.11 12.56
CA LEU C 114 -10.00 15.78 11.97
C LEU C 114 -8.58 15.19 11.96
N THR C 115 -7.61 16.03 11.65
CA THR C 115 -6.21 15.61 11.67
C THR C 115 -5.77 15.32 13.10
N THR C 116 -6.25 16.15 14.03
CA THR C 116 -5.94 15.99 15.44
C THR C 116 -6.35 14.61 15.94
N LEU C 117 -7.61 14.25 15.70
CA LEU C 117 -8.15 12.96 16.13
C LEU C 117 -7.42 11.79 15.46
N ARG C 118 -7.01 11.99 14.22
CA ARG C 118 -6.30 10.95 13.48
C ARG C 118 -4.89 10.74 14.04
N ILE C 119 -4.19 11.85 14.30
CA ILE C 119 -2.87 11.82 14.90
C ILE C 119 -2.92 11.15 16.26
N ALA C 120 -3.87 11.58 17.08
CA ALA C 120 -4.02 11.08 18.45
C ALA C 120 -4.21 9.58 18.48
N GLU C 121 -4.97 9.06 17.52
CA GLU C 121 -5.26 7.63 17.46
C GLU C 121 -3.98 6.83 17.21
N ARG C 122 -3.21 7.26 16.22
CA ARG C 122 -1.98 6.57 15.85
C ARG C 122 -0.92 6.65 16.95
N VAL C 123 -0.78 7.82 17.57
CA VAL C 123 0.20 8.02 18.62
C VAL C 123 -0.14 7.18 19.85
N GLU C 124 -1.41 7.18 20.24
CA GLU C 124 -1.88 6.34 21.35
C GLU C 124 -1.55 4.88 21.09
N GLU C 125 -1.80 4.45 19.85
CA GLU C 125 -1.52 3.08 19.42
C GLU C 125 -0.05 2.74 19.61
N LEU C 126 0.81 3.60 19.08
CA LEU C 126 2.26 3.40 19.15
C LEU C 126 2.77 3.38 20.59
N MET C 127 2.24 4.27 21.42
CA MET C 127 2.68 4.35 22.81
C MET C 127 2.15 3.17 23.63
N LYS C 128 1.01 2.63 23.24
CA LYS C 128 0.42 1.52 23.97
C LYS C 128 1.03 0.17 23.59
N GLN C 129 1.60 0.09 22.39
CA GLN C 129 2.36 -1.09 22.00
C GLN C 129 3.72 -1.04 22.65
N SER C 130 4.04 0.12 23.23
CA SER C 130 5.32 0.33 23.91
C SER C 130 5.21 0.08 25.41
N SER C 142 12.33 1.79 28.13
CA SER C 142 11.17 2.33 27.42
C SER C 142 11.53 2.66 25.97
N THR C 143 10.52 2.68 25.10
CA THR C 143 10.73 2.98 23.70
C THR C 143 10.21 4.37 23.35
N PRO C 144 11.13 5.35 23.26
CA PRO C 144 10.73 6.73 22.93
C PRO C 144 10.22 6.85 21.50
N LEU C 145 9.29 7.77 21.30
CA LEU C 145 8.75 8.03 19.96
C LEU C 145 9.34 9.35 19.45
N VAL C 146 10.00 9.28 18.30
CA VAL C 146 10.49 10.49 17.64
C VAL C 146 9.54 10.90 16.54
N ILE C 147 9.02 12.13 16.65
CA ILE C 147 8.06 12.65 15.69
C ILE C 147 8.61 13.87 14.94
N VAL C 148 8.50 13.84 13.62
CA VAL C 148 8.94 14.97 12.81
C VAL C 148 7.79 15.59 12.03
N GLY C 149 7.52 16.86 12.31
CA GLY C 149 6.52 17.62 11.57
C GLY C 149 7.13 18.25 10.32
N GLY C 150 6.35 19.07 9.63
CA GLY C 150 4.99 19.41 10.03
C GLY C 150 4.97 20.64 10.93
N ASP C 151 3.97 21.49 10.74
CA ASP C 151 3.84 22.66 11.60
C ASP C 151 3.37 22.25 12.99
N HIS C 152 3.52 23.16 13.94
CA HIS C 152 3.36 22.81 15.35
C HIS C 152 1.93 22.49 15.77
N SER C 153 0.96 22.67 14.87
CA SER C 153 -0.43 22.37 15.19
C SER C 153 -0.66 20.88 15.43
N MET C 154 0.29 20.05 14.99
CA MET C 154 0.22 18.60 15.19
C MET C 154 0.27 18.25 16.67
N ALA C 155 0.80 19.16 17.47
CA ALA C 155 1.02 18.91 18.89
C ALA C 155 -0.26 18.61 19.67
N THR C 156 -1.38 19.17 19.23
CA THR C 156 -2.66 18.96 19.91
C THR C 156 -3.04 17.49 19.89
N GLY C 157 -3.00 16.88 18.71
CA GLY C 157 -3.32 15.47 18.58
C GLY C 157 -2.20 14.60 19.11
N THR C 158 -0.97 15.06 18.89
CA THR C 158 0.20 14.33 19.31
C THR C 158 0.26 14.17 20.83
N ILE C 159 -0.09 15.23 21.57
CA ILE C 159 -0.10 15.18 23.02
C ILE C 159 -1.34 14.44 23.51
N LEU C 160 -2.45 14.66 22.81
CA LEU C 160 -3.70 14.01 23.14
C LEU C 160 -3.58 12.49 23.10
N GLY C 161 -2.96 11.99 22.04
CA GLY C 161 -2.76 10.56 21.89
C GLY C 161 -1.79 10.03 22.92
N HIS C 162 -0.71 10.79 23.13
CA HIS C 162 0.31 10.42 24.11
C HIS C 162 -0.29 10.36 25.51
N ALA C 163 -1.16 11.31 25.82
CA ALA C 163 -1.78 11.37 27.14
C ALA C 163 -2.77 10.23 27.36
N GLU C 164 -3.28 9.67 26.27
CA GLU C 164 -4.21 8.54 26.38
C GLU C 164 -3.48 7.30 26.86
N ALA C 165 -2.19 7.24 26.56
CA ALA C 165 -1.36 6.11 26.99
C ALA C 165 -0.64 6.42 28.30
N LYS C 166 -0.36 7.69 28.54
CA LYS C 166 0.32 8.12 29.76
C LYS C 166 -0.27 9.43 30.29
N PRO C 167 -1.41 9.33 31.00
CA PRO C 167 -2.21 10.49 31.45
C PRO C 167 -1.44 11.36 32.45
N ASP C 168 -0.37 10.83 32.99
CA ASP C 168 0.38 11.48 34.07
C ASP C 168 1.51 12.36 33.53
N LEU C 169 1.61 12.46 32.21
CA LEU C 169 2.77 13.09 31.57
C LEU C 169 2.98 14.56 31.91
N CYS C 170 4.19 15.05 31.61
CA CYS C 170 4.48 16.46 31.65
C CYS C 170 4.95 16.89 30.27
N VAL C 171 4.80 18.17 29.96
CA VAL C 171 5.19 18.69 28.66
C VAL C 171 6.29 19.75 28.79
N LEU C 172 7.37 19.55 28.05
CA LEU C 172 8.40 20.57 27.92
C LEU C 172 8.30 21.20 26.54
N TRP C 173 7.95 22.48 26.51
CA TRP C 173 7.69 23.18 25.27
C TRP C 173 8.86 24.09 24.93
N ILE C 174 9.67 23.66 23.97
CA ILE C 174 10.83 24.44 23.54
C ILE C 174 10.45 25.23 22.29
N ASP C 175 10.35 26.55 22.44
CA ASP C 175 9.76 27.39 21.41
C ASP C 175 10.04 28.86 21.69
N ALA C 176 10.13 29.65 20.63
CA ALA C 176 10.22 31.10 20.77
C ALA C 176 8.83 31.65 21.07
N HIS C 177 7.81 30.86 20.75
CA HIS C 177 6.43 31.28 20.89
C HIS C 177 5.66 30.42 21.89
N GLY C 178 4.60 30.98 22.45
CA GLY C 178 3.80 30.29 23.45
C GLY C 178 2.88 29.24 22.87
N ASP C 179 2.46 29.45 21.61
CA ASP C 179 1.55 28.54 20.92
C ASP C 179 0.30 28.25 21.75
N ILE C 180 -0.17 29.26 22.48
CA ILE C 180 -1.28 29.08 23.41
C ILE C 180 -2.34 30.17 23.21
N ASN C 181 -2.36 30.75 22.01
CA ASN C 181 -3.42 31.67 21.63
C ASN C 181 -4.76 30.96 21.69
N THR C 182 -5.73 31.57 22.36
CA THR C 182 -7.11 31.11 22.27
C THR C 182 -7.73 31.70 20.99
N PRO C 183 -8.55 30.91 20.29
CA PRO C 183 -9.09 31.24 18.96
C PRO C 183 -9.56 32.69 18.78
N LEU C 184 -10.30 33.21 19.76
CA LEU C 184 -10.83 34.57 19.67
C LEU C 184 -9.76 35.65 19.85
N ASN C 185 -8.57 35.24 20.30
CA ASN C 185 -7.48 36.18 20.52
C ASN C 185 -6.40 36.11 19.44
N SER C 186 -6.45 35.07 18.62
CA SER C 186 -5.47 34.90 17.56
C SER C 186 -5.55 35.98 16.50
N ALA C 187 -4.43 36.66 16.26
CA ALA C 187 -4.38 37.71 15.25
C ALA C 187 -4.40 37.11 13.85
N SER C 188 -3.92 35.88 13.72
CA SER C 188 -3.73 35.25 12.42
C SER C 188 -4.80 34.21 12.09
N GLY C 189 -5.25 33.48 13.10
CA GLY C 189 -6.16 32.38 12.88
C GLY C 189 -5.41 31.12 12.49
N ASN C 190 -4.08 31.22 12.49
CA ASN C 190 -3.23 30.08 12.19
C ASN C 190 -3.22 29.08 13.35
N MET C 191 -3.60 27.85 13.06
CA MET C 191 -3.78 26.84 14.10
C MET C 191 -2.50 26.47 14.84
N HIS C 192 -1.35 26.66 14.19
CA HIS C 192 -0.07 26.28 14.80
C HIS C 192 0.32 27.20 15.96
N GLY C 193 -0.45 28.26 16.17
CA GLY C 193 -0.23 29.17 17.27
C GLY C 193 -1.24 28.95 18.39
N MET C 194 -2.09 27.95 18.22
CA MET C 194 -3.07 27.59 19.25
C MET C 194 -3.05 26.15 19.78
N PRO C 195 -2.01 25.34 19.50
CA PRO C 195 -2.21 23.93 19.86
C PRO C 195 -2.36 23.64 21.36
N LEU C 196 -1.71 24.42 22.22
CA LEU C 196 -1.76 24.19 23.66
C LEU C 196 -3.10 24.61 24.28
N SER C 197 -3.77 25.58 23.67
CA SER C 197 -5.00 26.14 24.22
C SER C 197 -6.12 25.09 24.35
N PHE C 198 -6.22 24.20 23.37
CA PHE C 198 -7.24 23.15 23.40
C PHE C 198 -6.93 22.04 24.41
N LEU C 199 -5.67 21.95 24.81
CA LEU C 199 -5.23 20.88 25.70
C LEU C 199 -5.25 21.28 27.17
N VAL C 200 -5.13 22.57 27.46
CA VAL C 200 -5.05 23.04 28.84
C VAL C 200 -6.42 23.20 29.48
N LYS C 201 -6.67 22.38 30.51
CA LYS C 201 -7.95 22.36 31.21
C LYS C 201 -8.40 23.74 31.68
N GLU C 202 -7.47 24.53 32.22
CA GLU C 202 -7.79 25.81 32.80
C GLU C 202 -8.28 26.86 31.79
N LEU C 203 -8.02 26.61 30.51
CA LEU C 203 -8.37 27.58 29.46
C LEU C 203 -9.67 27.25 28.73
N GLN C 204 -10.37 26.21 29.19
CA GLN C 204 -11.53 25.70 28.45
C GLN C 204 -12.74 26.64 28.41
N ASP C 205 -12.77 27.62 29.30
CA ASP C 205 -13.82 28.64 29.25
C ASP C 205 -13.47 29.74 28.25
N GLN C 206 -12.41 29.51 27.48
CA GLN C 206 -11.97 30.45 26.46
C GLN C 206 -11.93 29.80 25.09
N ILE C 207 -12.31 28.52 25.01
CA ILE C 207 -12.36 27.83 23.74
C ILE C 207 -13.80 27.79 23.23
N PRO C 208 -14.05 28.40 22.07
CA PRO C 208 -15.40 28.44 21.49
C PRO C 208 -15.87 27.03 21.16
N TRP C 209 -17.12 26.72 21.50
CA TRP C 209 -17.64 25.39 21.24
C TRP C 209 -17.88 25.12 19.76
N LEU C 210 -17.36 23.99 19.30
CA LEU C 210 -17.63 23.49 17.96
C LEU C 210 -17.84 21.98 18.04
N ASP C 211 -18.84 21.48 17.32
CA ASP C 211 -19.21 20.07 17.38
C ASP C 211 -18.04 19.13 17.09
N ASP C 212 -17.27 19.43 16.05
CA ASP C 212 -16.17 18.57 15.65
C ASP C 212 -14.97 18.66 16.58
N PHE C 213 -15.10 19.44 17.65
CA PHE C 213 -14.04 19.62 18.62
C PHE C 213 -14.32 18.88 19.93
N GLU C 214 -15.39 18.09 19.94
CA GLU C 214 -15.78 17.37 21.15
C GLU C 214 -14.79 16.25 21.50
N GLY C 215 -14.26 15.60 20.47
CA GLY C 215 -13.31 14.52 20.66
C GLY C 215 -11.96 15.00 21.15
N ILE C 216 -11.70 16.29 20.97
CA ILE C 216 -10.46 16.89 21.45
C ILE C 216 -10.61 17.31 22.90
N LYS C 217 -10.35 16.39 23.82
CA LYS C 217 -10.52 16.67 25.24
C LYS C 217 -9.22 17.18 25.88
N PRO C 218 -9.32 18.29 26.63
CA PRO C 218 -8.19 18.87 27.36
C PRO C 218 -7.62 17.89 28.38
N CYS C 219 -6.36 17.51 28.19
CA CYS C 219 -5.74 16.48 29.01
C CYS C 219 -4.54 17.00 29.79
N LEU C 220 -4.29 18.30 29.71
CA LEU C 220 -3.18 18.92 30.42
C LEU C 220 -3.65 19.89 31.50
N ASN C 221 -3.08 19.77 32.69
CA ASN C 221 -3.21 20.83 33.69
C ASN C 221 -2.11 21.84 33.43
N ALA C 222 -2.37 23.10 33.79
CA ALA C 222 -1.39 24.16 33.58
C ALA C 222 -0.07 23.85 34.29
N SER C 223 -0.15 23.08 35.36
CA SER C 223 1.02 22.77 36.19
C SER C 223 1.91 21.69 35.58
N ASN C 224 1.49 21.11 34.47
CA ASN C 224 2.25 20.05 33.83
C ASN C 224 3.07 20.54 32.64
N ILE C 225 3.04 21.84 32.39
CA ILE C 225 3.73 22.42 31.25
C ILE C 225 4.85 23.35 31.68
N ALA C 226 5.98 23.28 30.98
CA ALA C 226 7.07 24.24 31.18
C ALA C 226 7.62 24.70 29.84
N TYR C 227 7.72 26.02 29.67
CA TYR C 227 8.28 26.60 28.45
C TYR C 227 9.76 26.89 28.59
N ILE C 228 10.51 26.71 27.52
CA ILE C 228 11.89 27.20 27.46
C ILE C 228 12.18 27.83 26.10
N GLY C 229 12.63 29.08 26.11
CA GLY C 229 13.09 29.73 24.90
C GLY C 229 12.21 30.87 24.40
N LEU C 230 11.15 31.16 25.15
CA LEU C 230 10.19 32.19 24.76
C LEU C 230 10.84 33.55 24.53
N ARG C 231 10.46 34.22 23.45
CA ARG C 231 10.96 35.56 23.16
C ARG C 231 10.02 36.41 22.31
N ASP C 232 8.86 35.85 21.96
CA ASP C 232 7.88 36.58 21.16
C ASP C 232 6.46 36.24 21.59
N LEU C 233 6.13 36.54 22.85
CA LEU C 233 4.81 36.23 23.39
C LEU C 233 3.79 37.29 23.02
N ASP C 234 2.57 36.84 22.70
CA ASP C 234 1.45 37.74 22.54
C ASP C 234 0.99 38.17 23.94
N ALA C 235 0.42 39.36 24.05
CA ALA C 235 0.01 39.91 25.34
C ALA C 235 -0.96 38.99 26.10
N HIS C 236 -1.93 38.45 25.38
CA HIS C 236 -2.94 37.61 26.00
C HIS C 236 -2.38 36.24 26.37
N GLU C 237 -1.37 35.79 25.63
CA GLU C 237 -0.65 34.58 26.02
C GLU C 237 0.06 34.81 27.35
N THR C 238 0.71 35.96 27.47
CA THR C 238 1.38 36.34 28.71
C THR C 238 0.41 36.36 29.87
N HIS C 239 -0.79 36.89 29.63
CA HIS C 239 -1.83 36.93 30.65
C HIS C 239 -2.22 35.54 31.13
N ASP C 240 -2.51 34.65 30.19
CA ASP C 240 -2.95 33.29 30.52
C ASP C 240 -1.86 32.49 31.23
N ILE C 241 -0.62 32.61 30.73
CA ILE C 241 0.50 31.88 31.29
C ILE C 241 0.74 32.25 32.76
N ARG C 242 0.71 33.54 33.06
CA ARG C 242 0.92 34.01 34.41
C ARG C 242 -0.28 33.72 35.32
N LYS C 243 -1.48 33.94 34.79
CA LYS C 243 -2.71 33.74 35.56
C LYS C 243 -2.87 32.30 36.03
N HIS C 244 -2.55 31.35 35.16
CA HIS C 244 -2.75 29.94 35.48
C HIS C 244 -1.46 29.25 35.94
N GLY C 245 -0.43 30.04 36.19
CA GLY C 245 0.81 29.53 36.76
C GLY C 245 1.56 28.52 35.92
N ILE C 246 1.54 28.69 34.61
CA ILE C 246 2.34 27.83 33.75
C ILE C 246 3.81 28.22 33.85
N ALA C 247 4.66 27.26 34.22
CA ALA C 247 6.08 27.49 34.33
C ALA C 247 6.67 27.88 32.99
N TYR C 248 7.46 28.95 32.96
CA TYR C 248 8.05 29.39 31.71
C TYR C 248 9.39 30.09 31.89
N PHE C 249 10.31 29.82 30.99
CA PHE C 249 11.63 30.42 31.03
C PHE C 249 11.95 31.04 29.67
N THR C 250 11.93 32.37 29.63
CA THR C 250 12.18 33.11 28.41
C THR C 250 13.68 33.22 28.15
N MET C 251 14.05 33.84 27.02
CA MET C 251 15.46 34.05 26.71
C MET C 251 16.11 35.03 27.69
N LEU C 252 15.28 35.89 28.28
CA LEU C 252 15.75 36.76 29.36
C LEU C 252 16.21 35.89 30.50
N ASP C 253 15.40 34.89 30.85
CA ASP C 253 15.72 33.96 31.91
C ASP C 253 16.96 33.11 31.58
N VAL C 254 17.07 32.72 30.31
CA VAL C 254 18.24 31.97 29.85
C VAL C 254 19.49 32.83 30.01
N ASP C 255 19.37 34.11 29.65
CA ASP C 255 20.48 35.05 29.78
C ASP C 255 20.93 35.21 31.23
N ARG C 256 19.97 35.43 32.12
CA ARG C 256 20.28 35.70 33.53
C ARG C 256 20.64 34.44 34.33
N MET C 257 19.94 33.34 34.08
CA MET C 257 20.13 32.14 34.89
C MET C 257 21.13 31.17 34.27
N GLY C 258 21.28 31.22 32.95
CA GLY C 258 22.07 30.23 32.24
C GLY C 258 21.21 29.01 31.93
N ILE C 259 21.50 28.34 30.82
CA ILE C 259 20.66 27.24 30.37
C ILE C 259 20.65 26.08 31.36
N GLU C 260 21.76 25.89 32.08
CA GLU C 260 21.87 24.81 33.04
C GLU C 260 20.82 24.93 34.14
N ALA C 261 20.71 26.12 34.72
CA ALA C 261 19.74 26.36 35.79
C ALA C 261 18.31 26.28 35.27
N VAL C 262 18.09 26.83 34.08
CA VAL C 262 16.77 26.81 33.44
C VAL C 262 16.25 25.38 33.29
N ILE C 263 17.08 24.49 32.77
CA ILE C 263 16.72 23.09 32.59
C ILE C 263 16.42 22.44 33.94
N LYS C 264 17.23 22.75 34.93
CA LYS C 264 17.05 22.22 36.27
C LYS C 264 15.72 22.68 36.86
N GLU C 265 15.42 23.97 36.68
CA GLU C 265 14.19 24.55 37.22
C GLU C 265 12.94 24.09 36.47
N ALA C 266 13.06 23.92 35.15
CA ALA C 266 11.96 23.45 34.33
C ALA C 266 11.55 22.04 34.76
N LEU C 267 12.53 21.14 34.81
CA LEU C 267 12.29 19.77 35.25
C LEU C 267 11.74 19.72 36.66
N LEU C 268 12.24 20.61 37.51
CA LEU C 268 11.80 20.68 38.90
C LEU C 268 10.32 21.04 38.97
N ALA C 269 9.89 21.96 38.12
CA ALA C 269 8.51 22.47 38.17
C ALA C 269 7.44 21.47 37.74
N VAL C 270 7.77 20.62 36.76
CA VAL C 270 6.78 19.71 36.18
C VAL C 270 7.10 18.22 36.38
N ASN C 271 8.32 17.92 36.82
CA ASN C 271 8.70 16.53 37.05
C ASN C 271 9.73 16.42 38.18
N PRO C 272 9.34 16.84 39.40
CA PRO C 272 10.25 17.07 40.52
C PRO C 272 11.05 15.83 40.94
N ARG C 273 10.51 14.66 40.69
CA ARG C 273 11.18 13.43 41.11
C ARG C 273 11.32 12.45 39.94
N LEU C 274 11.19 12.96 38.72
CA LEU C 274 11.32 12.18 37.50
C LEU C 274 10.38 10.99 37.47
N GLU C 275 9.15 11.20 37.96
CA GLU C 275 8.16 10.14 38.00
C GLU C 275 7.28 10.15 36.75
N LYS C 276 7.06 11.34 36.20
CA LYS C 276 6.18 11.50 35.04
C LYS C 276 6.91 11.26 33.73
N ALA C 277 6.22 10.66 32.77
CA ALA C 277 6.75 10.55 31.42
C ALA C 277 6.84 11.94 30.81
N ILE C 278 7.76 12.11 29.86
CA ILE C 278 8.02 13.45 29.33
C ILE C 278 7.65 13.60 27.86
N HIS C 279 6.86 14.63 27.57
CA HIS C 279 6.58 15.02 26.20
C HIS C 279 7.41 16.23 25.82
N LEU C 280 8.43 16.02 24.99
CA LEU C 280 9.30 17.11 24.57
C LEU C 280 8.85 17.65 23.22
N SER C 281 8.22 18.83 23.24
CA SER C 281 7.76 19.46 22.02
C SER C 281 8.74 20.54 21.57
N PHE C 282 9.53 20.22 20.55
CA PHE C 282 10.59 21.10 20.11
C PHE C 282 10.26 21.81 18.81
N ASP C 283 9.90 23.08 18.92
CA ASP C 283 9.76 23.93 17.74
C ASP C 283 11.16 24.35 17.33
N ILE C 284 11.52 24.06 16.09
CA ILE C 284 12.86 24.37 15.58
C ILE C 284 13.19 25.85 15.66
N ASP C 285 12.15 26.71 15.67
CA ASP C 285 12.39 28.15 15.71
C ASP C 285 12.84 28.64 17.08
N ALA C 286 12.86 27.73 18.05
CA ALA C 286 13.41 28.04 19.37
C ALA C 286 14.89 28.35 19.22
N LEU C 287 15.54 27.63 18.30
CA LEU C 287 16.93 27.89 17.97
C LEU C 287 17.05 29.22 17.24
N ASP C 288 18.21 29.84 17.37
CA ASP C 288 18.49 31.09 16.67
C ASP C 288 18.41 30.86 15.15
N PRO C 289 17.88 31.84 14.41
CA PRO C 289 17.82 31.78 12.95
C PRO C 289 19.18 31.56 12.28
N LEU C 290 20.27 31.85 13.00
CA LEU C 290 21.61 31.65 12.45
C LEU C 290 21.94 30.18 12.24
N VAL C 291 21.33 29.31 13.05
CA VAL C 291 21.57 27.87 12.94
C VAL C 291 20.35 27.11 12.46
N ALA C 292 19.19 27.77 12.49
CA ALA C 292 17.96 27.18 11.98
C ALA C 292 17.11 28.18 11.20
N PRO C 293 17.62 28.67 10.07
CA PRO C 293 16.92 29.72 9.30
C PRO C 293 15.69 29.22 8.56
N SER C 294 15.73 28.00 8.04
CA SER C 294 14.62 27.49 7.24
C SER C 294 13.39 27.15 8.06
N THR C 295 12.70 28.18 8.55
CA THR C 295 11.50 28.00 9.35
C THR C 295 10.56 29.19 9.17
N GLY C 296 9.27 28.95 9.36
CA GLY C 296 8.23 29.92 9.04
C GLY C 296 8.22 31.22 9.83
N THR C 297 8.40 31.13 11.15
CA THR C 297 8.37 32.30 12.01
C THR C 297 9.66 32.45 12.80
N ALA C 298 10.73 32.83 12.11
CA ALA C 298 12.04 32.99 12.74
C ALA C 298 12.09 34.25 13.60
N VAL C 299 12.67 34.11 14.79
CA VAL C 299 12.81 35.24 15.71
C VAL C 299 14.24 35.32 16.22
N PRO C 300 14.92 36.45 15.95
CA PRO C 300 16.33 36.65 16.31
C PRO C 300 16.60 36.49 17.81
N GLY C 301 17.85 36.19 18.16
CA GLY C 301 18.24 36.06 19.55
C GLY C 301 17.75 34.76 20.18
N GLY C 302 17.90 33.66 19.46
CA GLY C 302 17.41 32.37 19.93
C GLY C 302 18.42 31.58 20.73
N LEU C 303 18.05 30.35 21.09
CA LEU C 303 18.97 29.43 21.72
C LEU C 303 20.08 29.08 20.74
N THR C 304 21.30 28.97 21.24
CA THR C 304 22.38 28.44 20.42
C THR C 304 22.11 26.95 20.24
N LEU C 305 22.81 26.32 19.31
CA LEU C 305 22.66 24.88 19.12
C LEU C 305 23.06 24.15 20.40
N ARG C 306 24.13 24.63 21.03
CA ARG C 306 24.63 24.04 22.27
C ARG C 306 23.59 24.08 23.39
N GLU C 307 22.93 25.22 23.53
CA GLU C 307 21.87 25.36 24.53
C GLU C 307 20.72 24.39 24.24
N GLY C 308 20.34 24.28 22.98
CA GLY C 308 19.32 23.35 22.57
C GLY C 308 19.75 21.92 22.78
N LEU C 309 21.03 21.65 22.58
CA LEU C 309 21.59 20.32 22.83
C LEU C 309 21.54 19.99 24.31
N ARG C 310 21.88 20.97 25.16
CA ARG C 310 21.86 20.77 26.60
C ARG C 310 20.48 20.39 27.12
N ILE C 311 19.45 21.04 26.60
CA ILE C 311 18.08 20.73 26.96
C ILE C 311 17.77 19.27 26.65
N CYS C 312 18.08 18.87 25.43
CA CYS C 312 17.82 17.50 24.97
C CYS C 312 18.66 16.47 25.71
N GLU C 313 19.92 16.81 25.96
CA GLU C 313 20.82 15.90 26.67
C GLU C 313 20.30 15.61 28.07
N GLU C 314 19.86 16.66 28.77
CA GLU C 314 19.35 16.51 30.12
C GLU C 314 18.00 15.77 30.15
N VAL C 315 17.12 16.14 29.23
CA VAL C 315 15.82 15.47 29.11
C VAL C 315 16.01 13.99 28.85
N SER C 316 16.88 13.67 27.91
CA SER C 316 17.20 12.29 27.57
C SER C 316 17.75 11.52 28.77
N ALA C 317 18.63 12.18 29.53
CA ALA C 317 19.32 11.53 30.64
C ALA C 317 18.39 11.18 31.81
N THR C 318 17.20 11.78 31.84
CA THR C 318 16.24 11.47 32.88
C THR C 318 15.76 10.04 32.75
N GLY C 319 15.81 9.51 31.52
CA GLY C 319 15.32 8.18 31.23
C GLY C 319 13.80 8.18 31.12
N LYS C 320 13.22 9.37 31.13
CA LYS C 320 11.77 9.50 31.09
C LYS C 320 11.28 10.10 29.77
N LEU C 321 12.20 10.26 28.81
CA LEU C 321 11.81 10.76 27.50
C LEU C 321 10.84 9.79 26.84
N SER C 322 9.59 10.22 26.72
CA SER C 322 8.54 9.36 26.19
C SER C 322 8.25 9.70 24.74
N VAL C 323 8.09 10.99 24.46
CA VAL C 323 7.88 11.47 23.10
C VAL C 323 8.69 12.75 22.86
N VAL C 324 9.41 12.79 21.74
CA VAL C 324 10.01 14.03 21.28
C VAL C 324 9.49 14.36 19.89
N GLU C 325 8.99 15.58 19.71
CA GLU C 325 8.54 16.02 18.40
C GLU C 325 9.29 17.26 17.96
N LEU C 326 9.62 17.31 16.68
CA LEU C 326 10.34 18.44 16.11
C LEU C 326 9.46 19.11 15.07
N ALA C 327 9.12 20.38 15.30
CA ALA C 327 8.14 21.05 14.45
C ALA C 327 8.69 22.26 13.69
N GLU C 328 7.96 22.64 12.64
CA GLU C 328 8.21 23.87 11.88
C GLU C 328 9.44 23.85 10.97
N LEU C 329 9.96 22.67 10.66
CA LEU C 329 10.95 22.55 9.60
C LEU C 329 10.30 22.93 8.27
N ASN C 330 10.93 23.81 7.51
CA ASN C 330 10.41 24.17 6.20
C ASN C 330 11.52 24.29 5.15
N PRO C 331 11.75 23.19 4.42
CA PRO C 331 12.80 23.07 3.40
C PRO C 331 12.57 23.98 2.19
N LEU C 332 11.40 24.60 2.09
CA LEU C 332 11.12 25.49 0.96
C LEU C 332 11.44 26.94 1.31
N LEU C 333 11.93 27.15 2.52
CA LEU C 333 12.32 28.48 2.97
C LEU C 333 13.83 28.61 3.05
N GLY C 334 14.35 29.73 2.56
CA GLY C 334 15.78 30.00 2.60
C GLY C 334 16.54 29.37 1.44
N SER C 335 17.86 29.58 1.43
CA SER C 335 18.72 29.03 0.39
C SER C 335 19.01 27.57 0.67
N GLN C 336 19.71 26.92 -0.26
CA GLN C 336 20.08 25.52 -0.08
C GLN C 336 20.99 25.35 1.13
N GLU C 337 21.86 26.32 1.37
CA GLU C 337 22.73 26.28 2.54
C GLU C 337 21.91 26.46 3.81
N ASP C 338 20.92 27.34 3.75
CA ASP C 338 19.98 27.54 4.86
C ASP C 338 19.32 26.22 5.25
N VAL C 339 18.88 25.48 4.23
CA VAL C 339 18.22 24.20 4.43
C VAL C 339 19.15 23.16 5.03
N LEU C 340 20.40 23.15 4.56
CA LEU C 340 21.41 22.23 5.09
C LEU C 340 21.71 22.52 6.56
N LYS C 341 21.81 23.81 6.90
CA LYS C 341 22.05 24.21 8.28
C LYS C 341 20.91 23.77 9.18
N THR C 342 19.68 23.97 8.71
CA THR C 342 18.49 23.64 9.48
C THR C 342 18.35 22.11 9.64
N GLN C 343 18.64 21.39 8.56
CA GLN C 343 18.60 19.93 8.58
C GLN C 343 19.64 19.38 9.56
N SER C 344 20.83 19.97 9.53
CA SER C 344 21.90 19.56 10.42
C SER C 344 21.56 19.81 11.88
N SER C 345 21.04 21.00 12.16
CA SER C 345 20.64 21.37 13.51
C SER C 345 19.58 20.41 14.04
N ALA C 346 18.66 20.03 13.16
CA ALA C 346 17.58 19.12 13.51
C ALA C 346 18.11 17.74 13.88
N VAL C 347 19.09 17.26 13.10
CA VAL C 347 19.68 15.94 13.32
C VAL C 347 20.45 15.87 14.64
N HIS C 348 21.25 16.90 14.92
CA HIS C 348 21.97 16.97 16.18
C HIS C 348 21.01 16.99 17.36
N ILE C 349 19.96 17.79 17.24
CA ILE C 349 18.95 17.91 18.29
C ILE C 349 18.29 16.56 18.58
N LEU C 350 17.92 15.86 17.52
CA LEU C 350 17.22 14.59 17.68
C LEU C 350 18.15 13.48 18.14
N ARG C 351 19.40 13.49 17.65
CA ARG C 351 20.41 12.53 18.12
C ARG C 351 20.60 12.64 19.63
N ALA C 352 20.69 13.87 20.12
CA ALA C 352 20.86 14.13 21.55
C ALA C 352 19.67 13.60 22.36
N CYS C 353 18.47 13.72 21.80
CA CYS C 353 17.26 13.22 22.47
C CYS C 353 17.31 11.72 22.67
N LEU C 354 17.85 11.00 21.68
CA LEU C 354 17.90 9.54 21.75
C LEU C 354 19.06 9.05 22.61
N GLY C 355 19.92 9.97 23.05
CA GLY C 355 20.95 9.61 24.01
C GLY C 355 22.38 9.83 23.56
N HIS C 356 22.56 10.39 22.36
CA HIS C 356 23.91 10.67 21.87
C HIS C 356 24.60 11.73 22.72
N CYS C 357 25.81 11.42 23.16
CA CYS C 357 26.56 12.29 24.05
CA CYS C 357 26.55 12.32 24.03
C CYS C 357 27.78 12.90 23.34
N ARG C 358 27.99 14.20 23.54
CA ARG C 358 29.11 14.90 22.92
C ARG C 358 30.44 14.59 23.63
N SER C 359 30.35 14.03 24.83
CA SER C 359 31.55 13.67 25.57
C SER C 359 32.09 12.29 25.18
N GLY C 360 31.47 11.69 24.16
CA GLY C 360 31.94 10.42 23.63
C GLY C 360 31.24 9.18 24.17
N HIS C 361 31.20 8.14 23.35
CA HIS C 361 30.65 6.85 23.76
C HIS C 361 31.74 5.78 23.73
N LEU C 362 31.63 4.81 24.61
CA LEU C 362 32.53 3.66 24.57
C LEU C 362 32.01 2.67 23.53
N PRO C 363 32.91 1.91 22.89
CA PRO C 363 32.48 0.96 21.87
C PRO C 363 31.80 -0.25 22.49
N PHE C 364 30.90 -0.88 21.74
CA PHE C 364 30.22 -2.07 22.22
C PHE C 364 31.19 -3.25 22.32
N LYS C 365 32.17 -3.26 21.42
CA LYS C 365 33.23 -4.26 21.46
C LYS C 365 34.58 -3.56 21.31
N VAL C 366 35.44 -3.71 22.30
CA VAL C 366 36.76 -3.09 22.27
C VAL C 366 37.67 -3.78 21.27
N ARG C 367 38.21 -3.00 20.34
CA ARG C 367 39.14 -3.55 19.35
C ARG C 367 40.57 -3.51 19.86
N ASN C 368 41.36 -4.48 19.45
CA ASN C 368 42.76 -4.52 19.82
C ASN C 368 43.60 -5.02 18.64
N LEU C 369 44.76 -4.42 18.45
CA LEU C 369 45.67 -4.83 17.38
C LEU C 369 46.03 -6.31 17.53
N THR C 370 46.07 -6.79 18.76
CA THR C 370 46.41 -8.17 19.05
C THR C 370 45.37 -9.16 18.49
N ASP C 371 44.16 -8.66 18.23
CA ASP C 371 43.09 -9.50 17.70
C ASP C 371 43.39 -9.97 16.27
N GLN C 372 44.20 -9.20 15.56
CA GLN C 372 44.52 -9.52 14.17
C GLN C 372 45.89 -10.17 14.02
N GLY C 373 46.57 -10.39 15.14
CA GLY C 373 47.88 -11.04 15.14
C GLY C 373 48.98 -10.22 14.50
N ILE C 374 48.75 -8.91 14.40
CA ILE C 374 49.67 -8.00 13.73
C ILE C 374 50.82 -7.57 14.66
N MET C 375 52.01 -7.38 14.09
CA MET C 375 53.15 -6.85 14.83
C MET C 375 52.95 -5.39 15.21
N SER C 376 52.88 -5.11 16.51
CA SER C 376 52.83 -3.73 16.97
C SER C 376 54.23 -3.14 17.01
N ARG C 377 54.32 -1.82 17.02
CA ARG C 377 55.61 -1.15 17.13
C ARG C 377 56.29 -1.52 18.44
N ALA C 378 55.49 -1.59 19.50
CA ALA C 378 55.99 -1.97 20.82
C ALA C 378 56.62 -3.36 20.80
N ALA C 379 55.87 -4.33 20.27
CA ALA C 379 56.33 -5.71 20.24
C ALA C 379 57.57 -5.90 19.36
N HIS C 380 57.64 -5.14 18.28
CA HIS C 380 58.80 -5.21 17.39
C HIS C 380 60.04 -4.65 18.06
N MET C 381 59.87 -3.56 18.79
CA MET C 381 60.98 -2.91 19.47
C MET C 381 61.50 -3.74 20.63
N GLN C 382 60.62 -4.54 21.23
CA GLN C 382 60.98 -5.35 22.38
C GLN C 382 61.54 -6.71 21.97
N THR C 383 62.13 -6.77 20.77
CA THR C 383 62.84 -7.96 20.31
C THR C 383 64.22 -7.58 19.78
N LYS D 39 -49.88 5.47 32.38
CA LYS D 39 -48.61 5.25 31.71
C LYS D 39 -48.72 5.51 30.22
N LEU D 40 -47.80 4.94 29.46
CA LEU D 40 -47.82 5.06 28.01
C LEU D 40 -47.09 3.88 27.36
N LEU D 41 -47.28 3.70 26.06
CA LEU D 41 -46.72 2.53 25.37
C LEU D 41 -45.28 2.71 24.91
N TYR D 42 -44.86 3.95 24.72
CA TYR D 42 -43.51 4.23 24.22
C TYR D 42 -42.83 5.34 25.01
N THR D 43 -41.99 4.97 25.98
CA THR D 43 -41.30 5.94 26.83
C THR D 43 -40.17 6.64 26.10
N SER D 44 -39.63 5.97 25.08
CA SER D 44 -38.51 6.52 24.33
C SER D 44 -38.69 6.30 22.83
N ALA D 45 -38.14 7.20 22.03
CA ALA D 45 -38.27 7.10 20.58
C ALA D 45 -37.01 7.60 19.86
N ASN D 46 -36.80 7.11 18.65
CA ASN D 46 -35.69 7.54 17.82
C ASN D 46 -36.15 8.33 16.59
N PHE D 47 -35.34 9.30 16.18
CA PHE D 47 -35.66 10.12 15.02
C PHE D 47 -34.54 10.05 13.99
N LEU D 48 -34.91 9.77 12.75
CA LEU D 48 -33.93 9.63 11.67
C LEU D 48 -34.43 10.27 10.39
N GLY D 49 -33.60 11.08 9.76
CA GLY D 49 -33.95 11.72 8.51
C GLY D 49 -33.24 11.08 7.33
N ILE D 50 -33.98 10.85 6.25
CA ILE D 50 -33.40 10.36 5.01
C ILE D 50 -33.86 11.24 3.86
N PRO D 51 -32.98 12.16 3.42
CA PRO D 51 -33.31 13.15 2.39
C PRO D 51 -33.18 12.61 0.97
N THR D 52 -33.82 11.47 0.70
CA THR D 52 -33.81 10.90 -0.64
C THR D 52 -34.51 11.81 -1.64
N ASN D 53 -33.88 12.04 -2.78
CA ASN D 53 -34.47 12.88 -3.83
C ASN D 53 -34.18 12.32 -5.22
N ARG D 54 -33.54 11.16 -5.28
CA ARG D 54 -33.18 10.55 -6.55
C ARG D 54 -34.16 9.46 -6.97
N GLY D 55 -35.33 9.43 -6.35
CA GLY D 55 -36.36 8.47 -6.69
C GLY D 55 -37.48 9.11 -7.48
N GLN D 56 -37.45 10.43 -7.57
CA GLN D 56 -38.46 11.19 -8.30
C GLN D 56 -37.86 12.51 -8.78
N PRO D 57 -38.31 13.00 -9.95
CA PRO D 57 -37.67 14.15 -10.60
C PRO D 57 -37.89 15.50 -9.92
N LYS D 58 -38.82 15.60 -8.98
CA LYS D 58 -39.11 16.87 -8.34
C LYS D 58 -38.21 17.18 -7.14
N ILE D 59 -37.57 18.34 -7.17
CA ILE D 59 -36.62 18.75 -6.15
C ILE D 59 -37.31 19.30 -4.91
N GLY D 60 -36.86 18.84 -3.73
CA GLY D 60 -37.37 19.38 -2.48
C GLY D 60 -37.65 18.36 -1.40
N THR D 61 -37.71 17.09 -1.79
CA THR D 61 -37.97 16.02 -0.82
C THR D 61 -36.81 15.82 0.13
N TYR D 62 -35.63 16.30 -0.26
CA TYR D 62 -34.45 16.23 0.60
C TYR D 62 -34.59 17.20 1.78
N GLN D 63 -35.47 18.18 1.62
CA GLN D 63 -35.75 19.14 2.69
C GLN D 63 -36.86 18.64 3.60
N GLY D 64 -37.30 17.42 3.36
CA GLY D 64 -38.32 16.77 4.18
C GLY D 64 -38.00 16.68 5.65
N PRO D 65 -36.87 16.01 6.01
CA PRO D 65 -36.47 15.87 7.41
C PRO D 65 -36.35 17.20 8.15
N GLU D 66 -35.98 18.25 7.44
CA GLU D 66 -35.77 19.56 8.05
C GLU D 66 -37.09 20.29 8.32
N LEU D 67 -38.09 19.99 7.49
CA LEU D 67 -39.42 20.57 7.65
C LEU D 67 -40.02 20.15 9.00
N ILE D 68 -39.66 18.96 9.45
CA ILE D 68 -40.16 18.42 10.70
C ILE D 68 -39.32 18.88 11.89
N ARG D 69 -38.02 19.04 11.66
CA ARG D 69 -37.13 19.54 12.70
C ARG D 69 -37.37 21.01 12.99
N LYS D 70 -37.76 21.75 11.96
CA LYS D 70 -38.01 23.19 12.10
C LYS D 70 -39.40 23.46 12.69
N SER D 71 -40.23 22.42 12.75
CA SER D 71 -41.53 22.51 13.40
C SER D 71 -41.38 22.28 14.90
N ASN D 72 -42.48 22.36 15.62
CA ASN D 72 -42.46 22.14 17.07
C ASN D 72 -42.76 20.69 17.42
N PHE D 73 -42.40 19.78 16.52
CA PHE D 73 -42.63 18.35 16.72
C PHE D 73 -41.90 17.80 17.94
N PHE D 74 -40.61 18.13 18.06
CA PHE D 74 -39.80 17.66 19.18
C PHE D 74 -40.30 18.19 20.51
N GLN D 75 -40.83 19.41 20.50
CA GLN D 75 -41.35 20.03 21.71
C GLN D 75 -42.64 19.34 22.18
N LEU D 76 -43.51 19.02 21.23
CA LEU D 76 -44.78 18.37 21.54
C LEU D 76 -44.59 16.93 22.01
N VAL D 77 -43.61 16.25 21.44
CA VAL D 77 -43.31 14.87 21.80
C VAL D 77 -42.74 14.78 23.22
N ALA D 78 -41.86 15.73 23.56
CA ALA D 78 -41.27 15.79 24.89
C ALA D 78 -42.34 16.09 25.94
N GLU D 79 -43.38 16.82 25.53
CA GLU D 79 -44.46 17.19 26.44
C GLU D 79 -45.51 16.11 26.53
N ASP D 80 -45.32 15.02 25.79
CA ASP D 80 -46.14 13.83 25.94
C ASP D 80 -45.45 12.86 26.88
N GLY D 81 -44.19 13.17 27.19
CA GLY D 81 -43.41 12.36 28.12
C GLY D 81 -42.44 11.42 27.45
N ILE D 82 -42.25 11.59 26.14
CA ILE D 82 -41.41 10.69 25.37
C ILE D 82 -39.97 11.20 25.20
N GLN D 83 -39.02 10.31 25.44
CA GLN D 83 -37.62 10.59 25.14
C GLN D 83 -37.38 10.47 23.64
N LEU D 84 -37.20 11.61 22.97
CA LEU D 84 -36.95 11.60 21.53
C LEU D 84 -35.48 11.85 21.23
N THR D 85 -34.82 10.82 20.68
CA THR D 85 -33.39 10.90 20.39
C THR D 85 -33.14 11.07 18.88
N ASP D 86 -32.56 12.21 18.51
CA ASP D 86 -32.24 12.50 17.12
C ASP D 86 -30.99 11.73 16.70
N CYS D 87 -31.15 10.83 15.74
CA CYS D 87 -30.04 10.00 15.27
C CYS D 87 -29.43 10.56 13.99
N GLY D 88 -29.59 11.85 13.77
CA GLY D 88 -29.02 12.51 12.61
C GLY D 88 -29.69 12.14 11.30
N ASP D 89 -28.94 12.24 10.20
CA ASP D 89 -29.46 11.96 8.87
C ASP D 89 -28.61 10.94 8.11
N ILE D 90 -29.27 10.13 7.28
CA ILE D 90 -28.57 9.22 6.39
C ILE D 90 -28.23 9.97 5.10
N ILE D 91 -26.96 9.94 4.71
CA ILE D 91 -26.53 10.62 3.49
C ILE D 91 -26.79 9.75 2.26
N PRO D 92 -27.70 10.21 1.39
CA PRO D 92 -28.05 9.45 0.17
C PRO D 92 -26.92 9.47 -0.85
N VAL D 93 -26.71 8.35 -1.53
CA VAL D 93 -25.74 8.30 -2.61
C VAL D 93 -26.35 8.92 -3.85
N GLU D 94 -25.76 10.02 -4.31
CA GLU D 94 -26.26 10.71 -5.49
C GLU D 94 -25.19 10.81 -6.57
N LEU D 95 -25.04 9.73 -7.33
CA LEU D 95 -24.05 9.67 -8.40
C LEU D 95 -24.45 10.56 -9.57
N ASN D 96 -23.47 10.97 -10.37
CA ASN D 96 -23.76 11.75 -11.57
C ASN D 96 -24.27 10.85 -12.70
N GLU D 97 -24.75 11.47 -13.78
CA GLU D 97 -25.37 10.74 -14.87
C GLU D 97 -24.43 9.75 -15.55
N ALA D 98 -23.16 10.11 -15.63
CA ALA D 98 -22.15 9.24 -16.23
C ALA D 98 -21.97 7.98 -15.39
N GLU D 99 -21.98 8.15 -14.08
CA GLU D 99 -21.85 7.03 -13.15
C GLU D 99 -23.11 6.17 -13.14
N ASP D 100 -24.27 6.82 -13.19
CA ASP D 100 -25.54 6.14 -13.04
C ASP D 100 -26.50 6.41 -14.19
N PRO D 101 -26.28 5.77 -15.35
CA PRO D 101 -27.18 5.94 -16.49
C PRO D 101 -28.40 5.04 -16.37
N GLN D 102 -29.35 5.17 -17.29
CA GLN D 102 -30.57 4.37 -17.28
C GLN D 102 -30.30 2.89 -17.50
N ARG D 103 -31.04 2.05 -16.80
CA ARG D 103 -31.00 0.61 -16.99
C ARG D 103 -32.39 0.04 -16.85
N PHE D 104 -32.85 -0.64 -17.91
CA PHE D 104 -34.19 -1.22 -17.94
C PHE D 104 -35.27 -0.17 -17.70
N GLY D 105 -34.99 1.07 -18.10
CA GLY D 105 -35.92 2.17 -17.93
C GLY D 105 -35.75 2.90 -16.61
N MET D 106 -35.06 2.27 -15.66
CA MET D 106 -34.91 2.83 -14.32
C MET D 106 -33.96 4.03 -14.27
N LYS D 107 -34.40 5.08 -13.60
CA LYS D 107 -33.59 6.29 -13.43
C LYS D 107 -32.92 6.28 -12.06
N TRP D 108 -31.63 6.60 -12.04
CA TRP D 108 -30.82 6.59 -10.82
C TRP D 108 -30.86 5.24 -10.12
N SER D 109 -30.72 4.18 -10.91
CA SER D 109 -30.82 2.81 -10.41
C SER D 109 -29.63 2.39 -9.55
N ARG D 110 -28.43 2.80 -9.95
CA ARG D 110 -27.23 2.44 -9.19
C ARG D 110 -27.13 3.25 -7.90
N SER D 111 -27.49 4.53 -7.98
CA SER D 111 -27.52 5.38 -6.80
C SER D 111 -28.55 4.83 -5.81
N PHE D 112 -29.62 4.27 -6.36
CA PHE D 112 -30.67 3.66 -5.55
C PHE D 112 -30.15 2.45 -4.78
N SER D 113 -29.48 1.55 -5.48
CA SER D 113 -28.96 0.32 -4.87
C SER D 113 -27.92 0.63 -3.79
N LEU D 114 -27.06 1.61 -4.06
CA LEU D 114 -26.08 2.04 -3.07
C LEU D 114 -26.75 2.70 -1.87
N THR D 115 -27.75 3.52 -2.14
CA THR D 115 -28.47 4.22 -1.08
C THR D 115 -29.27 3.25 -0.21
N THR D 116 -29.93 2.30 -0.85
CA THR D 116 -30.71 1.27 -0.16
C THR D 116 -29.87 0.53 0.88
N LEU D 117 -28.71 0.04 0.45
CA LEU D 117 -27.80 -0.70 1.32
C LEU D 117 -27.32 0.16 2.49
N ARG D 118 -26.98 1.40 2.20
CA ARG D 118 -26.52 2.33 3.22
C ARG D 118 -27.61 2.64 4.23
N ILE D 119 -28.85 2.69 3.75
CA ILE D 119 -30.01 2.91 4.60
C ILE D 119 -30.28 1.67 5.48
N ALA D 120 -30.19 0.50 4.86
CA ALA D 120 -30.52 -0.75 5.53
C ALA D 120 -29.70 -1.02 6.79
N GLU D 121 -28.39 -0.87 6.71
CA GLU D 121 -27.54 -1.20 7.84
C GLU D 121 -27.54 -0.12 8.92
N ARG D 122 -28.00 1.08 8.56
CA ARG D 122 -28.19 2.13 9.55
C ARG D 122 -29.45 1.86 10.36
N VAL D 123 -30.53 1.52 9.66
CA VAL D 123 -31.78 1.17 10.31
C VAL D 123 -31.62 -0.10 11.14
N GLU D 124 -30.96 -1.10 10.57
CA GLU D 124 -30.69 -2.36 11.27
C GLU D 124 -29.94 -2.12 12.57
N GLU D 125 -28.99 -1.20 12.54
CA GLU D 125 -28.20 -0.87 13.71
C GLU D 125 -29.06 -0.24 14.80
N LEU D 126 -29.89 0.73 14.41
CA LEU D 126 -30.72 1.47 15.34
C LEU D 126 -31.80 0.61 15.99
N MET D 127 -32.15 -0.50 15.35
CA MET D 127 -33.14 -1.42 15.90
C MET D 127 -32.48 -2.42 16.86
N LYS D 128 -31.32 -2.04 17.37
CA LYS D 128 -30.59 -2.88 18.34
C LYS D 128 -30.00 -1.99 19.43
N SER D 142 -40.32 -0.95 24.38
CA SER D 142 -39.87 -0.92 23.00
C SER D 142 -39.71 0.51 22.50
N THR D 143 -38.66 0.73 21.70
CA THR D 143 -38.35 2.06 21.19
C THR D 143 -38.60 2.15 19.69
N PRO D 144 -39.72 2.78 19.30
CA PRO D 144 -40.08 2.91 17.89
C PRO D 144 -39.16 3.88 17.14
N LEU D 145 -38.84 3.53 15.90
CA LEU D 145 -37.97 4.36 15.06
C LEU D 145 -38.80 5.24 14.13
N VAL D 146 -38.67 6.55 14.29
CA VAL D 146 -39.41 7.49 13.45
C VAL D 146 -38.52 8.03 12.32
N ILE D 147 -38.91 7.73 11.09
CA ILE D 147 -38.12 8.13 9.93
C ILE D 147 -38.87 9.11 9.04
N VAL D 148 -38.22 10.20 8.69
CA VAL D 148 -38.83 11.20 7.81
C VAL D 148 -38.07 11.31 6.49
N GLY D 149 -38.79 11.19 5.39
CA GLY D 149 -38.19 11.35 4.07
C GLY D 149 -38.27 12.80 3.62
N GLY D 150 -37.81 13.09 2.40
CA GLY D 150 -37.30 12.09 1.50
C GLY D 150 -38.42 11.47 0.69
N ASP D 151 -38.08 10.96 -0.50
CA ASP D 151 -39.08 10.26 -1.30
C ASP D 151 -39.15 8.79 -0.91
N HIS D 152 -40.14 8.09 -1.46
CA HIS D 152 -40.47 6.74 -0.99
C HIS D 152 -39.45 5.65 -1.32
N SER D 153 -38.41 6.00 -2.09
CA SER D 153 -37.38 5.02 -2.47
C SER D 153 -36.62 4.48 -1.27
N MET D 154 -36.60 5.26 -0.19
CA MET D 154 -35.90 4.87 1.04
C MET D 154 -36.54 3.63 1.67
N ALA D 155 -37.80 3.37 1.33
CA ALA D 155 -38.54 2.27 1.92
C ALA D 155 -37.92 0.90 1.64
N THR D 156 -37.30 0.76 0.47
CA THR D 156 -36.65 -0.50 0.11
C THR D 156 -35.56 -0.85 1.10
N GLY D 157 -34.78 0.15 1.50
CA GLY D 157 -33.70 -0.06 2.45
C GLY D 157 -34.18 0.00 3.89
N THR D 158 -35.20 0.82 4.14
CA THR D 158 -35.75 0.97 5.47
C THR D 158 -36.38 -0.34 5.95
N ILE D 159 -37.25 -0.92 5.13
CA ILE D 159 -37.87 -2.20 5.44
C ILE D 159 -36.82 -3.31 5.51
N LEU D 160 -35.87 -3.26 4.57
CA LEU D 160 -34.81 -4.26 4.49
C LEU D 160 -34.01 -4.36 5.78
N GLY D 161 -33.60 -3.21 6.30
CA GLY D 161 -32.83 -3.16 7.53
C GLY D 161 -33.69 -3.43 8.76
N HIS D 162 -34.95 -3.01 8.69
CA HIS D 162 -35.90 -3.26 9.78
C HIS D 162 -36.18 -4.76 9.88
N ALA D 163 -36.28 -5.42 8.73
CA ALA D 163 -36.53 -6.85 8.68
C ALA D 163 -35.29 -7.65 9.09
N GLU D 164 -34.15 -6.99 9.16
CA GLU D 164 -32.92 -7.67 9.56
C GLU D 164 -32.90 -7.87 11.08
N ALA D 165 -33.46 -6.91 11.81
CA ALA D 165 -33.52 -6.99 13.26
C ALA D 165 -34.84 -7.58 13.75
N LYS D 166 -35.88 -7.42 12.93
CA LYS D 166 -37.21 -7.94 13.25
C LYS D 166 -37.83 -8.57 11.99
N PRO D 167 -37.43 -9.81 11.68
CA PRO D 167 -37.82 -10.46 10.42
C PRO D 167 -39.28 -10.93 10.35
N ASP D 168 -39.96 -10.96 11.50
CA ASP D 168 -41.33 -11.45 11.54
C ASP D 168 -42.32 -10.31 11.30
N LEU D 169 -41.81 -9.14 10.93
CA LEU D 169 -42.62 -7.93 10.85
C LEU D 169 -43.72 -7.97 9.79
N CYS D 170 -44.60 -6.98 9.85
CA CYS D 170 -45.61 -6.77 8.84
C CYS D 170 -45.59 -5.31 8.39
N VAL D 171 -46.07 -5.04 7.18
CA VAL D 171 -46.02 -3.70 6.62
C VAL D 171 -47.41 -3.12 6.37
N LEU D 172 -47.68 -1.97 6.96
CA LEU D 172 -48.89 -1.22 6.65
C LEU D 172 -48.56 -0.03 5.76
N TRP D 173 -48.91 -0.15 4.48
CA TRP D 173 -48.55 0.84 3.49
C TRP D 173 -49.69 1.83 3.26
N ILE D 174 -49.65 2.96 3.95
CA ILE D 174 -50.65 4.01 3.78
C ILE D 174 -50.24 4.91 2.62
N ASP D 175 -51.03 4.91 1.56
CA ASP D 175 -50.61 5.55 0.32
C ASP D 175 -51.74 5.68 -0.70
N ALA D 176 -51.65 6.70 -1.56
CA ALA D 176 -52.57 6.84 -2.67
C ALA D 176 -52.15 5.91 -3.80
N HIS D 177 -50.88 5.50 -3.77
CA HIS D 177 -50.33 4.65 -4.81
C HIS D 177 -49.86 3.32 -4.24
N GLY D 178 -49.75 2.32 -5.11
CA GLY D 178 -49.33 0.99 -4.71
C GLY D 178 -47.83 0.88 -4.49
N ASP D 179 -47.08 1.64 -5.28
CA ASP D 179 -45.61 1.65 -5.21
C ASP D 179 -45.03 0.25 -5.39
N ILE D 180 -45.71 -0.59 -6.16
CA ILE D 180 -45.30 -1.97 -6.34
C ILE D 180 -45.02 -2.26 -7.82
N ASN D 181 -44.80 -1.20 -8.59
CA ASN D 181 -44.45 -1.31 -10.00
C ASN D 181 -43.19 -2.14 -10.20
N THR D 182 -43.16 -2.91 -11.28
CA THR D 182 -41.96 -3.64 -11.64
C THR D 182 -41.14 -2.75 -12.58
N PRO D 183 -39.79 -2.90 -12.55
CA PRO D 183 -38.88 -2.09 -13.37
C PRO D 183 -39.29 -1.97 -14.84
N LEU D 184 -39.89 -3.01 -15.41
CA LEU D 184 -40.30 -2.98 -16.81
C LEU D 184 -41.76 -2.60 -17.02
N ASN D 185 -42.53 -2.53 -15.93
CA ASN D 185 -43.91 -2.07 -16.01
C ASN D 185 -44.02 -0.59 -15.65
N SER D 186 -42.89 0.01 -15.28
CA SER D 186 -42.86 1.42 -14.92
C SER D 186 -42.98 2.30 -16.15
N ALA D 187 -43.88 3.28 -16.07
CA ALA D 187 -44.10 4.21 -17.17
C ALA D 187 -43.23 5.46 -17.01
N SER D 188 -42.67 5.64 -15.82
CA SER D 188 -41.85 6.81 -15.53
C SER D 188 -40.40 6.45 -15.26
N GLY D 189 -40.18 5.28 -14.65
CA GLY D 189 -38.85 4.86 -14.28
C GLY D 189 -38.44 5.45 -12.94
N ASN D 190 -39.37 6.15 -12.30
CA ASN D 190 -39.12 6.72 -10.98
C ASN D 190 -39.06 5.64 -9.92
N MET D 191 -37.99 5.64 -9.15
CA MET D 191 -37.76 4.60 -8.15
C MET D 191 -38.70 4.69 -6.96
N HIS D 192 -39.29 5.87 -6.75
CA HIS D 192 -40.21 6.07 -5.62
C HIS D 192 -41.54 5.34 -5.87
N GLY D 193 -41.70 4.83 -7.09
CA GLY D 193 -42.90 4.11 -7.47
C GLY D 193 -42.71 2.62 -7.54
N MET D 194 -41.53 2.16 -7.13
CA MET D 194 -41.27 0.72 -7.06
C MET D 194 -40.45 0.23 -5.86
N PRO D 195 -40.69 0.77 -4.64
CA PRO D 195 -39.87 0.27 -3.55
C PRO D 195 -40.26 -1.14 -3.10
N LEU D 196 -41.56 -1.44 -3.17
CA LEU D 196 -42.07 -2.71 -2.66
C LEU D 196 -41.79 -3.90 -3.58
N SER D 197 -41.56 -3.63 -4.87
CA SER D 197 -41.31 -4.71 -5.83
C SER D 197 -40.01 -5.46 -5.53
N PHE D 198 -39.04 -4.76 -4.95
CA PHE D 198 -37.75 -5.35 -4.63
C PHE D 198 -37.75 -6.11 -3.32
N LEU D 199 -38.87 -6.08 -2.60
CA LEU D 199 -38.96 -6.72 -1.29
C LEU D 199 -39.92 -7.90 -1.28
N VAL D 200 -40.95 -7.85 -2.11
CA VAL D 200 -41.95 -8.90 -2.16
C VAL D 200 -41.41 -10.15 -2.86
N LYS D 201 -41.33 -11.24 -2.12
CA LYS D 201 -40.75 -12.50 -2.62
C LYS D 201 -41.45 -13.03 -3.87
N GLU D 202 -42.78 -12.89 -3.91
CA GLU D 202 -43.57 -13.45 -5.00
C GLU D 202 -43.46 -12.68 -6.31
N LEU D 203 -42.62 -11.64 -6.32
CA LEU D 203 -42.47 -10.80 -7.50
C LEU D 203 -41.12 -10.96 -8.18
N GLN D 204 -40.23 -11.73 -7.57
CA GLN D 204 -38.84 -11.79 -8.01
C GLN D 204 -38.58 -12.44 -9.37
N ASP D 205 -39.62 -12.99 -9.98
CA ASP D 205 -39.51 -13.49 -11.34
C ASP D 205 -39.87 -12.37 -12.31
N GLN D 206 -40.03 -11.16 -11.76
CA GLN D 206 -40.36 -9.99 -12.55
C GLN D 206 -39.36 -8.86 -12.36
N ILE D 207 -38.33 -9.11 -11.54
CA ILE D 207 -37.25 -8.14 -11.35
C ILE D 207 -36.01 -8.54 -12.14
N PRO D 208 -35.63 -7.73 -13.14
CA PRO D 208 -34.44 -7.97 -13.95
C PRO D 208 -33.17 -7.89 -13.11
N TRP D 209 -32.22 -8.77 -13.36
CA TRP D 209 -31.04 -8.89 -12.52
C TRP D 209 -29.94 -7.87 -12.79
N LEU D 210 -29.63 -7.07 -11.78
CA LEU D 210 -28.49 -6.17 -11.82
C LEU D 210 -27.58 -6.50 -10.64
N ASP D 211 -26.27 -6.46 -10.88
CA ASP D 211 -25.28 -6.88 -9.89
C ASP D 211 -25.35 -6.11 -8.58
N ASP D 212 -25.52 -4.79 -8.68
CA ASP D 212 -25.55 -3.94 -7.49
C ASP D 212 -26.84 -4.11 -6.69
N PHE D 213 -27.79 -4.83 -7.25
CA PHE D 213 -29.07 -5.11 -6.58
C PHE D 213 -29.03 -6.41 -5.79
N GLU D 214 -27.84 -7.01 -5.69
CA GLU D 214 -27.69 -8.29 -5.02
C GLU D 214 -27.85 -8.19 -3.50
N GLY D 215 -27.36 -7.09 -2.93
CA GLY D 215 -27.46 -6.88 -1.50
C GLY D 215 -28.89 -6.73 -1.04
N ILE D 216 -29.75 -6.26 -1.93
CA ILE D 216 -31.17 -6.08 -1.63
C ILE D 216 -31.90 -7.42 -1.70
N LYS D 217 -32.02 -8.09 -0.56
CA LYS D 217 -32.69 -9.37 -0.49
C LYS D 217 -34.17 -9.23 -0.13
N PRO D 218 -35.04 -9.85 -0.94
CA PRO D 218 -36.51 -9.82 -0.76
C PRO D 218 -36.91 -10.42 0.59
N CYS D 219 -37.18 -9.55 1.56
CA CYS D 219 -37.45 -9.99 2.92
C CYS D 219 -38.93 -9.89 3.29
N LEU D 220 -39.80 -9.85 2.27
CA LEU D 220 -41.23 -9.69 2.51
C LEU D 220 -42.06 -10.73 1.76
N ASN D 221 -43.00 -11.34 2.47
CA ASN D 221 -44.04 -12.13 1.83
C ASN D 221 -45.24 -11.22 1.58
N ALA D 222 -46.03 -11.55 0.57
CA ALA D 222 -47.19 -10.73 0.20
C ALA D 222 -48.22 -10.71 1.32
N SER D 223 -48.19 -11.72 2.17
CA SER D 223 -49.14 -11.85 3.28
C SER D 223 -48.76 -10.96 4.46
N ASN D 224 -47.63 -10.27 4.36
CA ASN D 224 -47.15 -9.43 5.45
C ASN D 224 -47.39 -7.95 5.21
N ILE D 225 -48.03 -7.61 4.09
CA ILE D 225 -48.27 -6.22 3.75
C ILE D 225 -49.76 -5.93 3.55
N ALA D 226 -50.19 -4.73 3.92
CA ALA D 226 -51.56 -4.29 3.68
C ALA D 226 -51.60 -2.83 3.23
N TYR D 227 -52.45 -2.53 2.26
CA TYR D 227 -52.60 -1.18 1.74
C TYR D 227 -53.80 -0.46 2.31
N ILE D 228 -53.66 0.84 2.55
CA ILE D 228 -54.79 1.69 2.94
C ILE D 228 -54.72 3.05 2.23
N GLY D 229 -55.75 3.36 1.45
CA GLY D 229 -55.88 4.67 0.84
C GLY D 229 -55.64 4.73 -0.67
N LEU D 230 -55.58 3.57 -1.31
CA LEU D 230 -55.28 3.49 -2.74
C LEU D 230 -56.35 4.17 -3.59
N ARG D 231 -55.93 4.86 -4.65
CA ARG D 231 -56.86 5.53 -5.56
C ARG D 231 -56.23 5.86 -6.90
N ASP D 232 -54.95 5.51 -7.07
CA ASP D 232 -54.26 5.77 -8.32
C ASP D 232 -53.35 4.59 -8.69
N LEU D 233 -53.91 3.39 -8.64
CA LEU D 233 -53.17 2.17 -8.98
C LEU D 233 -52.87 2.10 -10.47
N ASP D 234 -51.72 1.53 -10.81
CA ASP D 234 -51.42 1.18 -12.19
C ASP D 234 -52.08 -0.17 -12.46
N ALA D 235 -52.46 -0.41 -13.71
CA ALA D 235 -53.14 -1.64 -14.08
C ALA D 235 -52.30 -2.88 -13.78
N HIS D 236 -50.99 -2.76 -13.91
CA HIS D 236 -50.09 -3.87 -13.66
C HIS D 236 -49.85 -4.08 -12.17
N GLU D 237 -49.95 -3.00 -11.39
CA GLU D 237 -49.88 -3.10 -9.95
C GLU D 237 -51.11 -3.84 -9.45
N THR D 238 -52.26 -3.52 -10.04
CA THR D 238 -53.54 -4.15 -9.68
C THR D 238 -53.49 -5.65 -9.96
N HIS D 239 -52.83 -6.03 -11.05
CA HIS D 239 -52.69 -7.44 -11.41
C HIS D 239 -51.85 -8.20 -10.38
N ASP D 240 -50.64 -7.73 -10.16
CA ASP D 240 -49.73 -8.37 -9.21
C ASP D 240 -50.28 -8.36 -7.79
N ILE D 241 -50.95 -7.27 -7.43
CA ILE D 241 -51.56 -7.16 -6.11
C ILE D 241 -52.63 -8.22 -5.89
N ARG D 242 -53.51 -8.39 -6.87
CA ARG D 242 -54.58 -9.38 -6.77
C ARG D 242 -54.04 -10.80 -6.91
N LYS D 243 -53.07 -10.98 -7.80
CA LYS D 243 -52.52 -12.31 -8.10
C LYS D 243 -51.85 -12.95 -6.89
N HIS D 244 -51.13 -12.15 -6.11
CA HIS D 244 -50.39 -12.67 -4.97
C HIS D 244 -51.09 -12.41 -3.64
N GLY D 245 -52.39 -12.15 -3.72
CA GLY D 245 -53.25 -12.04 -2.55
C GLY D 245 -52.80 -11.12 -1.44
N ILE D 246 -52.44 -9.89 -1.78
CA ILE D 246 -52.11 -8.91 -0.75
C ILE D 246 -53.32 -8.08 -0.35
N ALA D 247 -53.55 -7.99 0.95
CA ALA D 247 -54.62 -7.18 1.50
C ALA D 247 -54.46 -5.73 1.07
N TYR D 248 -55.51 -5.15 0.47
CA TYR D 248 -55.49 -3.75 0.10
C TYR D 248 -56.85 -3.10 0.28
N PHE D 249 -56.83 -1.88 0.81
CA PHE D 249 -58.06 -1.16 1.10
C PHE D 249 -58.01 0.22 0.46
N THR D 250 -58.70 0.36 -0.67
CA THR D 250 -58.69 1.61 -1.42
C THR D 250 -59.62 2.64 -0.78
N MET D 251 -59.72 3.81 -1.40
CA MET D 251 -60.63 4.84 -0.91
C MET D 251 -62.08 4.42 -1.11
N LEU D 252 -62.31 3.57 -2.12
CA LEU D 252 -63.62 2.97 -2.33
C LEU D 252 -63.99 2.07 -1.16
N ASP D 253 -63.00 1.31 -0.68
CA ASP D 253 -63.19 0.46 0.48
C ASP D 253 -63.43 1.30 1.72
N VAL D 254 -62.69 2.40 1.83
CA VAL D 254 -62.84 3.31 2.98
C VAL D 254 -64.22 3.97 2.97
N ASP D 255 -64.72 4.31 1.78
CA ASP D 255 -66.02 4.95 1.64
C ASP D 255 -67.17 4.04 2.07
N ARG D 256 -67.08 2.76 1.69
CA ARG D 256 -68.15 1.81 1.97
C ARG D 256 -68.03 1.19 3.36
N MET D 257 -66.81 0.96 3.82
CA MET D 257 -66.59 0.27 5.08
C MET D 257 -66.39 1.21 6.27
N GLY D 258 -65.86 2.40 5.99
CA GLY D 258 -65.48 3.32 7.05
C GLY D 258 -64.07 3.02 7.53
N ILE D 259 -63.33 4.06 7.90
CA ILE D 259 -61.92 3.90 8.24
C ILE D 259 -61.71 3.00 9.46
N GLU D 260 -62.71 2.94 10.34
CA GLU D 260 -62.61 2.11 11.54
C GLU D 260 -62.54 0.63 11.19
N ALA D 261 -63.46 0.18 10.36
CA ALA D 261 -63.49 -1.20 9.91
C ALA D 261 -62.25 -1.54 9.07
N VAL D 262 -61.86 -0.59 8.22
CA VAL D 262 -60.70 -0.76 7.35
C VAL D 262 -59.42 -1.04 8.14
N ILE D 263 -59.20 -0.27 9.21
CA ILE D 263 -58.05 -0.48 10.07
C ILE D 263 -58.12 -1.85 10.74
N LYS D 264 -59.32 -2.23 11.18
CA LYS D 264 -59.52 -3.53 11.81
C LYS D 264 -59.21 -4.68 10.86
N GLU D 265 -59.76 -4.62 9.65
CA GLU D 265 -59.56 -5.69 8.67
C GLU D 265 -58.11 -5.76 8.20
N ALA D 266 -57.45 -4.61 8.12
CA ALA D 266 -56.05 -4.56 7.66
C ALA D 266 -55.09 -5.11 8.71
N LEU D 267 -55.31 -4.76 9.98
CA LEU D 267 -54.50 -5.28 11.06
C LEU D 267 -54.79 -6.76 11.27
N LEU D 268 -56.03 -7.15 11.07
CA LEU D 268 -56.42 -8.55 11.19
C LEU D 268 -55.72 -9.40 10.12
N ALA D 269 -55.55 -8.82 8.94
CA ALA D 269 -55.05 -9.54 7.78
C ALA D 269 -53.54 -9.83 7.80
N VAL D 270 -52.76 -8.97 8.44
CA VAL D 270 -51.31 -9.12 8.45
C VAL D 270 -50.71 -9.18 9.86
N ASN D 271 -51.52 -8.87 10.87
CA ASN D 271 -51.07 -8.95 12.25
C ASN D 271 -52.22 -9.43 13.15
N PRO D 272 -52.66 -10.68 12.96
CA PRO D 272 -53.91 -11.24 13.51
C PRO D 272 -54.03 -11.14 15.04
N ARG D 273 -52.95 -11.35 15.78
CA ARG D 273 -53.02 -11.35 17.23
C ARG D 273 -52.01 -10.40 17.86
N LEU D 274 -51.61 -9.39 17.09
CA LEU D 274 -50.62 -8.41 17.52
C LEU D 274 -49.30 -9.07 17.93
N GLU D 275 -48.89 -10.07 17.15
CA GLU D 275 -47.66 -10.80 17.43
C GLU D 275 -46.46 -10.18 16.71
N LYS D 276 -46.70 -9.59 15.55
CA LYS D 276 -45.63 -9.07 14.70
C LYS D 276 -45.33 -7.60 14.95
N ALA D 277 -44.06 -7.22 14.77
CA ALA D 277 -43.67 -5.83 14.83
C ALA D 277 -44.20 -5.09 13.59
N ILE D 278 -44.73 -3.89 13.80
CA ILE D 278 -45.38 -3.15 12.72
C ILE D 278 -44.46 -2.14 12.06
N HIS D 279 -44.40 -2.20 10.73
CA HIS D 279 -43.72 -1.19 9.93
C HIS D 279 -44.75 -0.32 9.23
N LEU D 280 -44.90 0.92 9.70
CA LEU D 280 -45.89 1.84 9.15
C LEU D 280 -45.27 2.77 8.12
N SER D 281 -45.45 2.45 6.85
CA SER D 281 -44.93 3.29 5.76
C SER D 281 -46.01 4.27 5.29
N PHE D 282 -45.92 5.51 5.77
CA PHE D 282 -46.94 6.51 5.51
C PHE D 282 -46.50 7.55 4.48
N ASP D 283 -47.06 7.47 3.29
CA ASP D 283 -46.85 8.50 2.28
C ASP D 283 -47.82 9.64 2.56
N ILE D 284 -47.31 10.87 2.53
CA ILE D 284 -48.13 12.03 2.86
C ILE D 284 -49.22 12.29 1.81
N ASP D 285 -49.06 11.74 0.62
CA ASP D 285 -50.06 11.92 -0.43
C ASP D 285 -51.25 10.96 -0.28
N ALA D 286 -51.24 10.17 0.80
CA ALA D 286 -52.40 9.37 1.16
C ALA D 286 -53.48 10.30 1.70
N LEU D 287 -53.03 11.35 2.39
CA LEU D 287 -53.92 12.41 2.84
C LEU D 287 -54.44 13.17 1.63
N ASP D 288 -55.62 13.77 1.78
CA ASP D 288 -56.19 14.59 0.71
C ASP D 288 -55.33 15.84 0.52
N PRO D 289 -55.15 16.26 -0.74
CA PRO D 289 -54.34 17.45 -1.07
C PRO D 289 -54.83 18.74 -0.43
N LEU D 290 -56.00 18.72 0.21
CA LEU D 290 -56.50 19.89 0.91
C LEU D 290 -55.84 20.05 2.27
N VAL D 291 -55.20 18.99 2.76
CA VAL D 291 -54.49 19.04 4.03
C VAL D 291 -53.01 18.68 3.89
N ALA D 292 -52.64 18.15 2.73
CA ALA D 292 -51.24 17.83 2.44
C ALA D 292 -50.87 18.16 0.98
N PRO D 293 -50.87 19.47 0.63
CA PRO D 293 -50.65 19.90 -0.75
C PRO D 293 -49.20 19.73 -1.23
N SER D 294 -48.24 19.97 -0.33
CA SER D 294 -46.83 19.97 -0.73
C SER D 294 -46.27 18.57 -0.94
N THR D 295 -46.63 17.95 -2.05
CA THR D 295 -46.13 16.62 -2.38
C THR D 295 -46.06 16.40 -3.89
N GLY D 296 -45.17 15.50 -4.31
CA GLY D 296 -44.90 15.28 -5.73
C GLY D 296 -46.08 14.81 -6.54
N THR D 297 -46.69 13.70 -6.12
CA THR D 297 -47.84 13.14 -6.82
C THR D 297 -49.11 13.25 -5.98
N ALA D 298 -49.79 14.39 -6.10
CA ALA D 298 -51.01 14.64 -5.35
C ALA D 298 -52.24 14.13 -6.10
N VAL D 299 -53.08 13.38 -5.39
CA VAL D 299 -54.30 12.83 -5.97
C VAL D 299 -55.52 13.22 -5.15
N PRO D 300 -56.52 13.85 -5.79
CA PRO D 300 -57.75 14.30 -5.12
C PRO D 300 -58.56 13.13 -4.55
N GLY D 301 -59.36 13.41 -3.53
CA GLY D 301 -60.23 12.41 -2.94
C GLY D 301 -59.49 11.43 -2.05
N GLY D 302 -58.68 11.96 -1.13
CA GLY D 302 -57.88 11.14 -0.25
C GLY D 302 -58.38 11.10 1.19
N LEU D 303 -57.61 10.42 2.04
CA LEU D 303 -57.94 10.33 3.46
C LEU D 303 -57.99 11.72 4.08
N THR D 304 -58.99 11.94 4.94
CA THR D 304 -59.01 13.16 5.73
C THR D 304 -57.92 13.04 6.79
N LEU D 305 -57.56 14.17 7.40
CA LEU D 305 -56.54 14.16 8.44
C LEU D 305 -56.99 13.26 9.60
N ARG D 306 -58.26 13.38 9.96
CA ARG D 306 -58.84 12.59 11.03
C ARG D 306 -58.77 11.10 10.73
N GLU D 307 -59.00 10.72 9.47
CA GLU D 307 -58.85 9.33 9.05
C GLU D 307 -57.40 8.87 9.17
N GLY D 308 -56.47 9.74 8.79
CA GLY D 308 -55.06 9.45 8.91
C GLY D 308 -54.63 9.30 10.35
N LEU D 309 -55.24 10.09 11.23
CA LEU D 309 -54.97 10.03 12.65
C LEU D 309 -55.42 8.70 13.26
N ARG D 310 -56.65 8.29 12.91
CA ARG D 310 -57.22 7.05 13.40
C ARG D 310 -56.34 5.85 13.04
N ILE D 311 -55.73 5.90 11.87
CA ILE D 311 -54.80 4.87 11.44
C ILE D 311 -53.61 4.83 12.38
N CYS D 312 -53.01 6.00 12.61
CA CYS D 312 -51.82 6.09 13.46
C CYS D 312 -52.12 5.83 14.92
N GLU D 313 -53.34 6.12 15.35
CA GLU D 313 -53.75 5.91 16.73
C GLU D 313 -53.97 4.44 17.06
N GLU D 314 -54.53 3.70 16.10
CA GLU D 314 -54.75 2.27 16.28
C GLU D 314 -53.44 1.50 16.21
N VAL D 315 -52.63 1.79 15.21
CA VAL D 315 -51.33 1.15 15.03
C VAL D 315 -50.45 1.37 16.27
N SER D 316 -50.54 2.57 16.84
CA SER D 316 -49.80 2.89 18.06
C SER D 316 -50.32 2.13 19.26
N ALA D 317 -51.65 2.09 19.40
CA ALA D 317 -52.28 1.46 20.56
C ALA D 317 -52.03 -0.04 20.67
N THR D 318 -51.60 -0.65 19.56
CA THR D 318 -51.27 -2.07 19.55
C THR D 318 -50.00 -2.35 20.34
N GLY D 319 -49.13 -1.35 20.40
CA GLY D 319 -47.86 -1.49 21.11
C GLY D 319 -46.78 -2.13 20.26
N LYS D 320 -47.11 -2.47 19.02
CA LYS D 320 -46.17 -3.17 18.15
C LYS D 320 -45.58 -2.28 17.05
N LEU D 321 -45.70 -0.97 17.22
CA LEU D 321 -45.09 -0.04 16.27
C LEU D 321 -43.60 0.09 16.55
N SER D 322 -42.78 -0.50 15.68
CA SER D 322 -41.33 -0.42 15.85
C SER D 322 -40.69 0.56 14.87
N VAL D 323 -41.31 0.72 13.70
CA VAL D 323 -40.85 1.70 12.71
C VAL D 323 -42.03 2.38 12.01
N VAL D 324 -42.01 3.71 11.98
CA VAL D 324 -42.97 4.48 11.19
C VAL D 324 -42.24 5.50 10.32
N GLU D 325 -42.39 5.38 9.01
CA GLU D 325 -41.75 6.32 8.09
C GLU D 325 -42.73 7.22 7.33
N LEU D 326 -42.41 8.50 7.28
CA LEU D 326 -43.24 9.49 6.60
C LEU D 326 -42.54 10.02 5.36
N ALA D 327 -42.98 9.58 4.19
CA ALA D 327 -42.29 9.89 2.94
C ALA D 327 -42.99 10.96 2.10
N GLU D 328 -42.21 11.54 1.18
CA GLU D 328 -42.70 12.44 0.14
C GLU D 328 -43.14 13.83 0.58
N LEU D 329 -42.57 14.33 1.67
CA LEU D 329 -42.72 15.74 2.03
C LEU D 329 -41.91 16.55 1.04
N ASN D 330 -42.50 17.62 0.51
CA ASN D 330 -41.80 18.47 -0.45
C ASN D 330 -42.12 19.94 -0.26
N PRO D 331 -41.41 20.60 0.66
CA PRO D 331 -41.63 22.01 1.02
C PRO D 331 -41.29 23.00 -0.09
N LEU D 332 -40.72 22.53 -1.19
CA LEU D 332 -40.47 23.39 -2.34
C LEU D 332 -41.61 23.31 -3.35
N LEU D 333 -42.75 22.79 -2.90
CA LEU D 333 -43.95 22.74 -3.72
C LEU D 333 -45.10 23.49 -3.05
N GLY D 334 -45.95 24.11 -3.85
CA GLY D 334 -47.09 24.86 -3.34
C GLY D 334 -46.68 26.16 -2.67
N SER D 335 -47.67 26.90 -2.19
CA SER D 335 -47.43 28.17 -1.52
C SER D 335 -46.84 27.95 -0.14
N GLN D 336 -46.52 29.04 0.54
CA GLN D 336 -45.97 28.98 1.89
C GLN D 336 -46.98 28.37 2.86
N GLU D 337 -48.25 28.70 2.66
CA GLU D 337 -49.31 28.19 3.51
C GLU D 337 -49.53 26.70 3.23
N ASP D 338 -49.41 26.31 1.96
CA ASP D 338 -49.51 24.91 1.59
C ASP D 338 -48.47 24.09 2.34
N VAL D 339 -47.28 24.65 2.49
CA VAL D 339 -46.20 24.00 3.21
C VAL D 339 -46.50 23.94 4.70
N LEU D 340 -47.08 25.01 5.23
CA LEU D 340 -47.49 25.05 6.63
C LEU D 340 -48.51 23.95 6.92
N LYS D 341 -49.50 23.82 6.04
CA LYS D 341 -50.52 22.79 6.16
C LYS D 341 -49.90 21.39 6.13
N THR D 342 -49.05 21.15 5.14
CA THR D 342 -48.37 19.87 4.99
C THR D 342 -47.47 19.59 6.19
N GLN D 343 -46.86 20.66 6.72
CA GLN D 343 -46.03 20.53 7.92
C GLN D 343 -46.92 20.25 9.13
N SER D 344 -48.08 20.91 9.18
CA SER D 344 -49.02 20.73 10.28
C SER D 344 -49.62 19.33 10.27
N SER D 345 -50.02 18.87 9.10
CA SER D 345 -50.61 17.55 8.95
C SER D 345 -49.59 16.45 9.28
N ALA D 346 -48.35 16.68 8.88
CA ALA D 346 -47.27 15.72 9.11
C ALA D 346 -46.96 15.57 10.60
N VAL D 347 -47.02 16.69 11.32
CA VAL D 347 -46.70 16.68 12.75
C VAL D 347 -47.82 16.04 13.57
N HIS D 348 -49.07 16.33 13.20
CA HIS D 348 -50.21 15.71 13.88
C HIS D 348 -50.23 14.20 13.65
N ILE D 349 -49.82 13.78 12.44
CA ILE D 349 -49.75 12.37 12.10
C ILE D 349 -48.70 11.63 12.92
N LEU D 350 -47.53 12.24 13.07
CA LEU D 350 -46.41 11.61 13.77
C LEU D 350 -46.59 11.58 15.29
N ARG D 351 -47.27 12.57 15.83
CA ARG D 351 -47.58 12.59 17.26
C ARG D 351 -48.48 11.42 17.62
N ALA D 352 -49.47 11.16 16.79
CA ALA D 352 -50.40 10.06 17.00
C ALA D 352 -49.69 8.71 16.98
N CYS D 353 -48.63 8.61 16.18
CA CYS D 353 -47.84 7.38 16.10
C CYS D 353 -47.11 7.09 17.40
N LEU D 354 -46.62 8.16 18.05
CA LEU D 354 -45.87 8.00 19.28
C LEU D 354 -46.77 7.85 20.50
N GLY D 355 -48.08 8.00 20.28
CA GLY D 355 -49.05 7.74 21.32
C GLY D 355 -49.82 8.95 21.83
N HIS D 356 -49.81 10.04 21.05
CA HIS D 356 -50.59 11.21 21.43
C HIS D 356 -52.08 10.97 21.21
N CYS D 357 -52.88 11.37 22.19
CA CYS D 357 -54.30 11.12 22.18
C CYS D 357 -55.09 12.43 22.09
N ARG D 358 -56.06 12.47 21.18
CA ARG D 358 -56.91 13.64 21.02
C ARG D 358 -57.93 13.73 22.16
N SER D 359 -58.05 12.66 22.93
CA SER D 359 -58.97 12.61 24.06
C SER D 359 -58.31 13.02 25.38
N GLY D 360 -57.13 13.60 25.28
CA GLY D 360 -56.45 14.16 26.43
C GLY D 360 -55.54 13.21 27.17
N HIS D 361 -54.56 13.78 27.87
CA HIS D 361 -53.64 13.01 28.69
C HIS D 361 -53.71 13.47 30.15
N LEU D 362 -53.32 12.59 31.06
CA LEU D 362 -53.31 12.93 32.48
C LEU D 362 -51.95 13.51 32.88
N PRO D 363 -51.96 14.53 33.74
CA PRO D 363 -50.72 15.23 34.12
C PRO D 363 -49.80 14.34 34.96
N PHE D 364 -48.49 14.52 34.80
CA PHE D 364 -47.52 13.77 35.58
C PHE D 364 -47.57 14.22 37.03
N LYS D 365 -47.81 15.51 37.23
CA LYS D 365 -47.92 16.08 38.57
C LYS D 365 -49.20 16.92 38.66
N VAL D 366 -50.07 16.57 39.61
CA VAL D 366 -51.32 17.30 39.79
C VAL D 366 -51.11 18.48 40.72
N ARG D 367 -51.45 19.67 40.22
CA ARG D 367 -51.22 20.91 40.96
C ARG D 367 -52.47 21.37 41.69
N ASN D 368 -52.39 21.44 43.01
CA ASN D 368 -53.51 21.89 43.83
C ASN D 368 -53.20 23.13 44.65
N LEU D 369 -54.20 23.99 44.81
CA LEU D 369 -54.02 25.36 45.29
C LEU D 369 -53.55 25.50 46.74
N THR D 370 -53.92 24.54 47.59
CA THR D 370 -53.62 24.63 49.01
C THR D 370 -52.13 24.46 49.30
N ASP D 371 -51.53 23.44 48.69
CA ASP D 371 -50.13 23.11 48.96
C ASP D 371 -49.16 24.14 48.37
N GLN D 372 -49.67 24.99 47.49
CA GLN D 372 -48.86 26.10 46.98
C GLN D 372 -49.02 27.29 47.93
N GLY D 373 -49.92 27.15 48.90
CA GLY D 373 -50.11 28.15 49.93
C GLY D 373 -50.88 29.38 49.47
N ILE D 374 -51.96 29.15 48.74
CA ILE D 374 -52.75 30.26 48.19
C ILE D 374 -54.21 30.17 48.58
N MET D 375 -54.76 31.30 49.01
CA MET D 375 -56.15 31.39 49.45
C MET D 375 -57.12 31.22 48.27
N SER D 376 -57.80 30.08 48.23
CA SER D 376 -58.78 29.82 47.17
C SER D 376 -60.07 30.58 47.46
N ARG D 377 -61.03 30.49 46.54
CA ARG D 377 -62.33 31.11 46.73
C ARG D 377 -63.17 30.31 47.71
N ALA D 378 -63.15 28.99 47.57
CA ALA D 378 -63.93 28.11 48.43
C ALA D 378 -63.42 28.15 49.86
N ALA D 379 -62.13 28.41 50.03
CA ALA D 379 -61.54 28.54 51.35
C ALA D 379 -61.93 29.87 51.98
N HIS D 380 -62.43 30.79 51.14
CA HIS D 380 -62.78 32.13 51.58
C HIS D 380 -64.22 32.22 52.07
N MET D 381 -65.04 31.24 51.69
CA MET D 381 -66.47 31.27 52.03
C MET D 381 -66.77 30.83 53.45
N GLN D 382 -65.80 30.99 54.34
CA GLN D 382 -66.03 30.86 55.78
C GLN D 382 -65.26 31.93 56.54
N THR D 383 -63.92 31.88 56.44
CA THR D 383 -63.02 32.84 57.07
C THR D 383 -63.38 33.19 58.51
MN MN E . 36.97 -26.94 -1.58
MN MN F . 37.72 -29.15 -3.83
C1 GOL G . 45.95 -32.19 15.60
O1 GOL G . 45.07 -31.09 15.46
C2 GOL G . 47.24 -31.91 14.86
O2 GOL G . 48.28 -31.74 15.78
C3 GOL G . 47.56 -33.06 13.92
O3 GOL G . 47.46 -32.63 12.58
C1 GOL H . 54.32 -21.42 6.93
O1 GOL H . 53.91 -20.31 6.16
C2 GOL H . 53.10 -21.96 7.68
O2 GOL H . 52.66 -20.97 8.59
C3 GOL H . 51.98 -22.27 6.71
O3 GOL H . 50.92 -22.90 7.42
MN MN I . -1.91 -3.76 -30.76
MN MN J . -2.06 -6.07 -32.87
C1 GOL K . -18.50 2.41 -28.00
O1 GOL K . -17.53 3.13 -28.71
C2 GOL K . -19.77 3.24 -27.92
O2 GOL K . -19.99 3.66 -26.60
C3 GOL K . -20.97 2.42 -28.41
O3 GOL K . -21.07 1.24 -27.64
C1 GOL L . -12.56 11.76 -37.48
O1 GOL L . -11.76 11.76 -36.32
C2 GOL L . -13.90 11.09 -37.20
O2 GOL L . -14.96 11.92 -37.62
C3 GOL L . -13.95 9.76 -37.95
O3 GOL L . -13.56 9.97 -39.28
MN MN M . 5.60 26.43 17.79
MN MN N . 7.58 28.90 17.33
C1 GOL O . -10.60 29.08 5.86
O1 GOL O . -10.33 28.30 7.00
C2 GOL O . -9.35 29.16 4.99
O2 GOL O . -9.72 29.00 3.64
C3 GOL O . -8.70 30.53 5.18
O3 GOL O . -7.45 30.53 4.50
C1 GOL P . 1.08 19.10 -0.11
O1 GOL P . 1.41 19.78 -1.29
C2 GOL P . -0.02 19.86 0.63
O2 GOL P . -1.05 18.98 0.98
C3 GOL P . 0.55 20.50 1.89
O3 GOL P . -0.50 21.06 2.65
MN MN Q . -45.43 6.34 -2.22
MN MN R . -47.80 8.01 -3.18
#